data_7BPN
#
_entry.id   7BPN
#
_entity_poly.entity_id   1
_entity_poly.type   'polypeptide(L)'
_entity_poly.pdbx_seq_one_letter_code
;GQIQYFNVDENPEQVRKLIEQAGLDPDELREAEVIIIIISRTPEQLEKLSRQVKELGADRLLEFNVDENPEQASKLAKTA
GISEKQLREADYIILILVRDEKKAKKFADSLRKKGSLEHHHHHH
;
_entity_poly.pdbx_strand_id   A
#
# COMPACT_ATOMS: atom_id res chain seq x y z
N GLY A 1 3.00 5.96 -9.58
CA GLY A 1 3.00 5.41 -8.21
C GLY A 1 3.83 4.14 -8.10
N GLN A 2 4.04 3.67 -6.87
CA GLN A 2 4.73 2.40 -6.58
C GLN A 2 3.91 1.49 -5.65
N ILE A 3 4.18 0.18 -5.71
CA ILE A 3 3.61 -0.84 -4.84
C ILE A 3 4.74 -1.53 -4.07
N GLN A 4 4.54 -1.76 -2.77
CA GLN A 4 5.43 -2.51 -1.88
C GLN A 4 4.68 -3.66 -1.20
N TYR A 5 5.42 -4.68 -0.80
CA TYR A 5 4.88 -5.92 -0.22
C TYR A 5 5.70 -6.38 1.00
N PHE A 6 5.03 -6.73 2.09
CA PHE A 6 5.65 -7.25 3.31
C PHE A 6 4.89 -8.46 3.88
N ASN A 7 5.63 -9.48 4.33
CA ASN A 7 5.08 -10.73 4.86
C ASN A 7 5.07 -10.70 6.40
N VAL A 8 3.91 -10.87 7.03
CA VAL A 8 3.72 -10.66 8.49
C VAL A 8 4.54 -11.65 9.34
N ASP A 9 4.65 -12.91 8.92
CA ASP A 9 5.40 -13.95 9.65
C ASP A 9 6.93 -13.88 9.45
N GLU A 10 7.42 -13.16 8.42
CA GLU A 10 8.85 -13.10 8.06
C GLU A 10 9.49 -11.75 8.42
N ASN A 11 8.74 -10.65 8.37
CA ASN A 11 9.16 -9.34 8.88
C ASN A 11 8.14 -8.79 9.92
N PRO A 12 7.97 -9.44 11.09
CA PRO A 12 6.97 -9.05 12.08
C PRO A 12 7.13 -7.61 12.57
N GLU A 13 8.36 -7.16 12.81
CA GLU A 13 8.66 -5.82 13.31
C GLU A 13 8.38 -4.73 12.26
N GLN A 14 8.56 -5.03 10.97
CA GLN A 14 8.22 -4.12 9.86
C GLN A 14 6.70 -3.91 9.78
N VAL A 15 5.92 -4.99 9.81
CA VAL A 15 4.45 -4.91 9.77
C VAL A 15 3.91 -4.25 11.03
N ARG A 16 4.41 -4.65 12.22
CA ARG A 16 4.11 -3.97 13.48
C ARG A 16 4.30 -2.45 13.35
N LYS A 17 5.45 -2.01 12.85
CA LYS A 17 5.76 -0.59 12.73
C LYS A 17 4.85 0.11 11.71
N LEU A 18 4.54 -0.50 10.56
CA LEU A 18 3.61 0.07 9.58
C LEU A 18 2.20 0.30 10.15
N ILE A 19 1.66 -0.66 10.90
CA ILE A 19 0.33 -0.54 11.53
C ILE A 19 0.35 0.47 12.69
N GLU A 20 1.40 0.49 13.52
CA GLU A 20 1.60 1.49 14.58
C GLU A 20 1.76 2.92 14.03
N GLN A 21 2.51 3.09 12.93
CA GLN A 21 2.69 4.38 12.24
C GLN A 21 1.38 4.85 11.59
N ALA A 22 0.53 3.93 11.15
CA ALA A 22 -0.82 4.22 10.67
C ALA A 22 -1.81 4.62 11.80
N GLY A 23 -1.38 4.57 13.07
CA GLY A 23 -2.20 4.89 14.24
C GLY A 23 -3.12 3.76 14.70
N LEU A 24 -2.80 2.51 14.34
CA LEU A 24 -3.56 1.30 14.69
C LEU A 24 -2.73 0.35 15.59
N ASP A 25 -3.39 -0.55 16.30
CA ASP A 25 -2.75 -1.57 17.12
C ASP A 25 -2.64 -2.91 16.37
N PRO A 26 -1.45 -3.35 15.93
CA PRO A 26 -1.28 -4.66 15.26
C PRO A 26 -1.65 -5.83 16.18
N ASP A 27 -1.53 -5.63 17.50
CA ASP A 27 -2.00 -6.54 18.55
C ASP A 27 -3.53 -6.75 18.53
N GLU A 28 -4.30 -5.77 18.05
CA GLU A 28 -5.75 -5.87 17.86
C GLU A 28 -6.12 -6.28 16.42
N LEU A 29 -5.37 -5.82 15.42
CA LEU A 29 -5.52 -6.20 14.00
C LEU A 29 -4.96 -7.61 13.68
N ARG A 30 -4.60 -8.39 14.70
CA ARG A 30 -4.08 -9.77 14.61
C ARG A 30 -5.05 -10.74 13.90
N GLU A 31 -6.34 -10.44 13.90
CA GLU A 31 -7.39 -11.24 13.23
C GLU A 31 -7.52 -10.97 11.71
N ALA A 32 -6.88 -9.92 11.18
CA ALA A 32 -6.93 -9.59 9.76
C ALA A 32 -6.08 -10.53 8.89
N GLU A 33 -6.55 -10.83 7.67
CA GLU A 33 -5.86 -11.68 6.68
C GLU A 33 -4.94 -10.88 5.74
N VAL A 34 -5.37 -9.68 5.36
CA VAL A 34 -4.67 -8.74 4.47
C VAL A 34 -4.92 -7.30 4.95
N ILE A 35 -3.90 -6.46 4.95
CA ILE A 35 -4.03 -5.01 5.17
C ILE A 35 -3.42 -4.29 3.96
N ILE A 36 -4.16 -3.33 3.38
CA ILE A 36 -3.66 -2.48 2.30
C ILE A 36 -3.68 -1.01 2.72
N ILE A 37 -2.56 -0.33 2.45
CA ILE A 37 -2.28 1.05 2.79
C ILE A 37 -2.25 1.86 1.48
N ILE A 38 -3.10 2.87 1.36
CA ILE A 38 -3.13 3.80 0.22
C ILE A 38 -2.72 5.20 0.68
N ILE A 39 -1.70 5.77 0.04
CA ILE A 39 -1.22 7.14 0.28
C ILE A 39 -1.11 7.87 -1.05
N SER A 40 -1.86 8.95 -1.26
CA SER A 40 -1.71 9.80 -2.47
C SER A 40 -1.65 11.29 -2.13
N ARG A 41 -1.05 12.09 -3.02
CA ARG A 41 -0.77 13.51 -2.78
C ARG A 41 -1.98 14.45 -2.90
N THR A 42 -3.03 14.01 -3.58
CA THR A 42 -4.38 14.64 -3.57
C THR A 42 -5.41 13.63 -3.03
N PRO A 43 -6.45 14.06 -2.28
CA PRO A 43 -7.49 13.14 -1.85
C PRO A 43 -8.29 12.53 -3.02
N GLU A 44 -8.42 13.26 -4.13
CA GLU A 44 -9.06 12.79 -5.36
C GLU A 44 -8.32 11.59 -5.97
N GLN A 45 -6.99 11.66 -6.09
CA GLN A 45 -6.17 10.54 -6.57
C GLN A 45 -6.17 9.36 -5.58
N LEU A 46 -6.25 9.61 -4.27
CA LEU A 46 -6.36 8.58 -3.24
C LEU A 46 -7.72 7.86 -3.35
N GLU A 47 -8.82 8.59 -3.57
CA GLU A 47 -10.18 8.04 -3.70
C GLU A 47 -10.35 7.10 -4.91
N LYS A 48 -9.61 7.32 -6.01
CA LYS A 48 -9.54 6.35 -7.12
C LYS A 48 -8.85 5.06 -6.65
N LEU A 49 -7.67 5.18 -6.05
CA LEU A 49 -6.82 4.05 -5.69
C LEU A 49 -7.42 3.15 -4.61
N SER A 50 -8.09 3.74 -3.60
CA SER A 50 -8.81 2.97 -2.57
C SER A 50 -9.96 2.17 -3.15
N ARG A 51 -10.72 2.75 -4.08
CA ARG A 51 -11.77 2.05 -4.85
C ARG A 51 -11.19 0.94 -5.74
N GLN A 52 -10.04 1.18 -6.37
CA GLN A 52 -9.34 0.19 -7.21
C GLN A 52 -8.91 -1.06 -6.41
N VAL A 53 -8.41 -0.91 -5.18
CA VAL A 53 -8.12 -2.05 -4.29
C VAL A 53 -9.37 -2.66 -3.64
N LYS A 54 -10.44 -1.89 -3.42
CA LYS A 54 -11.74 -2.38 -2.92
C LYS A 54 -12.40 -3.40 -3.87
N GLU A 55 -12.18 -3.30 -5.18
CA GLU A 55 -12.68 -4.26 -6.18
C GLU A 55 -12.20 -5.71 -5.94
N LEU A 56 -11.02 -5.89 -5.34
CA LEU A 56 -10.44 -7.20 -5.00
C LEU A 56 -11.00 -7.77 -3.68
N GLY A 57 -11.70 -6.95 -2.89
CA GLY A 57 -12.28 -7.36 -1.61
C GLY A 57 -11.26 -7.47 -0.48
N ALA A 58 -10.23 -6.61 -0.47
CA ALA A 58 -9.17 -6.57 0.54
C ALA A 58 -9.75 -6.53 1.98
N ASP A 59 -9.18 -7.34 2.88
CA ASP A 59 -9.75 -7.61 4.21
C ASP A 59 -9.70 -6.41 5.19
N ARG A 60 -8.68 -5.56 5.08
CA ARG A 60 -8.56 -4.27 5.80
C ARG A 60 -7.95 -3.18 4.90
N LEU A 61 -8.50 -1.98 4.97
CA LEU A 61 -8.05 -0.78 4.24
C LEU A 61 -7.73 0.37 5.20
N LEU A 62 -6.69 1.14 4.89
CA LEU A 62 -6.40 2.44 5.50
C LEU A 62 -5.89 3.44 4.46
N GLU A 63 -6.33 4.68 4.58
CA GLU A 63 -6.19 5.76 3.59
C GLU A 63 -5.58 7.02 4.21
N PHE A 64 -4.54 7.58 3.59
CA PHE A 64 -3.91 8.86 3.97
C PHE A 64 -3.64 9.76 2.75
N ASN A 65 -3.62 11.07 2.96
CA ASN A 65 -3.28 12.07 1.96
C ASN A 65 -2.09 12.94 2.40
N VAL A 66 -1.15 13.19 1.48
CA VAL A 66 0.08 13.97 1.75
C VAL A 66 -0.21 15.45 2.04
N ASP A 67 -1.24 16.04 1.45
CA ASP A 67 -1.58 17.46 1.68
C ASP A 67 -2.28 17.69 3.04
N GLU A 68 -3.14 16.77 3.48
CA GLU A 68 -3.83 16.81 4.77
C GLU A 68 -2.96 16.34 5.95
N ASN A 69 -2.22 15.24 5.79
CA ASN A 69 -1.31 14.68 6.81
C ASN A 69 0.09 14.38 6.22
N PRO A 70 0.91 15.40 5.93
CA PRO A 70 2.26 15.20 5.38
C PRO A 70 3.16 14.42 6.33
N GLU A 71 3.04 14.65 7.64
CA GLU A 71 3.85 13.96 8.65
C GLU A 71 3.54 12.45 8.71
N GLN A 72 2.25 12.06 8.66
CA GLN A 72 1.86 10.65 8.69
C GLN A 72 2.20 9.93 7.38
N ALA A 73 1.98 10.58 6.23
CA ALA A 73 2.41 10.05 4.93
C ALA A 73 3.93 9.85 4.87
N SER A 74 4.70 10.78 5.43
CA SER A 74 6.16 10.73 5.52
C SER A 74 6.63 9.60 6.44
N LYS A 75 6.04 9.45 7.63
CA LYS A 75 6.32 8.36 8.59
C LYS A 75 6.14 6.96 7.96
N LEU A 76 5.03 6.72 7.27
CA LEU A 76 4.78 5.44 6.61
C LEU A 76 5.70 5.22 5.39
N ALA A 77 5.99 6.25 4.60
CA ALA A 77 6.98 6.18 3.53
C ALA A 77 8.38 5.82 4.07
N LYS A 78 8.84 6.49 5.14
CA LYS A 78 10.11 6.20 5.83
C LYS A 78 10.19 4.76 6.31
N THR A 79 9.10 4.25 6.88
CA THR A 79 9.01 2.84 7.33
C THR A 79 9.10 1.86 6.16
N ALA A 80 8.56 2.21 4.99
CA ALA A 80 8.68 1.43 3.75
C ALA A 80 10.02 1.63 3.01
N GLY A 81 10.97 2.41 3.56
CA GLY A 81 12.28 2.71 2.95
C GLY A 81 12.24 3.78 1.85
N ILE A 82 11.16 4.55 1.77
CA ILE A 82 10.88 5.57 0.74
C ILE A 82 11.27 6.96 1.27
N SER A 83 12.06 7.71 0.50
CA SER A 83 12.44 9.10 0.79
C SER A 83 11.25 10.07 0.62
N GLU A 84 11.27 11.19 1.33
CA GLU A 84 10.29 12.29 1.15
C GLU A 84 10.26 12.81 -0.30
N LYS A 85 11.40 12.81 -1.01
CA LYS A 85 11.46 13.10 -2.46
C LYS A 85 10.76 12.05 -3.30
N GLN A 86 10.95 10.77 -2.96
CA GLN A 86 10.33 9.65 -3.67
C GLN A 86 8.81 9.61 -3.46
N LEU A 87 8.34 9.90 -2.24
CA LEU A 87 6.92 10.08 -1.91
C LEU A 87 6.28 11.21 -2.74
N ARG A 88 7.02 12.30 -2.98
CA ARG A 88 6.55 13.47 -3.74
C ARG A 88 6.49 13.22 -5.24
N GLU A 89 7.53 12.60 -5.82
CA GLU A 89 7.62 12.41 -7.28
C GLU A 89 6.80 11.21 -7.81
N ALA A 90 6.48 10.24 -6.95
CA ALA A 90 5.72 9.04 -7.31
C ALA A 90 4.19 9.25 -7.42
N ASP A 91 3.66 10.41 -7.03
CA ASP A 91 2.22 10.72 -6.84
C ASP A 91 1.51 9.89 -5.75
N TYR A 92 1.66 8.55 -5.76
CA TYR A 92 1.04 7.64 -4.79
C TYR A 92 1.89 6.42 -4.43
N ILE A 93 1.64 5.90 -3.23
CA ILE A 93 2.23 4.70 -2.65
C ILE A 93 1.13 3.71 -2.28
N ILE A 94 1.35 2.43 -2.57
CA ILE A 94 0.55 1.31 -2.09
C ILE A 94 1.46 0.38 -1.27
N LEU A 95 1.09 0.07 -0.01
CA LEU A 95 1.79 -0.95 0.80
C LEU A 95 0.81 -2.09 1.11
N ILE A 96 1.20 -3.32 0.76
CA ILE A 96 0.40 -4.54 0.89
C ILE A 96 1.02 -5.47 1.96
N LEU A 97 0.24 -5.79 2.99
CA LEU A 97 0.59 -6.71 4.07
C LEU A 97 -0.14 -8.06 3.87
N VAL A 98 0.62 -9.14 3.74
CA VAL A 98 0.10 -10.49 3.40
C VAL A 98 0.73 -11.61 4.25
N ARG A 99 0.09 -12.77 4.28
CA ARG A 99 0.52 -13.96 5.04
C ARG A 99 1.40 -14.94 4.25
N ASP A 100 1.55 -14.74 2.94
CA ASP A 100 2.39 -15.56 2.04
C ASP A 100 2.87 -14.76 0.81
N GLU A 101 4.06 -15.10 0.28
CA GLU A 101 4.66 -14.42 -0.88
C GLU A 101 3.86 -14.56 -2.19
N LYS A 102 3.14 -15.68 -2.41
CA LYS A 102 2.31 -15.88 -3.61
C LYS A 102 1.04 -15.03 -3.57
N LYS A 103 0.50 -14.79 -2.37
CA LYS A 103 -0.69 -13.94 -2.13
C LYS A 103 -0.47 -12.49 -2.56
N ALA A 104 0.75 -11.96 -2.39
CA ALA A 104 1.15 -10.66 -2.92
C ALA A 104 1.08 -10.61 -4.45
N LYS A 105 1.65 -11.62 -5.15
CA LYS A 105 1.60 -11.70 -6.62
C LYS A 105 0.19 -11.93 -7.14
N LYS A 106 -0.64 -12.69 -6.43
CA LYS A 106 -2.08 -12.92 -6.76
C LYS A 106 -2.85 -11.59 -6.81
N PHE A 107 -2.57 -10.69 -5.86
CA PHE A 107 -3.14 -9.34 -5.84
C PHE A 107 -2.52 -8.45 -6.93
N ALA A 108 -1.20 -8.44 -7.06
CA ALA A 108 -0.45 -7.68 -8.08
C ALA A 108 -0.86 -8.01 -9.52
N ASP A 109 -1.29 -9.26 -9.78
CA ASP A 109 -1.76 -9.70 -11.10
C ASP A 109 -3.00 -8.92 -11.59
N SER A 110 -3.84 -8.44 -10.69
CA SER A 110 -4.95 -7.53 -11.02
C SER A 110 -4.49 -6.10 -11.29
N LEU A 111 -3.58 -5.56 -10.47
CA LEU A 111 -3.01 -4.21 -10.62
C LEU A 111 -2.22 -4.08 -11.94
N ARG A 112 -1.44 -5.09 -12.32
CA ARG A 112 -0.68 -5.13 -13.59
C ARG A 112 -1.58 -5.25 -14.82
N LYS A 113 -2.75 -5.90 -14.69
CA LYS A 113 -3.80 -6.02 -15.72
C LYS A 113 -4.61 -4.74 -15.90
N LYS A 114 -4.88 -4.02 -14.80
CA LYS A 114 -5.54 -2.69 -14.80
C LYS A 114 -4.64 -1.59 -15.38
N GLY A 115 -3.34 -1.63 -15.11
CA GLY A 115 -2.34 -0.73 -15.69
C GLY A 115 -2.03 -1.02 -17.17
N SER A 116 -1.48 -0.01 -17.86
CA SER A 116 -1.11 -0.02 -19.30
C SER A 116 -2.26 -0.30 -20.29
N LEU A 117 -1.99 -0.13 -21.59
CA LEU A 117 -2.90 -0.48 -22.69
C LEU A 117 -2.67 -1.93 -23.14
N GLU A 118 -3.75 -2.71 -23.28
CA GLU A 118 -3.71 -4.11 -23.74
C GLU A 118 -4.91 -4.44 -24.64
N HIS A 119 -4.68 -5.16 -25.75
CA HIS A 119 -5.72 -5.76 -26.60
C HIS A 119 -5.27 -6.99 -27.42
N HIS A 120 -3.98 -7.32 -27.45
CA HIS A 120 -3.38 -8.39 -28.28
C HIS A 120 -2.16 -9.06 -27.59
N HIS A 121 -2.29 -9.33 -26.28
CA HIS A 121 -1.26 -9.96 -25.43
C HIS A 121 0.10 -9.23 -25.45
N HIS A 122 0.09 -7.90 -25.30
CA HIS A 122 1.27 -7.02 -25.45
C HIS A 122 2.46 -7.43 -24.56
N HIS A 123 2.23 -7.64 -23.26
CA HIS A 123 3.27 -7.93 -22.25
C HIS A 123 2.82 -9.03 -21.26
N HIS A 124 3.74 -9.94 -20.94
CA HIS A 124 3.67 -10.97 -19.88
C HIS A 124 2.29 -11.66 -19.74
N GLY A 1 3.13 5.92 -10.20
CA GLY A 1 2.96 5.24 -8.89
C GLY A 1 3.89 4.05 -8.75
N GLN A 2 4.14 3.61 -7.51
CA GLN A 2 4.85 2.36 -7.21
C GLN A 2 4.10 1.47 -6.22
N ILE A 3 4.40 0.16 -6.24
CA ILE A 3 3.83 -0.85 -5.34
C ILE A 3 4.97 -1.59 -4.63
N GLN A 4 4.82 -1.83 -3.33
CA GLN A 4 5.75 -2.56 -2.49
C GLN A 4 5.04 -3.60 -1.62
N TYR A 5 5.78 -4.63 -1.22
CA TYR A 5 5.25 -5.82 -0.54
C TYR A 5 6.08 -6.19 0.69
N PHE A 6 5.41 -6.50 1.81
CA PHE A 6 6.07 -6.96 3.05
C PHE A 6 5.28 -8.13 3.67
N ASN A 7 5.99 -9.17 4.09
CA ASN A 7 5.38 -10.37 4.69
C ASN A 7 5.31 -10.21 6.22
N VAL A 8 4.10 -10.19 6.78
CA VAL A 8 3.86 -10.01 8.23
C VAL A 8 4.43 -11.17 9.04
N ASP A 9 4.40 -12.37 8.46
CA ASP A 9 4.87 -13.62 9.08
C ASP A 9 6.42 -13.70 9.19
N GLU A 10 7.14 -12.95 8.35
CA GLU A 10 8.61 -13.02 8.22
C GLU A 10 9.35 -11.74 8.68
N ASN A 11 8.78 -10.55 8.42
CA ASN A 11 9.34 -9.25 8.82
C ASN A 11 8.37 -8.50 9.76
N PRO A 12 8.18 -8.96 11.02
CA PRO A 12 7.17 -8.41 11.92
C PRO A 12 7.37 -6.93 12.23
N GLU A 13 8.59 -6.50 12.53
CA GLU A 13 8.88 -5.13 12.96
C GLU A 13 8.68 -4.09 11.84
N GLN A 14 8.93 -4.47 10.58
CA GLN A 14 8.66 -3.65 9.41
C GLN A 14 7.15 -3.38 9.26
N VAL A 15 6.33 -4.43 9.40
CA VAL A 15 4.87 -4.31 9.35
C VAL A 15 4.32 -3.59 10.57
N ARG A 16 4.84 -3.85 11.78
CA ARG A 16 4.47 -3.10 12.99
C ARG A 16 4.68 -1.60 12.80
N LYS A 17 5.85 -1.18 12.30
CA LYS A 17 6.12 0.23 11.96
C LYS A 17 5.14 0.77 10.93
N LEU A 18 4.83 0.04 9.85
CA LEU A 18 3.86 0.49 8.83
C LEU A 18 2.44 0.67 9.41
N ILE A 19 1.93 -0.29 10.18
CA ILE A 19 0.58 -0.22 10.76
C ILE A 19 0.49 0.86 11.86
N GLU A 20 1.49 0.95 12.73
CA GLU A 20 1.54 1.93 13.83
C GLU A 20 1.78 3.36 13.33
N GLN A 21 2.59 3.57 12.27
CA GLN A 21 2.73 4.89 11.63
C GLN A 21 1.48 5.28 10.82
N ALA A 22 0.68 4.31 10.38
CA ALA A 22 -0.65 4.55 9.80
C ALA A 22 -1.73 4.79 10.91
N GLY A 23 -1.34 4.79 12.19
CA GLY A 23 -2.22 5.08 13.34
C GLY A 23 -3.09 3.91 13.81
N LEU A 24 -2.81 2.67 13.38
CA LEU A 24 -3.54 1.45 13.74
C LEU A 24 -2.75 0.56 14.71
N ASP A 25 -3.45 -0.35 15.40
CA ASP A 25 -2.86 -1.33 16.30
C ASP A 25 -2.78 -2.72 15.60
N PRO A 26 -1.57 -3.29 15.38
CA PRO A 26 -1.42 -4.55 14.64
C PRO A 26 -1.83 -5.78 15.45
N ASP A 27 -1.73 -5.75 16.78
CA ASP A 27 -2.17 -6.83 17.68
C ASP A 27 -3.71 -6.94 17.73
N GLU A 28 -4.42 -5.83 17.61
CA GLU A 28 -5.89 -5.76 17.57
C GLU A 28 -6.49 -6.31 16.25
N LEU A 29 -5.73 -6.25 15.14
CA LEU A 29 -6.12 -6.77 13.82
C LEU A 29 -5.93 -8.30 13.73
N ARG A 30 -6.56 -9.04 14.65
CA ARG A 30 -6.41 -10.51 14.82
C ARG A 30 -6.93 -11.33 13.64
N GLU A 31 -8.00 -10.86 12.99
CA GLU A 31 -8.70 -11.58 11.90
C GLU A 31 -8.15 -11.24 10.50
N ALA A 32 -7.35 -10.16 10.37
CA ALA A 32 -6.79 -9.72 9.10
C ALA A 32 -5.54 -10.52 8.69
N GLU A 33 -5.45 -10.89 7.42
CA GLU A 33 -4.26 -11.50 6.79
C GLU A 33 -3.82 -10.83 5.47
N VAL A 34 -4.58 -9.82 5.01
CA VAL A 34 -4.23 -8.91 3.90
C VAL A 34 -4.62 -7.49 4.31
N ILE A 35 -3.65 -6.57 4.30
CA ILE A 35 -3.83 -5.15 4.60
C ILE A 35 -3.16 -4.31 3.50
N ILE A 36 -3.82 -3.27 3.00
CA ILE A 36 -3.24 -2.32 2.04
C ILE A 36 -3.22 -0.90 2.62
N ILE A 37 -2.09 -0.22 2.43
CA ILE A 37 -1.89 1.20 2.74
C ILE A 37 -1.78 1.94 1.39
N ILE A 38 -2.64 2.95 1.17
CA ILE A 38 -2.67 3.75 -0.06
C ILE A 38 -2.27 5.19 0.26
N ILE A 39 -1.16 5.68 -0.32
CA ILE A 39 -0.69 7.05 -0.13
C ILE A 39 -0.60 7.74 -1.49
N SER A 40 -1.43 8.76 -1.73
CA SER A 40 -1.39 9.55 -2.98
C SER A 40 -1.07 11.01 -2.71
N ARG A 41 -0.63 11.74 -3.75
CA ARG A 41 -0.48 13.19 -3.70
C ARG A 41 -1.84 13.91 -3.55
N THR A 42 -2.90 13.33 -4.10
CA THR A 42 -4.25 13.91 -4.19
C THR A 42 -5.35 12.92 -3.77
N PRO A 43 -6.41 13.35 -3.06
CA PRO A 43 -7.54 12.48 -2.72
C PRO A 43 -8.35 12.03 -3.95
N GLU A 44 -8.41 12.84 -5.00
CA GLU A 44 -9.19 12.57 -6.21
C GLU A 44 -8.64 11.38 -7.01
N GLN A 45 -7.31 11.22 -7.07
CA GLN A 45 -6.67 10.01 -7.61
C GLN A 45 -6.75 8.83 -6.62
N LEU A 46 -6.61 9.07 -5.31
CA LEU A 46 -6.58 7.99 -4.31
C LEU A 46 -7.95 7.32 -4.12
N GLU A 47 -9.06 8.03 -4.33
CA GLU A 47 -10.42 7.44 -4.35
C GLU A 47 -10.51 6.27 -5.35
N LYS A 48 -9.83 6.37 -6.50
CA LYS A 48 -9.81 5.34 -7.54
C LYS A 48 -9.03 4.11 -7.05
N LEU A 49 -7.83 4.33 -6.50
CA LEU A 49 -7.00 3.28 -5.90
C LEU A 49 -7.70 2.57 -4.74
N SER A 50 -8.37 3.34 -3.87
CA SER A 50 -9.18 2.83 -2.76
C SER A 50 -10.29 1.90 -3.25
N ARG A 51 -11.06 2.35 -4.26
CA ARG A 51 -12.12 1.53 -4.88
C ARG A 51 -11.56 0.31 -5.61
N GLN A 52 -10.38 0.40 -6.23
CA GLN A 52 -9.67 -0.73 -6.84
C GLN A 52 -9.33 -1.82 -5.81
N VAL A 53 -8.73 -1.47 -4.67
CA VAL A 53 -8.33 -2.46 -3.64
C VAL A 53 -9.51 -2.99 -2.83
N LYS A 54 -10.59 -2.20 -2.66
CA LYS A 54 -11.87 -2.66 -2.09
C LYS A 54 -12.59 -3.67 -3.00
N GLU A 55 -12.59 -3.44 -4.32
CA GLU A 55 -13.15 -4.39 -5.30
C GLU A 55 -12.34 -5.71 -5.41
N LEU A 56 -11.08 -5.71 -4.95
CA LEU A 56 -10.26 -6.92 -4.78
C LEU A 56 -10.54 -7.69 -3.47
N GLY A 57 -11.51 -7.24 -2.66
CA GLY A 57 -12.00 -7.96 -1.48
C GLY A 57 -11.06 -7.96 -0.27
N ALA A 58 -10.14 -6.98 -0.18
CA ALA A 58 -9.24 -6.83 0.97
C ALA A 58 -10.00 -6.67 2.30
N ASP A 59 -9.49 -7.26 3.37
CA ASP A 59 -10.10 -7.15 4.72
C ASP A 59 -9.92 -5.74 5.31
N ARG A 60 -8.72 -5.16 5.14
CA ARG A 60 -8.31 -3.92 5.81
C ARG A 60 -7.64 -2.94 4.86
N LEU A 61 -8.10 -1.68 4.91
CA LEU A 61 -7.60 -0.56 4.10
C LEU A 61 -7.47 0.71 4.94
N LEU A 62 -6.41 1.48 4.68
CA LEU A 62 -6.24 2.84 5.18
C LEU A 62 -5.48 3.72 4.17
N GLU A 63 -5.90 4.99 4.04
CA GLU A 63 -5.45 5.89 2.98
C GLU A 63 -4.98 7.27 3.49
N PHE A 64 -3.98 7.85 2.83
CA PHE A 64 -3.38 9.16 3.15
C PHE A 64 -3.15 10.00 1.89
N ASN A 65 -3.30 11.31 2.03
CA ASN A 65 -3.28 12.28 0.94
C ASN A 65 -2.27 13.42 1.24
N VAL A 66 -1.17 13.51 0.48
CA VAL A 66 -0.02 14.40 0.79
C VAL A 66 -0.43 15.88 0.81
N ASP A 67 -1.32 16.32 -0.07
CA ASP A 67 -1.77 17.72 -0.15
C ASP A 67 -2.46 18.22 1.14
N GLU A 68 -3.17 17.33 1.85
CA GLU A 68 -3.84 17.61 3.11
C GLU A 68 -2.98 17.26 4.34
N ASN A 69 -2.28 16.10 4.29
CA ASN A 69 -1.52 15.52 5.40
C ASN A 69 -0.07 15.16 4.97
N PRO A 70 0.83 16.14 4.79
CA PRO A 70 2.22 15.87 4.37
C PRO A 70 2.98 14.96 5.34
N GLU A 71 2.82 15.16 6.65
CA GLU A 71 3.58 14.39 7.66
C GLU A 71 3.10 12.93 7.76
N GLN A 72 1.78 12.69 7.67
CA GLN A 72 1.22 11.33 7.77
C GLN A 72 1.71 10.45 6.60
N ALA A 73 1.75 11.03 5.40
CA ALA A 73 2.32 10.38 4.22
C ALA A 73 3.85 10.20 4.32
N SER A 74 4.57 11.21 4.84
CA SER A 74 6.03 11.20 4.98
C SER A 74 6.50 10.14 5.99
N LYS A 75 5.86 10.04 7.17
CA LYS A 75 6.12 9.01 8.19
C LYS A 75 6.02 7.59 7.62
N LEU A 76 5.03 7.33 6.75
CA LEU A 76 4.84 6.03 6.10
C LEU A 76 5.83 5.78 4.96
N ALA A 77 6.13 6.80 4.15
CA ALA A 77 7.16 6.73 3.11
C ALA A 77 8.55 6.43 3.70
N LYS A 78 8.91 7.04 4.84
CA LYS A 78 10.15 6.77 5.59
C LYS A 78 10.31 5.29 5.95
N THR A 79 9.25 4.64 6.47
CA THR A 79 9.26 3.21 6.81
C THR A 79 9.41 2.32 5.57
N ALA A 80 8.91 2.75 4.41
CA ALA A 80 9.08 2.06 3.12
C ALA A 80 10.46 2.34 2.45
N GLY A 81 11.33 3.15 3.07
CA GLY A 81 12.64 3.54 2.53
C GLY A 81 12.58 4.64 1.46
N ILE A 82 11.48 5.38 1.40
CA ILE A 82 11.16 6.39 0.38
C ILE A 82 11.46 7.80 0.94
N SER A 83 12.23 8.60 0.18
CA SER A 83 12.52 10.00 0.53
C SER A 83 11.34 10.94 0.23
N GLU A 84 11.34 12.14 0.82
CA GLU A 84 10.30 13.17 0.65
C GLU A 84 10.16 13.62 -0.81
N LYS A 85 11.26 13.68 -1.56
CA LYS A 85 11.27 13.96 -3.01
C LYS A 85 10.78 12.77 -3.85
N GLN A 86 11.13 11.55 -3.44
CA GLN A 86 10.67 10.30 -4.09
C GLN A 86 9.15 10.11 -3.92
N LEU A 87 8.60 10.48 -2.76
CA LEU A 87 7.15 10.45 -2.48
C LEU A 87 6.37 11.38 -3.43
N ARG A 88 6.93 12.55 -3.76
CA ARG A 88 6.31 13.55 -4.66
C ARG A 88 6.39 13.15 -6.13
N GLU A 89 7.54 12.68 -6.62
CA GLU A 89 7.70 12.34 -8.04
C GLU A 89 7.03 11.02 -8.45
N ALA A 90 6.79 10.12 -7.48
CA ALA A 90 6.07 8.86 -7.70
C ALA A 90 4.54 9.02 -7.86
N ASP A 91 3.98 10.18 -7.49
CA ASP A 91 2.53 10.51 -7.44
C ASP A 91 1.68 9.67 -6.47
N TYR A 92 1.86 8.34 -6.40
CA TYR A 92 1.28 7.47 -5.38
C TYR A 92 2.13 6.24 -5.02
N ILE A 93 1.98 5.79 -3.78
CA ILE A 93 2.62 4.63 -3.16
C ILE A 93 1.54 3.64 -2.69
N ILE A 94 1.75 2.36 -2.95
CA ILE A 94 0.92 1.26 -2.44
C ILE A 94 1.80 0.30 -1.62
N LEU A 95 1.50 0.12 -0.33
CA LEU A 95 2.15 -0.89 0.51
C LEU A 95 1.15 -2.03 0.78
N ILE A 96 1.52 -3.26 0.40
CA ILE A 96 0.71 -4.47 0.57
C ILE A 96 1.35 -5.38 1.63
N LEU A 97 0.58 -5.69 2.67
CA LEU A 97 0.93 -6.58 3.77
C LEU A 97 0.21 -7.92 3.61
N VAL A 98 0.94 -9.03 3.65
CA VAL A 98 0.40 -10.41 3.51
C VAL A 98 1.07 -11.39 4.48
N ARG A 99 0.41 -12.51 4.80
CA ARG A 99 1.04 -13.63 5.54
C ARG A 99 1.91 -14.53 4.65
N ASP A 100 1.69 -14.51 3.33
CA ASP A 100 2.34 -15.39 2.35
C ASP A 100 2.48 -14.73 0.97
N GLU A 101 3.65 -14.90 0.33
CA GLU A 101 4.03 -14.17 -0.90
C GLU A 101 3.17 -14.47 -2.14
N LYS A 102 2.55 -15.66 -2.21
CA LYS A 102 1.66 -16.02 -3.33
C LYS A 102 0.37 -15.19 -3.35
N LYS A 103 -0.16 -14.78 -2.20
CA LYS A 103 -1.26 -13.81 -2.14
C LYS A 103 -0.83 -12.39 -2.54
N ALA A 104 0.40 -11.98 -2.22
CA ALA A 104 0.94 -10.71 -2.73
C ALA A 104 1.04 -10.71 -4.26
N LYS A 105 1.58 -11.76 -4.89
CA LYS A 105 1.64 -11.84 -6.36
C LYS A 105 0.25 -12.00 -7.00
N LYS A 106 -0.70 -12.70 -6.37
CA LYS A 106 -2.09 -12.78 -6.88
C LYS A 106 -2.77 -11.40 -6.85
N PHE A 107 -2.57 -10.62 -5.79
CA PHE A 107 -3.09 -9.25 -5.69
C PHE A 107 -2.41 -8.34 -6.72
N ALA A 108 -1.08 -8.47 -6.86
CA ALA A 108 -0.28 -7.74 -7.82
C ALA A 108 -0.63 -8.06 -9.29
N ASP A 109 -1.00 -9.31 -9.61
CA ASP A 109 -1.45 -9.70 -10.95
C ASP A 109 -2.72 -8.95 -11.35
N SER A 110 -3.68 -8.84 -10.44
CA SER A 110 -4.92 -8.09 -10.68
C SER A 110 -4.69 -6.57 -10.71
N LEU A 111 -3.80 -6.06 -9.86
CA LEU A 111 -3.41 -4.65 -9.84
C LEU A 111 -2.60 -4.24 -11.10
N ARG A 112 -1.77 -5.13 -11.64
CA ARG A 112 -1.09 -4.98 -12.95
C ARG A 112 -2.09 -4.92 -14.11
N LYS A 113 -3.20 -5.66 -14.04
CA LYS A 113 -4.25 -5.67 -15.08
C LYS A 113 -4.93 -4.30 -15.29
N LYS A 114 -5.02 -3.48 -14.24
CA LYS A 114 -5.52 -2.08 -14.29
C LYS A 114 -4.58 -1.15 -15.06
N GLY A 115 -3.27 -1.41 -15.00
CA GLY A 115 -2.23 -0.71 -15.77
C GLY A 115 -2.16 -1.19 -17.23
N SER A 116 -3.26 -1.05 -17.98
CA SER A 116 -3.47 -1.63 -19.32
C SER A 116 -2.61 -1.03 -20.45
N LEU A 117 -1.92 0.09 -20.19
CA LEU A 117 -1.06 0.80 -21.15
C LEU A 117 0.25 1.27 -20.49
N GLU A 118 1.38 1.06 -21.16
CA GLU A 118 2.70 1.56 -20.77
C GLU A 118 2.90 3.03 -21.20
N HIS A 119 3.63 3.81 -20.40
CA HIS A 119 3.91 5.23 -20.64
C HIS A 119 5.37 5.66 -20.36
N HIS A 120 6.25 4.75 -19.91
CA HIS A 120 7.70 5.03 -19.78
C HIS A 120 8.40 5.26 -21.13
N HIS A 121 7.80 4.80 -22.24
CA HIS A 121 8.20 5.12 -23.62
C HIS A 121 6.95 5.18 -24.52
N HIS A 122 7.06 5.91 -25.64
CA HIS A 122 5.98 6.29 -26.58
C HIS A 122 4.90 7.20 -25.97
N HIS A 123 4.57 8.29 -26.68
CA HIS A 123 3.58 9.29 -26.29
C HIS A 123 2.79 9.79 -27.53
N HIS A 124 1.52 10.16 -27.34
CA HIS A 124 0.61 10.67 -28.39
C HIS A 124 -0.39 11.70 -27.82
N GLY A 1 3.28 6.15 -9.78
CA GLY A 1 3.15 5.56 -8.42
C GLY A 1 4.07 4.36 -8.24
N GLN A 2 4.23 3.90 -7.00
CA GLN A 2 5.02 2.71 -6.64
C GLN A 2 4.27 1.76 -5.71
N ILE A 3 4.51 0.45 -5.86
CA ILE A 3 3.91 -0.62 -5.05
C ILE A 3 5.02 -1.37 -4.29
N GLN A 4 4.80 -1.65 -3.01
CA GLN A 4 5.72 -2.37 -2.13
C GLN A 4 4.97 -3.44 -1.32
N TYR A 5 5.67 -4.55 -1.01
CA TYR A 5 5.08 -5.75 -0.41
C TYR A 5 5.87 -6.20 0.82
N PHE A 6 5.17 -6.57 1.91
CA PHE A 6 5.78 -7.02 3.16
C PHE A 6 5.00 -8.21 3.75
N ASN A 7 5.71 -9.16 4.37
CA ASN A 7 5.12 -10.36 4.96
C ASN A 7 5.08 -10.26 6.49
N VAL A 8 3.91 -10.38 7.12
CA VAL A 8 3.78 -10.20 8.59
C VAL A 8 4.57 -11.25 9.39
N ASP A 9 4.66 -12.48 8.88
CA ASP A 9 5.39 -13.58 9.52
C ASP A 9 6.92 -13.54 9.29
N GLU A 10 7.41 -12.73 8.33
CA GLU A 10 8.84 -12.62 7.98
C GLU A 10 9.47 -11.26 8.31
N ASN A 11 8.67 -10.18 8.24
CA ASN A 11 9.05 -8.81 8.57
C ASN A 11 8.22 -8.23 9.75
N PRO A 12 8.04 -8.95 10.89
CA PRO A 12 7.09 -8.58 11.94
C PRO A 12 7.30 -7.17 12.50
N GLU A 13 8.55 -6.77 12.76
CA GLU A 13 8.88 -5.45 13.30
C GLU A 13 8.66 -4.33 12.27
N GLN A 14 8.83 -4.61 10.97
CA GLN A 14 8.58 -3.66 9.88
C GLN A 14 7.07 -3.42 9.71
N VAL A 15 6.25 -4.49 9.75
CA VAL A 15 4.78 -4.37 9.74
C VAL A 15 4.28 -3.67 10.99
N ARG A 16 4.80 -4.00 12.19
CA ARG A 16 4.49 -3.26 13.43
C ARG A 16 4.76 -1.76 13.28
N LYS A 17 5.92 -1.36 12.74
CA LYS A 17 6.24 0.04 12.46
C LYS A 17 5.24 0.68 11.50
N LEU A 18 4.85 0.02 10.40
CA LEU A 18 3.84 0.55 9.47
C LEU A 18 2.48 0.79 10.15
N ILE A 19 1.97 -0.21 10.88
CA ILE A 19 0.67 -0.15 11.56
C ILE A 19 0.68 0.90 12.69
N GLU A 20 1.73 0.95 13.50
CA GLU A 20 1.85 1.91 14.61
C GLU A 20 2.11 3.35 14.12
N GLN A 21 2.86 3.55 13.02
CA GLN A 21 3.02 4.87 12.39
C GLN A 21 1.76 5.35 11.67
N ALA A 22 0.88 4.42 11.25
CA ALA A 22 -0.47 4.73 10.76
C ALA A 22 -1.46 5.07 11.90
N GLY A 23 -1.05 4.93 13.17
CA GLY A 23 -1.89 5.15 14.35
C GLY A 23 -2.82 3.99 14.71
N LEU A 24 -2.56 2.78 14.19
CA LEU A 24 -3.31 1.55 14.46
C LEU A 24 -2.58 0.65 15.47
N ASP A 25 -3.30 -0.35 15.98
CA ASP A 25 -2.76 -1.38 16.89
C ASP A 25 -2.56 -2.73 16.15
N PRO A 26 -1.35 -3.32 16.14
CA PRO A 26 -1.06 -4.55 15.39
C PRO A 26 -1.70 -5.80 16.02
N ASP A 27 -1.84 -5.84 17.35
CA ASP A 27 -2.47 -6.95 18.08
C ASP A 27 -4.00 -7.02 17.89
N GLU A 28 -4.62 -5.92 17.43
CA GLU A 28 -6.06 -5.85 17.12
C GLU A 28 -6.41 -6.48 15.74
N LEU A 29 -5.43 -6.65 14.85
CA LEU A 29 -5.61 -7.17 13.48
C LEU A 29 -5.73 -8.72 13.43
N ARG A 30 -6.56 -9.29 14.31
CA ARG A 30 -6.67 -10.75 14.55
C ARG A 30 -7.43 -11.50 13.46
N GLU A 31 -8.37 -10.83 12.79
CA GLU A 31 -9.21 -11.40 11.72
C GLU A 31 -8.69 -11.08 10.30
N ALA A 32 -7.61 -10.31 10.18
CA ALA A 32 -7.05 -9.83 8.91
C ALA A 32 -5.83 -10.65 8.46
N GLU A 33 -5.72 -10.84 7.14
CA GLU A 33 -4.59 -11.50 6.47
C GLU A 33 -4.04 -10.68 5.28
N VAL A 34 -4.84 -9.77 4.71
CA VAL A 34 -4.42 -8.80 3.69
C VAL A 34 -4.84 -7.39 4.09
N ILE A 35 -3.88 -6.46 4.17
CA ILE A 35 -4.10 -5.03 4.48
C ILE A 35 -3.36 -4.17 3.46
N ILE A 36 -4.01 -3.17 2.89
CA ILE A 36 -3.39 -2.19 1.98
C ILE A 36 -3.46 -0.77 2.52
N ILE A 37 -2.33 -0.07 2.40
CA ILE A 37 -2.12 1.33 2.71
C ILE A 37 -2.10 2.10 1.39
N ILE A 38 -3.04 3.03 1.20
CA ILE A 38 -3.08 3.93 0.03
C ILE A 38 -2.70 5.35 0.44
N ILE A 39 -1.74 5.92 -0.29
CA ILE A 39 -1.26 7.28 -0.13
C ILE A 39 -1.22 7.96 -1.49
N SER A 40 -1.98 9.05 -1.69
CA SER A 40 -1.87 9.92 -2.87
C SER A 40 -1.63 11.38 -2.49
N ARG A 41 -1.24 12.21 -3.45
CA ARG A 41 -1.04 13.65 -3.26
C ARG A 41 -2.37 14.36 -3.03
N THR A 42 -3.33 14.14 -3.94
CA THR A 42 -4.72 14.60 -3.84
C THR A 42 -5.59 13.53 -3.15
N PRO A 43 -6.68 13.93 -2.45
CA PRO A 43 -7.61 12.95 -1.90
C PRO A 43 -8.39 12.20 -2.98
N GLU A 44 -8.70 12.83 -4.11
CA GLU A 44 -9.51 12.23 -5.18
C GLU A 44 -8.79 11.07 -5.89
N GLN A 45 -7.47 11.15 -6.09
CA GLN A 45 -6.69 10.03 -6.62
C GLN A 45 -6.60 8.88 -5.60
N LEU A 46 -6.51 9.21 -4.30
CA LEU A 46 -6.51 8.24 -3.21
C LEU A 46 -7.86 7.49 -3.20
N GLU A 47 -8.99 8.19 -3.37
CA GLU A 47 -10.35 7.65 -3.41
C GLU A 47 -10.52 6.54 -4.46
N LYS A 48 -9.99 6.73 -5.67
CA LYS A 48 -10.10 5.76 -6.77
C LYS A 48 -9.20 4.55 -6.58
N LEU A 49 -7.99 4.72 -6.03
CA LEU A 49 -7.13 3.60 -5.66
C LEU A 49 -7.71 2.81 -4.48
N SER A 50 -8.32 3.50 -3.52
CA SER A 50 -8.96 2.91 -2.34
C SER A 50 -10.13 2.01 -2.73
N ARG A 51 -10.98 2.44 -3.69
CA ARG A 51 -12.03 1.61 -4.30
C ARG A 51 -11.45 0.35 -4.95
N GLN A 52 -10.38 0.51 -5.72
CA GLN A 52 -9.76 -0.59 -6.47
C GLN A 52 -9.15 -1.67 -5.56
N VAL A 53 -8.49 -1.30 -4.45
CA VAL A 53 -7.97 -2.27 -3.47
C VAL A 53 -9.05 -2.85 -2.54
N LYS A 54 -10.12 -2.10 -2.27
CA LYS A 54 -11.33 -2.59 -1.57
C LYS A 54 -12.08 -3.65 -2.41
N GLU A 55 -12.19 -3.46 -3.72
CA GLU A 55 -12.78 -4.43 -4.65
C GLU A 55 -11.94 -5.73 -4.80
N LEU A 56 -10.67 -5.71 -4.41
CA LEU A 56 -9.81 -6.90 -4.27
C LEU A 56 -10.01 -7.67 -2.96
N GLY A 57 -10.90 -7.20 -2.07
CA GLY A 57 -11.31 -7.90 -0.86
C GLY A 57 -10.33 -7.80 0.31
N ALA A 58 -9.59 -6.69 0.43
CA ALA A 58 -8.73 -6.42 1.59
C ALA A 58 -9.51 -6.47 2.93
N ASP A 59 -8.89 -7.00 3.98
CA ASP A 59 -9.53 -7.16 5.29
C ASP A 59 -9.55 -5.85 6.10
N ARG A 60 -8.53 -4.99 5.90
CA ARG A 60 -8.41 -3.65 6.49
C ARG A 60 -7.88 -2.66 5.45
N LEU A 61 -8.32 -1.42 5.57
CA LEU A 61 -7.93 -0.26 4.75
C LEU A 61 -7.45 0.89 5.65
N LEU A 62 -6.43 1.61 5.20
CA LEU A 62 -6.03 2.90 5.77
C LEU A 62 -5.57 3.84 4.65
N GLU A 63 -5.96 5.11 4.79
CA GLU A 63 -5.89 6.14 3.74
C GLU A 63 -5.18 7.41 4.24
N PHE A 64 -4.21 7.93 3.48
CA PHE A 64 -3.54 9.21 3.76
C PHE A 64 -3.41 10.07 2.49
N ASN A 65 -3.49 11.40 2.64
CA ASN A 65 -3.44 12.36 1.55
C ASN A 65 -2.38 13.46 1.83
N VAL A 66 -1.40 13.63 0.92
CA VAL A 66 -0.21 14.48 1.20
C VAL A 66 -0.56 15.97 1.28
N ASP A 67 -1.52 16.46 0.49
CA ASP A 67 -1.89 17.88 0.46
C ASP A 67 -2.52 18.38 1.79
N GLU A 68 -3.26 17.51 2.49
CA GLU A 68 -3.95 17.83 3.74
C GLU A 68 -3.23 17.28 4.99
N ASN A 69 -2.67 16.07 4.92
CA ASN A 69 -1.98 15.38 6.01
C ASN A 69 -0.56 14.92 5.60
N PRO A 70 0.39 15.86 5.37
CA PRO A 70 1.73 15.53 4.89
C PRO A 70 2.52 14.67 5.89
N GLU A 71 2.39 14.90 7.20
CA GLU A 71 3.08 14.10 8.22
C GLU A 71 2.56 12.65 8.27
N GLN A 72 1.24 12.44 8.14
CA GLN A 72 0.64 11.11 8.18
C GLN A 72 1.11 10.24 7.00
N ALA A 73 1.24 10.85 5.81
CA ALA A 73 1.80 10.20 4.64
C ALA A 73 3.33 9.99 4.76
N SER A 74 4.06 11.00 5.26
CA SER A 74 5.52 10.97 5.39
C SER A 74 6.00 9.88 6.35
N LYS A 75 5.36 9.70 7.51
CA LYS A 75 5.71 8.65 8.50
C LYS A 75 5.67 7.25 7.91
N LEU A 76 4.65 6.93 7.10
CA LEU A 76 4.55 5.67 6.37
C LEU A 76 5.58 5.55 5.24
N ALA A 77 5.79 6.61 4.46
CA ALA A 77 6.82 6.66 3.42
C ALA A 77 8.23 6.39 3.99
N LYS A 78 8.58 7.03 5.12
CA LYS A 78 9.85 6.83 5.84
C LYS A 78 10.03 5.36 6.26
N THR A 79 8.97 4.75 6.78
CA THR A 79 8.96 3.32 7.21
C THR A 79 9.05 2.35 6.03
N ALA A 80 8.60 2.76 4.84
CA ALA A 80 8.77 2.04 3.57
C ALA A 80 10.10 2.34 2.85
N GLY A 81 11.00 3.13 3.46
CA GLY A 81 12.32 3.48 2.91
C GLY A 81 12.31 4.58 1.84
N ILE A 82 11.22 5.33 1.72
CA ILE A 82 10.95 6.33 0.67
C ILE A 82 11.46 7.71 1.12
N SER A 83 12.26 8.39 0.28
CA SER A 83 12.70 9.78 0.48
C SER A 83 11.64 10.82 0.07
N GLU A 84 11.83 12.09 0.45
CA GLU A 84 11.02 13.21 -0.08
C GLU A 84 10.99 13.21 -1.61
N LYS A 85 12.14 12.98 -2.23
CA LYS A 85 12.33 13.06 -3.68
C LYS A 85 11.62 11.90 -4.39
N GLN A 86 11.75 10.69 -3.84
CA GLN A 86 11.04 9.50 -4.30
C GLN A 86 9.51 9.65 -4.17
N LEU A 87 9.03 10.22 -3.05
CA LEU A 87 7.61 10.52 -2.84
C LEU A 87 7.08 11.50 -3.90
N ARG A 88 7.80 12.59 -4.16
CA ARG A 88 7.39 13.64 -5.11
C ARG A 88 7.38 13.18 -6.57
N GLU A 89 8.27 12.28 -6.99
CA GLU A 89 8.22 11.68 -8.33
C GLU A 89 7.23 10.50 -8.45
N ALA A 90 6.95 9.81 -7.35
CA ALA A 90 5.97 8.70 -7.33
C ALA A 90 4.52 9.18 -7.37
N ASP A 91 4.19 10.30 -6.70
CA ASP A 91 2.86 10.89 -6.51
C ASP A 91 1.84 10.04 -5.72
N TYR A 92 1.81 8.72 -5.91
CA TYR A 92 1.08 7.77 -5.07
C TYR A 92 1.93 6.54 -4.69
N ILE A 93 1.70 6.04 -3.47
CA ILE A 93 2.36 4.88 -2.88
C ILE A 93 1.28 3.88 -2.45
N ILE A 94 1.53 2.61 -2.76
CA ILE A 94 0.75 1.46 -2.29
C ILE A 94 1.67 0.55 -1.45
N LEU A 95 1.34 0.34 -0.17
CA LEU A 95 2.04 -0.62 0.70
C LEU A 95 1.11 -1.78 1.04
N ILE A 96 1.49 -3.00 0.68
CA ILE A 96 0.67 -4.21 0.77
C ILE A 96 1.25 -5.15 1.83
N LEU A 97 0.46 -5.43 2.87
CA LEU A 97 0.73 -6.44 3.89
C LEU A 97 0.03 -7.76 3.54
N VAL A 98 0.77 -8.85 3.56
CA VAL A 98 0.31 -10.24 3.35
C VAL A 98 1.00 -11.20 4.33
N ARG A 99 0.63 -12.48 4.35
CA ARG A 99 1.38 -13.53 5.10
C ARG A 99 2.13 -14.54 4.21
N ASP A 100 2.00 -14.43 2.89
CA ASP A 100 2.68 -15.31 1.91
C ASP A 100 2.95 -14.59 0.58
N GLU A 101 4.05 -14.94 -0.10
CA GLU A 101 4.44 -14.38 -1.40
C GLU A 101 3.36 -14.54 -2.49
N LYS A 102 2.68 -15.70 -2.54
CA LYS A 102 1.70 -15.99 -3.61
C LYS A 102 0.41 -15.19 -3.43
N LYS A 103 0.05 -14.82 -2.19
CA LYS A 103 -1.03 -13.88 -1.87
C LYS A 103 -0.73 -12.50 -2.49
N ALA A 104 0.50 -12.00 -2.30
CA ALA A 104 0.95 -10.75 -2.92
C ALA A 104 1.01 -10.85 -4.46
N LYS A 105 1.45 -11.99 -5.01
CA LYS A 105 1.48 -12.23 -6.47
C LYS A 105 0.06 -12.18 -7.07
N LYS A 106 -0.94 -12.80 -6.42
CA LYS A 106 -2.34 -12.77 -6.89
C LYS A 106 -2.96 -11.37 -6.82
N PHE A 107 -2.66 -10.62 -5.77
CA PHE A 107 -3.08 -9.22 -5.66
C PHE A 107 -2.44 -8.36 -6.76
N ALA A 108 -1.11 -8.49 -6.93
CA ALA A 108 -0.34 -7.81 -7.96
C ALA A 108 -0.80 -8.17 -9.38
N ASP A 109 -1.31 -9.38 -9.62
CA ASP A 109 -1.80 -9.78 -10.94
C ASP A 109 -3.04 -8.99 -11.41
N SER A 110 -3.88 -8.52 -10.48
CA SER A 110 -4.96 -7.58 -10.79
C SER A 110 -4.43 -6.16 -11.02
N LEU A 111 -3.37 -5.75 -10.31
CA LEU A 111 -2.62 -4.52 -10.62
C LEU A 111 -1.92 -4.58 -12.00
N ARG A 112 -1.52 -5.78 -12.48
CA ARG A 112 -1.06 -6.00 -13.87
C ARG A 112 -2.22 -5.87 -14.87
N LYS A 113 -3.38 -6.48 -14.58
CA LYS A 113 -4.62 -6.42 -15.40
C LYS A 113 -5.13 -4.99 -15.59
N LYS A 114 -4.99 -4.12 -14.58
CA LYS A 114 -5.28 -2.68 -14.63
C LYS A 114 -4.50 -1.95 -15.75
N GLY A 115 -3.32 -2.45 -16.12
CA GLY A 115 -2.46 -1.90 -17.17
C GLY A 115 -2.90 -2.17 -18.62
N SER A 116 -3.89 -3.04 -18.85
CA SER A 116 -4.38 -3.37 -20.20
C SER A 116 -5.21 -2.24 -20.81
N LEU A 117 -4.96 -1.93 -22.09
CA LEU A 117 -5.63 -0.85 -22.84
C LEU A 117 -7.03 -1.25 -23.34
N GLU A 118 -7.27 -2.54 -23.56
CA GLU A 118 -8.53 -3.11 -24.07
C GLU A 118 -8.92 -4.37 -23.27
N HIS A 119 -10.22 -4.67 -23.16
CA HIS A 119 -10.75 -5.88 -22.54
C HIS A 119 -10.30 -7.17 -23.27
N HIS A 120 -10.32 -8.30 -22.56
CA HIS A 120 -9.92 -9.63 -23.07
C HIS A 120 -10.99 -10.69 -22.81
N HIS A 121 -10.97 -11.78 -23.58
CA HIS A 121 -11.98 -12.85 -23.55
C HIS A 121 -11.79 -13.87 -22.41
N HIS A 122 -10.62 -13.89 -21.76
CA HIS A 122 -10.29 -14.85 -20.69
C HIS A 122 -10.99 -14.51 -19.36
N HIS A 123 -11.35 -15.54 -18.58
CA HIS A 123 -11.97 -15.41 -17.27
C HIS A 123 -10.96 -15.02 -16.17
N HIS A 124 -11.47 -14.48 -15.04
CA HIS A 124 -10.72 -14.09 -13.83
C HIS A 124 -9.48 -13.22 -14.12
N GLY A 1 3.84 6.00 -9.93
CA GLY A 1 3.58 5.32 -8.65
C GLY A 1 4.40 4.06 -8.47
N GLN A 2 4.49 3.56 -7.23
CA GLN A 2 5.19 2.32 -6.89
C GLN A 2 4.40 1.41 -5.94
N ILE A 3 4.70 0.11 -5.95
CA ILE A 3 4.16 -0.89 -5.02
C ILE A 3 5.32 -1.50 -4.22
N GLN A 4 5.13 -1.63 -2.91
CA GLN A 4 6.01 -2.34 -1.97
C GLN A 4 5.25 -3.47 -1.28
N TYR A 5 6.01 -4.48 -0.85
CA TYR A 5 5.48 -5.70 -0.22
C TYR A 5 6.27 -6.05 1.04
N PHE A 6 5.55 -6.36 2.13
CA PHE A 6 6.15 -6.82 3.40
C PHE A 6 5.39 -8.05 3.94
N ASN A 7 6.13 -9.07 4.35
CA ASN A 7 5.57 -10.33 4.84
C ASN A 7 5.58 -10.34 6.37
N VAL A 8 4.43 -10.52 7.03
CA VAL A 8 4.31 -10.45 8.50
C VAL A 8 5.11 -11.57 9.20
N ASP A 9 5.22 -12.73 8.54
CA ASP A 9 6.01 -13.88 9.02
C ASP A 9 7.54 -13.67 8.92
N GLU A 10 8.00 -12.74 8.08
CA GLU A 10 9.43 -12.50 7.81
C GLU A 10 9.95 -11.21 8.46
N ASN A 11 9.17 -10.12 8.41
CA ASN A 11 9.48 -8.83 9.02
C ASN A 11 8.35 -8.33 9.95
N PRO A 12 8.03 -9.04 11.04
CA PRO A 12 6.94 -8.69 11.95
C PRO A 12 7.05 -7.29 12.52
N GLU A 13 8.27 -6.87 12.91
CA GLU A 13 8.53 -5.56 13.51
C GLU A 13 8.39 -4.39 12.51
N GLN A 14 8.66 -4.63 11.22
CA GLN A 14 8.48 -3.64 10.16
C GLN A 14 6.99 -3.43 9.85
N VAL A 15 6.23 -4.52 9.71
CA VAL A 15 4.77 -4.48 9.58
C VAL A 15 4.14 -3.79 10.80
N ARG A 16 4.51 -4.21 12.02
CA ARG A 16 4.07 -3.56 13.27
C ARG A 16 4.31 -2.05 13.23
N LYS A 17 5.50 -1.61 12.82
CA LYS A 17 5.82 -0.18 12.72
C LYS A 17 4.95 0.57 11.72
N LEU A 18 4.59 -0.02 10.57
CA LEU A 18 3.63 0.61 9.65
C LEU A 18 2.23 0.76 10.27
N ILE A 19 1.76 -0.23 11.05
CA ILE A 19 0.48 -0.15 11.77
C ILE A 19 0.53 0.92 12.90
N GLU A 20 1.59 0.95 13.70
CA GLU A 20 1.81 1.95 14.75
C GLU A 20 1.93 3.38 14.19
N GLN A 21 2.66 3.57 13.07
CA GLN A 21 2.82 4.86 12.40
C GLN A 21 1.50 5.36 11.79
N ALA A 22 0.61 4.44 11.38
CA ALA A 22 -0.74 4.77 10.92
C ALA A 22 -1.68 5.20 12.08
N GLY A 23 -1.23 5.07 13.34
CA GLY A 23 -2.02 5.32 14.54
C GLY A 23 -2.97 4.16 14.92
N LEU A 24 -2.68 2.94 14.47
CA LEU A 24 -3.51 1.74 14.64
C LEU A 24 -2.84 0.73 15.59
N ASP A 25 -3.63 -0.22 16.10
CA ASP A 25 -3.20 -1.25 17.04
C ASP A 25 -2.94 -2.58 16.30
N PRO A 26 -1.69 -3.09 16.24
CA PRO A 26 -1.34 -4.31 15.49
C PRO A 26 -1.96 -5.59 16.07
N ASP A 27 -2.21 -5.64 17.37
CA ASP A 27 -2.82 -6.79 18.03
C ASP A 27 -4.32 -6.96 17.69
N GLU A 28 -4.98 -5.89 17.23
CA GLU A 28 -6.41 -5.89 16.87
C GLU A 28 -6.70 -6.57 15.51
N LEU A 29 -5.70 -6.72 14.64
CA LEU A 29 -5.84 -7.32 13.30
C LEU A 29 -5.82 -8.87 13.38
N ARG A 30 -6.87 -9.44 13.99
CA ARG A 30 -7.06 -10.90 14.20
C ARG A 30 -7.78 -11.59 13.03
N GLU A 31 -8.67 -10.88 12.34
CA GLU A 31 -9.44 -11.40 11.20
C GLU A 31 -8.73 -11.18 9.83
N ALA A 32 -7.73 -10.29 9.77
CA ALA A 32 -7.09 -9.87 8.53
C ALA A 32 -5.90 -10.76 8.11
N GLU A 33 -5.73 -10.92 6.79
CA GLU A 33 -4.65 -11.67 6.14
C GLU A 33 -3.98 -10.89 4.99
N VAL A 34 -4.71 -9.95 4.36
CA VAL A 34 -4.19 -8.99 3.37
C VAL A 34 -4.63 -7.57 3.78
N ILE A 35 -3.66 -6.68 4.00
CA ILE A 35 -3.87 -5.27 4.39
C ILE A 35 -3.08 -4.36 3.43
N ILE A 36 -3.70 -3.28 2.94
CA ILE A 36 -3.07 -2.30 2.06
C ILE A 36 -3.07 -0.90 2.67
N ILE A 37 -1.96 -0.20 2.48
CA ILE A 37 -1.73 1.20 2.81
C ILE A 37 -1.61 1.99 1.50
N ILE A 38 -2.43 3.03 1.33
CA ILE A 38 -2.46 3.88 0.13
C ILE A 38 -2.01 5.29 0.48
N ILE A 39 -0.99 5.80 -0.21
CA ILE A 39 -0.43 7.15 0.03
C ILE A 39 -0.24 7.86 -1.31
N SER A 40 -1.00 8.93 -1.58
CA SER A 40 -0.81 9.80 -2.76
C SER A 40 -0.79 11.28 -2.37
N ARG A 41 -0.47 12.18 -3.29
CA ARG A 41 -0.45 13.63 -3.02
C ARG A 41 -1.80 14.20 -2.61
N THR A 42 -2.89 13.79 -3.27
CA THR A 42 -4.23 14.38 -3.06
C THR A 42 -5.30 13.32 -2.74
N PRO A 43 -6.37 13.66 -2.01
CA PRO A 43 -7.47 12.73 -1.76
C PRO A 43 -8.17 12.31 -3.05
N GLU A 44 -8.29 13.20 -4.04
CA GLU A 44 -8.90 12.89 -5.34
C GLU A 44 -8.07 11.88 -6.15
N GLN A 45 -6.73 11.95 -6.06
CA GLN A 45 -5.82 11.01 -6.70
C GLN A 45 -5.80 9.65 -5.99
N LEU A 46 -5.87 9.63 -4.65
CA LEU A 46 -5.85 8.39 -3.87
C LEU A 46 -7.19 7.64 -3.85
N GLU A 47 -8.33 8.32 -3.99
CA GLU A 47 -9.66 7.70 -4.06
C GLU A 47 -9.79 6.72 -5.25
N LYS A 48 -9.10 7.01 -6.36
CA LYS A 48 -8.99 6.12 -7.53
C LYS A 48 -8.35 4.77 -7.18
N LEU A 49 -7.33 4.80 -6.31
CA LEU A 49 -6.68 3.60 -5.77
C LEU A 49 -7.52 2.94 -4.67
N SER A 50 -8.14 3.72 -3.79
CA SER A 50 -9.00 3.24 -2.70
C SER A 50 -10.12 2.33 -3.22
N ARG A 51 -10.86 2.73 -4.26
CA ARG A 51 -11.90 1.88 -4.85
C ARG A 51 -11.33 0.63 -5.54
N GLN A 52 -10.14 0.73 -6.15
CA GLN A 52 -9.47 -0.40 -6.81
C GLN A 52 -9.11 -1.50 -5.80
N VAL A 53 -8.53 -1.14 -4.65
CA VAL A 53 -8.15 -2.12 -3.61
C VAL A 53 -9.36 -2.66 -2.83
N LYS A 54 -10.44 -1.88 -2.70
CA LYS A 54 -11.74 -2.35 -2.17
C LYS A 54 -12.40 -3.37 -3.11
N GLU A 55 -12.35 -3.16 -4.43
CA GLU A 55 -12.83 -4.14 -5.43
C GLU A 55 -12.03 -5.46 -5.42
N LEU A 56 -10.80 -5.44 -4.91
CA LEU A 56 -9.97 -6.63 -4.66
C LEU A 56 -10.30 -7.38 -3.34
N GLY A 57 -11.20 -6.86 -2.51
CA GLY A 57 -11.68 -7.53 -1.30
C GLY A 57 -10.66 -7.63 -0.15
N ALA A 58 -9.76 -6.64 -0.04
CA ALA A 58 -8.80 -6.52 1.07
C ALA A 58 -9.49 -6.51 2.45
N ASP A 59 -8.81 -7.02 3.49
CA ASP A 59 -9.40 -7.16 4.83
C ASP A 59 -9.41 -5.83 5.61
N ARG A 60 -8.37 -5.00 5.42
CA ARG A 60 -8.27 -3.63 5.97
C ARG A 60 -7.57 -2.70 4.99
N LEU A 61 -8.00 -1.43 5.00
CA LEU A 61 -7.43 -0.31 4.25
C LEU A 61 -7.23 0.90 5.16
N LEU A 62 -6.15 1.64 4.93
CA LEU A 62 -5.89 2.98 5.49
C LEU A 62 -5.21 3.87 4.43
N GLU A 63 -5.60 5.14 4.37
CA GLU A 63 -5.15 6.09 3.34
C GLU A 63 -4.60 7.40 3.93
N PHE A 64 -3.53 7.92 3.33
CA PHE A 64 -2.94 9.23 3.68
C PHE A 64 -2.66 10.09 2.44
N ASN A 65 -2.79 11.40 2.58
CA ASN A 65 -2.73 12.36 1.50
C ASN A 65 -1.62 13.41 1.76
N VAL A 66 -0.53 13.40 0.99
CA VAL A 66 0.71 14.16 1.28
C VAL A 66 0.48 15.67 1.43
N ASP A 67 -0.35 16.28 0.58
CA ASP A 67 -0.52 17.74 0.56
C ASP A 67 -1.37 18.27 1.73
N GLU A 68 -2.22 17.44 2.35
CA GLU A 68 -3.01 17.77 3.52
C GLU A 68 -2.40 17.25 4.84
N ASN A 69 -1.88 16.02 4.85
CA ASN A 69 -1.22 15.36 5.98
C ASN A 69 0.21 14.91 5.62
N PRO A 70 1.17 15.85 5.47
CA PRO A 70 2.55 15.53 5.12
C PRO A 70 3.24 14.67 6.18
N GLU A 71 2.95 14.90 7.46
CA GLU A 71 3.44 14.08 8.58
C GLU A 71 3.01 12.61 8.44
N GLN A 72 1.71 12.35 8.22
CA GLN A 72 1.20 10.98 8.20
C GLN A 72 1.65 10.21 6.96
N ALA A 73 1.74 10.90 5.81
CA ALA A 73 2.23 10.31 4.57
C ALA A 73 3.74 10.02 4.61
N SER A 74 4.55 10.96 5.13
CA SER A 74 6.01 10.83 5.15
C SER A 74 6.50 9.80 6.17
N LYS A 75 5.95 9.78 7.39
CA LYS A 75 6.33 8.80 8.43
C LYS A 75 6.18 7.36 7.97
N LEU A 76 5.08 7.03 7.28
CA LEU A 76 4.86 5.70 6.72
C LEU A 76 5.77 5.40 5.51
N ALA A 77 6.00 6.36 4.61
CA ALA A 77 6.96 6.20 3.52
C ALA A 77 8.38 5.93 4.05
N LYS A 78 8.84 6.71 5.04
CA LYS A 78 10.16 6.58 5.69
C LYS A 78 10.30 5.23 6.42
N THR A 79 9.23 4.75 7.04
CA THR A 79 9.14 3.41 7.65
C THR A 79 9.17 2.26 6.62
N ALA A 80 8.82 2.53 5.36
CA ALA A 80 8.98 1.62 4.22
C ALA A 80 10.33 1.80 3.47
N GLY A 81 11.23 2.64 3.99
CA GLY A 81 12.54 2.94 3.38
C GLY A 81 12.53 3.98 2.26
N ILE A 82 11.41 4.70 2.09
CA ILE A 82 11.17 5.71 1.03
C ILE A 82 11.50 7.10 1.58
N SER A 83 12.41 7.83 0.92
CA SER A 83 12.76 9.21 1.31
C SER A 83 11.64 10.20 0.99
N GLU A 84 11.60 11.34 1.68
CA GLU A 84 10.60 12.40 1.47
C GLU A 84 10.63 12.95 0.04
N LYS A 85 11.81 13.00 -0.61
CA LYS A 85 11.94 13.38 -2.03
C LYS A 85 11.39 12.32 -2.98
N GLN A 86 11.58 11.04 -2.64
CA GLN A 86 11.05 9.91 -3.41
C GLN A 86 9.52 9.82 -3.32
N LEU A 87 8.94 10.03 -2.14
CA LEU A 87 7.49 10.16 -1.94
C LEU A 87 6.89 11.29 -2.80
N ARG A 88 7.62 12.40 -2.94
CA ARG A 88 7.18 13.59 -3.69
C ARG A 88 7.17 13.39 -5.20
N GLU A 89 8.19 12.72 -5.76
CA GLU A 89 8.30 12.47 -7.21
C GLU A 89 7.51 11.23 -7.71
N ALA A 90 7.21 10.28 -6.83
CA ALA A 90 6.55 9.02 -7.18
C ALA A 90 5.02 9.13 -7.47
N ASP A 91 4.39 10.27 -7.17
CA ASP A 91 2.94 10.54 -7.22
C ASP A 91 2.07 9.69 -6.26
N TYR A 92 2.26 8.36 -6.20
CA TYR A 92 1.64 7.49 -5.22
C TYR A 92 2.48 6.26 -4.82
N ILE A 93 2.25 5.80 -3.60
CA ILE A 93 2.84 4.62 -2.96
C ILE A 93 1.71 3.67 -2.54
N ILE A 94 1.91 2.38 -2.79
CA ILE A 94 1.08 1.29 -2.26
C ILE A 94 1.99 0.40 -1.40
N LEU A 95 1.67 0.19 -0.12
CA LEU A 95 2.35 -0.78 0.74
C LEU A 95 1.39 -1.95 1.04
N ILE A 96 1.77 -3.16 0.65
CA ILE A 96 0.94 -4.37 0.78
C ILE A 96 1.54 -5.30 1.84
N LEU A 97 0.71 -5.69 2.80
CA LEU A 97 1.07 -6.46 3.99
C LEU A 97 0.37 -7.83 3.95
N VAL A 98 1.13 -8.92 3.92
CA VAL A 98 0.61 -10.29 3.70
C VAL A 98 1.27 -11.35 4.60
N ARG A 99 0.58 -12.48 4.80
CA ARG A 99 1.14 -13.68 5.46
C ARG A 99 1.86 -14.65 4.51
N ASP A 100 1.69 -14.50 3.18
CA ASP A 100 2.37 -15.30 2.17
C ASP A 100 2.65 -14.48 0.89
N GLU A 101 3.86 -14.62 0.32
CA GLU A 101 4.32 -13.88 -0.86
C GLU A 101 3.46 -14.14 -2.13
N LYS A 102 2.88 -15.33 -2.28
CA LYS A 102 2.00 -15.65 -3.42
C LYS A 102 0.68 -14.89 -3.36
N LYS A 103 0.16 -14.61 -2.16
CA LYS A 103 -1.05 -13.79 -1.95
C LYS A 103 -0.80 -12.33 -2.34
N ALA A 104 0.38 -11.79 -2.03
CA ALA A 104 0.82 -10.49 -2.53
C ALA A 104 0.93 -10.47 -4.07
N LYS A 105 1.53 -11.52 -4.67
CA LYS A 105 1.66 -11.63 -6.13
C LYS A 105 0.29 -11.71 -6.82
N LYS A 106 -0.69 -12.43 -6.23
CA LYS A 106 -2.07 -12.59 -6.77
C LYS A 106 -2.85 -11.28 -6.69
N PHE A 107 -2.71 -10.54 -5.59
CA PHE A 107 -3.29 -9.19 -5.46
C PHE A 107 -2.73 -8.25 -6.54
N ALA A 108 -1.40 -8.24 -6.69
CA ALA A 108 -0.71 -7.44 -7.71
C ALA A 108 -1.05 -7.89 -9.14
N ASP A 109 -1.27 -9.19 -9.39
CA ASP A 109 -1.67 -9.69 -10.72
C ASP A 109 -3.00 -9.10 -11.18
N SER A 110 -3.95 -8.90 -10.27
CA SER A 110 -5.23 -8.24 -10.56
C SER A 110 -5.07 -6.74 -10.80
N LEU A 111 -4.26 -6.05 -9.98
CA LEU A 111 -3.92 -4.63 -10.18
C LEU A 111 -3.21 -4.40 -11.54
N ARG A 112 -2.26 -5.29 -11.91
CA ARG A 112 -1.56 -5.31 -13.21
C ARG A 112 -2.51 -5.55 -14.39
N LYS A 113 -3.54 -6.40 -14.23
CA LYS A 113 -4.57 -6.67 -15.24
C LYS A 113 -5.57 -5.52 -15.39
N LYS A 114 -5.89 -4.81 -14.29
CA LYS A 114 -6.77 -3.63 -14.26
C LYS A 114 -6.12 -2.42 -14.96
N GLY A 115 -4.83 -2.18 -14.69
CA GLY A 115 -4.04 -1.13 -15.36
C GLY A 115 -3.75 -1.42 -16.84
N SER A 116 -3.48 -0.35 -17.61
CA SER A 116 -3.20 -0.39 -19.06
C SER A 116 -4.31 -1.05 -19.92
N LEU A 117 -4.02 -1.30 -21.20
CA LEU A 117 -4.91 -1.95 -22.17
C LEU A 117 -4.96 -3.48 -21.97
N GLU A 118 -6.11 -4.08 -22.28
CA GLU A 118 -6.31 -5.55 -22.20
C GLU A 118 -5.69 -6.26 -23.42
N HIS A 119 -5.14 -7.46 -23.21
CA HIS A 119 -4.44 -8.34 -24.17
C HIS A 119 -3.23 -7.72 -24.90
N HIS A 120 -3.46 -6.73 -25.76
CA HIS A 120 -2.44 -6.05 -26.59
C HIS A 120 -1.54 -7.03 -27.39
N HIS A 121 -2.10 -8.14 -27.85
CA HIS A 121 -1.44 -9.26 -28.55
C HIS A 121 -0.21 -9.83 -27.81
N HIS A 122 -0.44 -10.82 -26.93
CA HIS A 122 0.62 -11.54 -26.20
C HIS A 122 1.63 -12.23 -27.15
N HIS A 123 1.18 -12.63 -28.34
CA HIS A 123 2.02 -13.13 -29.44
C HIS A 123 1.73 -12.34 -30.73
N HIS A 124 2.79 -11.84 -31.38
CA HIS A 124 2.73 -10.99 -32.58
C HIS A 124 4.00 -11.13 -33.46
N GLY A 1 3.93 5.72 -9.93
CA GLY A 1 3.60 4.98 -8.68
C GLY A 1 4.58 3.85 -8.42
N GLN A 2 4.69 3.41 -7.17
CA GLN A 2 5.46 2.22 -6.76
C GLN A 2 4.71 1.37 -5.73
N ILE A 3 4.97 0.06 -5.73
CA ILE A 3 4.31 -0.93 -4.87
C ILE A 3 5.37 -1.66 -4.01
N GLN A 4 5.08 -1.83 -2.72
CA GLN A 4 5.86 -2.62 -1.77
C GLN A 4 5.00 -3.70 -1.12
N TYR A 5 5.65 -4.78 -0.69
CA TYR A 5 5.01 -5.96 -0.10
C TYR A 5 5.79 -6.42 1.14
N PHE A 6 5.07 -6.72 2.23
CA PHE A 6 5.67 -7.24 3.47
C PHE A 6 4.88 -8.44 4.03
N ASN A 7 5.60 -9.46 4.49
CA ASN A 7 5.03 -10.67 5.07
C ASN A 7 5.01 -10.58 6.60
N VAL A 8 3.84 -10.75 7.23
CA VAL A 8 3.69 -10.66 8.69
C VAL A 8 4.51 -11.71 9.45
N ASP A 9 4.69 -12.90 8.86
CA ASP A 9 5.44 -14.01 9.43
C ASP A 9 6.97 -13.87 9.28
N GLU A 10 7.45 -12.96 8.42
CA GLU A 10 8.87 -12.70 8.20
C GLU A 10 9.34 -11.42 8.93
N ASN A 11 8.60 -10.32 8.78
CA ASN A 11 8.93 -9.02 9.38
C ASN A 11 7.80 -8.53 10.33
N PRO A 12 7.46 -9.27 11.41
CA PRO A 12 6.29 -8.97 12.25
C PRO A 12 6.32 -7.57 12.87
N GLU A 13 7.48 -7.14 13.38
CA GLU A 13 7.63 -5.84 14.04
C GLU A 13 7.55 -4.66 13.05
N GLN A 14 7.95 -4.87 11.79
CA GLN A 14 7.85 -3.85 10.73
C GLN A 14 6.38 -3.65 10.32
N VAL A 15 5.63 -4.75 10.12
CA VAL A 15 4.18 -4.72 9.92
C VAL A 15 3.50 -4.05 11.12
N ARG A 16 3.81 -4.47 12.36
CA ARG A 16 3.23 -3.89 13.59
C ARG A 16 3.46 -2.38 13.68
N LYS A 17 4.67 -1.92 13.35
CA LYS A 17 5.04 -0.49 13.32
C LYS A 17 4.23 0.28 12.27
N LEU A 18 3.99 -0.27 11.07
CA LEU A 18 3.12 0.37 10.08
C LEU A 18 1.69 0.58 10.59
N ILE A 19 1.10 -0.41 11.28
CA ILE A 19 -0.24 -0.29 11.87
C ILE A 19 -0.29 0.80 12.96
N GLU A 20 0.70 0.84 13.85
CA GLU A 20 0.81 1.88 14.89
C GLU A 20 1.10 3.27 14.33
N GLN A 21 1.96 3.39 13.30
CA GLN A 21 2.26 4.65 12.60
C GLN A 21 1.03 5.19 11.86
N ALA A 22 0.15 4.30 11.37
CA ALA A 22 -1.12 4.67 10.76
C ALA A 22 -2.19 5.10 11.80
N GLY A 23 -1.93 4.90 13.10
CA GLY A 23 -2.86 5.16 14.20
C GLY A 23 -3.89 4.03 14.44
N LEU A 24 -3.61 2.80 13.99
CA LEU A 24 -4.46 1.62 14.15
C LEU A 24 -3.95 0.67 15.26
N ASP A 25 -4.78 -0.30 15.64
CA ASP A 25 -4.48 -1.31 16.65
C ASP A 25 -4.05 -2.66 16.02
N PRO A 26 -2.79 -3.10 16.15
CA PRO A 26 -2.33 -4.38 15.58
C PRO A 26 -3.00 -5.60 16.23
N ASP A 27 -3.37 -5.47 17.51
CA ASP A 27 -4.15 -6.47 18.26
C ASP A 27 -5.60 -6.66 17.73
N GLU A 28 -6.18 -5.64 17.08
CA GLU A 28 -7.48 -5.73 16.42
C GLU A 28 -7.36 -6.38 15.02
N LEU A 29 -6.23 -6.15 14.34
CA LEU A 29 -5.92 -6.65 12.99
C LEU A 29 -5.21 -8.03 13.00
N ARG A 30 -5.24 -8.76 14.13
CA ARG A 30 -4.47 -10.00 14.39
C ARG A 30 -4.70 -11.11 13.35
N GLU A 31 -5.94 -11.27 12.91
CA GLU A 31 -6.39 -12.32 11.97
C GLU A 31 -6.59 -11.85 10.52
N ALA A 32 -6.25 -10.59 10.19
CA ALA A 32 -6.58 -9.95 8.93
C ALA A 32 -6.10 -10.72 7.68
N GLU A 33 -6.96 -10.79 6.65
CA GLU A 33 -6.69 -11.50 5.38
C GLU A 33 -5.74 -10.69 4.49
N VAL A 34 -6.03 -9.39 4.34
CA VAL A 34 -5.23 -8.41 3.59
C VAL A 34 -5.36 -7.03 4.23
N ILE A 35 -4.25 -6.32 4.40
CA ILE A 35 -4.24 -4.92 4.84
C ILE A 35 -3.45 -4.12 3.80
N ILE A 36 -4.07 -3.09 3.20
CA ILE A 36 -3.42 -2.23 2.20
C ILE A 36 -3.39 -0.76 2.64
N ILE A 37 -2.24 -0.16 2.42
CA ILE A 37 -1.88 1.23 2.73
C ILE A 37 -1.75 1.98 1.39
N ILE A 38 -2.56 3.02 1.19
CA ILE A 38 -2.54 3.85 -0.02
C ILE A 38 -2.14 5.28 0.35
N ILE A 39 -1.07 5.77 -0.29
CA ILE A 39 -0.51 7.11 -0.06
C ILE A 39 -0.27 7.78 -1.42
N SER A 40 -1.08 8.76 -1.79
CA SER A 40 -0.92 9.54 -3.04
C SER A 40 -0.72 11.02 -2.77
N ARG A 41 -0.14 11.74 -3.74
CA ARG A 41 0.13 13.19 -3.58
C ARG A 41 -1.14 14.06 -3.59
N THR A 42 -2.15 13.68 -4.38
CA THR A 42 -3.48 14.30 -4.45
C THR A 42 -4.57 13.38 -3.88
N PRO A 43 -5.58 13.90 -3.15
CA PRO A 43 -6.62 13.07 -2.57
C PRO A 43 -7.55 12.43 -3.60
N GLU A 44 -7.89 13.14 -4.68
CA GLU A 44 -8.73 12.60 -5.76
C GLU A 44 -8.02 11.47 -6.53
N GLN A 45 -6.68 11.49 -6.59
CA GLN A 45 -5.89 10.38 -7.12
C GLN A 45 -5.80 9.19 -6.14
N LEU A 46 -5.73 9.48 -4.83
CA LEU A 46 -5.68 8.47 -3.77
C LEU A 46 -6.99 7.64 -3.78
N GLU A 47 -8.15 8.30 -3.93
CA GLU A 47 -9.45 7.60 -3.96
C GLU A 47 -9.57 6.56 -5.08
N LYS A 48 -9.02 6.85 -6.28
CA LYS A 48 -9.07 5.91 -7.43
C LYS A 48 -8.36 4.59 -7.11
N LEU A 49 -7.23 4.66 -6.41
CA LEU A 49 -6.48 3.48 -5.96
C LEU A 49 -7.18 2.77 -4.81
N SER A 50 -7.75 3.51 -3.86
CA SER A 50 -8.54 2.94 -2.74
C SER A 50 -9.76 2.16 -3.24
N ARG A 51 -10.47 2.71 -4.22
CA ARG A 51 -11.59 2.06 -4.94
C ARG A 51 -11.15 0.83 -5.74
N GLN A 52 -9.93 0.83 -6.27
CA GLN A 52 -9.36 -0.32 -7.00
C GLN A 52 -8.97 -1.48 -6.06
N VAL A 53 -8.33 -1.22 -4.92
CA VAL A 53 -7.92 -2.27 -3.97
C VAL A 53 -9.10 -2.93 -3.24
N LYS A 54 -10.26 -2.24 -3.16
CA LYS A 54 -11.52 -2.82 -2.68
C LYS A 54 -12.03 -3.98 -3.56
N GLU A 55 -11.71 -3.99 -4.86
CA GLU A 55 -12.11 -5.08 -5.77
C GLU A 55 -11.39 -6.43 -5.47
N LEU A 56 -10.26 -6.39 -4.75
CA LEU A 56 -9.56 -7.59 -4.25
C LEU A 56 -10.18 -8.14 -2.96
N GLY A 57 -11.09 -7.39 -2.32
CA GLY A 57 -11.77 -7.79 -1.09
C GLY A 57 -10.94 -7.61 0.18
N ALA A 58 -10.11 -6.55 0.24
CA ALA A 58 -9.25 -6.25 1.38
C ALA A 58 -9.99 -6.23 2.74
N ASP A 59 -9.35 -6.74 3.79
CA ASP A 59 -9.95 -6.83 5.13
C ASP A 59 -9.85 -5.50 5.90
N ARG A 60 -8.73 -4.77 5.76
CA ARG A 60 -8.54 -3.39 6.24
C ARG A 60 -7.84 -2.49 5.23
N LEU A 61 -8.18 -1.20 5.33
CA LEU A 61 -7.70 -0.12 4.47
C LEU A 61 -7.35 1.13 5.29
N LEU A 62 -6.26 1.79 4.93
CA LEU A 62 -5.88 3.11 5.44
C LEU A 62 -5.32 4.00 4.32
N GLU A 63 -5.69 5.29 4.39
CA GLU A 63 -5.52 6.30 3.34
C GLU A 63 -4.82 7.56 3.87
N PHE A 64 -3.77 8.03 3.17
CA PHE A 64 -3.10 9.31 3.45
C PHE A 64 -2.78 10.09 2.17
N ASN A 65 -2.73 11.42 2.27
CA ASN A 65 -2.51 12.33 1.15
C ASN A 65 -1.33 13.31 1.40
N VAL A 66 -0.35 13.35 0.50
CA VAL A 66 0.94 14.07 0.74
C VAL A 66 0.76 15.58 0.82
N ASP A 67 -0.08 16.18 -0.04
CA ASP A 67 -0.21 17.65 -0.13
C ASP A 67 -0.87 18.27 1.13
N GLU A 68 -1.83 17.57 1.74
CA GLU A 68 -2.58 18.02 2.90
C GLU A 68 -1.99 17.53 4.24
N ASN A 69 -1.49 16.29 4.27
CA ASN A 69 -0.89 15.66 5.45
C ASN A 69 0.52 15.10 5.15
N PRO A 70 1.56 15.97 5.01
CA PRO A 70 2.93 15.54 4.72
C PRO A 70 3.49 14.56 5.76
N GLU A 71 3.24 14.79 7.05
CA GLU A 71 3.78 13.94 8.12
C GLU A 71 3.16 12.54 8.14
N GLN A 72 1.85 12.42 7.90
CA GLN A 72 1.15 11.13 7.89
C GLN A 72 1.66 10.23 6.75
N ALA A 73 1.94 10.82 5.58
CA ALA A 73 2.58 10.12 4.47
C ALA A 73 4.06 9.78 4.77
N SER A 74 4.79 10.73 5.36
CA SER A 74 6.25 10.64 5.58
C SER A 74 6.61 9.63 6.66
N LYS A 75 5.88 9.57 7.79
CA LYS A 75 6.10 8.60 8.88
C LYS A 75 5.96 7.14 8.41
N LEU A 76 4.96 6.85 7.58
CA LEU A 76 4.80 5.54 6.96
C LEU A 76 5.82 5.26 5.84
N ALA A 77 6.18 6.26 5.03
CA ALA A 77 7.25 6.13 4.04
C ALA A 77 8.61 5.80 4.71
N LYS A 78 8.96 6.49 5.80
CA LYS A 78 10.14 6.19 6.65
C LYS A 78 10.14 4.73 7.15
N THR A 79 8.98 4.25 7.60
CA THR A 79 8.79 2.87 8.08
C THR A 79 8.90 1.83 6.96
N ALA A 80 8.66 2.23 5.71
CA ALA A 80 8.86 1.43 4.50
C ALA A 80 10.29 1.56 3.90
N GLY A 81 11.17 2.38 4.49
CA GLY A 81 12.52 2.66 3.98
C GLY A 81 12.59 3.67 2.83
N ILE A 82 11.52 4.46 2.62
CA ILE A 82 11.33 5.41 1.53
C ILE A 82 11.71 6.84 2.00
N SER A 83 12.55 7.53 1.22
CA SER A 83 12.97 8.93 1.46
C SER A 83 11.90 9.95 1.03
N GLU A 84 11.99 11.20 1.51
CA GLU A 84 11.14 12.33 1.10
C GLU A 84 11.09 12.48 -0.42
N LYS A 85 12.27 12.39 -1.05
CA LYS A 85 12.44 12.58 -2.48
C LYS A 85 11.78 11.46 -3.28
N GLN A 86 11.98 10.22 -2.82
CA GLN A 86 11.38 9.01 -3.38
C GLN A 86 9.84 9.02 -3.25
N LEU A 87 9.31 9.47 -2.09
CA LEU A 87 7.88 9.63 -1.85
C LEU A 87 7.25 10.63 -2.84
N ARG A 88 7.94 11.73 -3.14
CA ARG A 88 7.44 12.78 -4.04
C ARG A 88 7.56 12.40 -5.51
N GLU A 89 8.68 11.84 -5.95
CA GLU A 89 8.92 11.52 -7.37
C GLU A 89 8.21 10.24 -7.84
N ALA A 90 7.87 9.33 -6.92
CA ALA A 90 7.05 8.16 -7.23
C ALA A 90 5.55 8.47 -7.39
N ASP A 91 5.10 9.68 -7.01
CA ASP A 91 3.74 10.23 -7.12
C ASP A 91 2.66 9.55 -6.25
N TYR A 92 2.66 8.21 -6.15
CA TYR A 92 1.90 7.42 -5.19
C TYR A 92 2.64 6.14 -4.77
N ILE A 93 2.46 5.75 -3.51
CA ILE A 93 2.98 4.55 -2.86
C ILE A 93 1.80 3.65 -2.49
N ILE A 94 1.97 2.36 -2.77
CA ILE A 94 1.09 1.28 -2.32
C ILE A 94 1.90 0.33 -1.44
N LEU A 95 1.42 0.04 -0.23
CA LEU A 95 2.02 -0.93 0.69
C LEU A 95 1.01 -2.05 0.99
N ILE A 96 1.38 -3.29 0.67
CA ILE A 96 0.54 -4.49 0.80
C ILE A 96 1.10 -5.40 1.91
N LEU A 97 0.26 -5.73 2.88
CA LEU A 97 0.60 -6.55 4.05
C LEU A 97 -0.14 -7.89 3.95
N VAL A 98 0.61 -8.99 3.87
CA VAL A 98 0.12 -10.34 3.54
C VAL A 98 0.76 -11.44 4.39
N ARG A 99 0.21 -12.66 4.32
CA ARG A 99 0.78 -13.85 4.97
C ARG A 99 2.03 -14.39 4.26
N ASP A 100 2.08 -14.33 2.94
CA ASP A 100 3.15 -14.89 2.09
C ASP A 100 3.28 -14.21 0.71
N GLU A 101 4.38 -14.51 0.00
CA GLU A 101 4.73 -13.89 -1.29
C GLU A 101 3.77 -14.25 -2.43
N LYS A 102 3.20 -15.46 -2.45
CA LYS A 102 2.27 -15.87 -3.52
C LYS A 102 0.91 -15.16 -3.41
N LYS A 103 0.47 -14.84 -2.18
CA LYS A 103 -0.69 -13.96 -1.93
C LYS A 103 -0.43 -12.56 -2.50
N ALA A 104 0.75 -11.98 -2.25
CA ALA A 104 1.15 -10.69 -2.83
C ALA A 104 1.16 -10.73 -4.37
N LYS A 105 1.71 -11.80 -4.99
CA LYS A 105 1.71 -11.96 -6.46
C LYS A 105 0.30 -12.10 -7.05
N LYS A 106 -0.61 -12.80 -6.37
CA LYS A 106 -2.04 -12.94 -6.75
C LYS A 106 -2.75 -11.58 -6.69
N PHE A 107 -2.48 -10.79 -5.64
CA PHE A 107 -3.03 -9.45 -5.48
C PHE A 107 -2.51 -8.51 -6.58
N ALA A 108 -1.19 -8.56 -6.83
CA ALA A 108 -0.52 -7.79 -7.87
C ALA A 108 -1.04 -8.13 -9.27
N ASP A 109 -1.40 -9.38 -9.57
CA ASP A 109 -1.92 -9.77 -10.88
C ASP A 109 -3.26 -9.10 -11.24
N SER A 110 -4.11 -8.81 -10.25
CA SER A 110 -5.36 -8.05 -10.45
C SER A 110 -5.10 -6.56 -10.67
N LEU A 111 -4.13 -5.96 -9.96
CA LEU A 111 -3.70 -4.57 -10.17
C LEU A 111 -3.00 -4.39 -11.53
N ARG A 112 -2.15 -5.35 -11.92
CA ARG A 112 -1.47 -5.44 -13.24
C ARG A 112 -2.44 -5.48 -14.43
N LYS A 113 -3.65 -6.02 -14.25
CA LYS A 113 -4.72 -6.02 -15.28
C LYS A 113 -5.20 -4.60 -15.63
N LYS A 114 -5.25 -3.69 -14.64
CA LYS A 114 -5.48 -2.25 -14.83
C LYS A 114 -4.20 -1.57 -15.34
N GLY A 115 -3.07 -1.83 -14.69
CA GLY A 115 -1.72 -1.44 -15.13
C GLY A 115 -1.39 0.06 -15.06
N SER A 116 -0.13 0.39 -15.31
CA SER A 116 0.45 1.75 -15.26
C SER A 116 0.73 2.31 -16.65
N LEU A 117 1.05 3.62 -16.72
CA LEU A 117 1.54 4.27 -17.95
C LEU A 117 2.89 3.68 -18.38
N GLU A 118 3.10 3.57 -19.70
CA GLU A 118 4.29 2.91 -20.28
C GLU A 118 5.47 3.89 -20.44
N HIS A 119 6.59 3.61 -19.77
CA HIS A 119 7.86 4.32 -19.93
C HIS A 119 8.77 3.65 -20.98
N HIS A 120 8.87 2.32 -20.93
CA HIS A 120 9.54 1.47 -21.91
C HIS A 120 8.94 0.05 -21.92
N HIS A 121 9.03 -0.66 -23.05
CA HIS A 121 8.41 -2.00 -23.22
C HIS A 121 9.25 -3.13 -22.61
N HIS A 122 10.58 -3.01 -22.66
CA HIS A 122 11.55 -4.03 -22.26
C HIS A 122 12.91 -3.41 -21.87
N HIS A 123 13.78 -4.18 -21.23
CA HIS A 123 15.15 -3.77 -20.87
C HIS A 123 16.22 -4.66 -21.54
N HIS A 124 17.49 -4.26 -21.43
CA HIS A 124 18.67 -4.88 -22.07
C HIS A 124 18.54 -4.99 -23.62
N GLY A 1 3.13 5.63 -9.96
CA GLY A 1 3.04 5.07 -8.59
C GLY A 1 3.98 3.90 -8.38
N GLN A 2 4.23 3.53 -7.13
CA GLN A 2 5.03 2.34 -6.75
C GLN A 2 4.29 1.43 -5.77
N ILE A 3 4.50 0.12 -5.89
CA ILE A 3 3.91 -0.92 -5.04
C ILE A 3 5.03 -1.63 -4.27
N GLN A 4 4.82 -1.84 -2.97
CA GLN A 4 5.75 -2.53 -2.07
C GLN A 4 5.02 -3.57 -1.21
N TYR A 5 5.72 -4.65 -0.86
CA TYR A 5 5.15 -5.84 -0.22
C TYR A 5 5.92 -6.22 1.04
N PHE A 6 5.21 -6.55 2.12
CA PHE A 6 5.80 -6.94 3.41
C PHE A 6 5.08 -8.17 3.98
N ASN A 7 5.86 -9.18 4.38
CA ASN A 7 5.32 -10.46 4.85
C ASN A 7 5.33 -10.54 6.39
N VAL A 8 4.16 -10.77 7.00
CA VAL A 8 4.04 -10.82 8.48
C VAL A 8 4.83 -11.99 9.08
N ASP A 9 4.87 -13.12 8.35
CA ASP A 9 5.54 -14.36 8.77
C ASP A 9 7.09 -14.27 8.76
N GLU A 10 7.65 -13.34 7.98
CA GLU A 10 9.09 -13.15 7.81
C GLU A 10 9.62 -11.89 8.51
N ASN A 11 8.86 -10.77 8.46
CA ASN A 11 9.24 -9.47 9.02
C ASN A 11 8.12 -8.92 9.95
N PRO A 12 7.81 -9.57 11.09
CA PRO A 12 6.72 -9.18 11.97
C PRO A 12 6.83 -7.75 12.49
N GLU A 13 8.03 -7.31 12.85
CA GLU A 13 8.28 -5.97 13.41
C GLU A 13 8.13 -4.85 12.36
N GLN A 14 8.45 -5.14 11.09
CA GLN A 14 8.21 -4.23 9.96
C GLN A 14 6.71 -4.00 9.73
N VAL A 15 5.92 -5.08 9.75
CA VAL A 15 4.46 -5.01 9.62
C VAL A 15 3.87 -4.29 10.83
N ARG A 16 4.25 -4.66 12.05
CA ARG A 16 3.82 -3.99 13.29
C ARG A 16 4.11 -2.48 13.25
N LYS A 17 5.29 -2.07 12.78
CA LYS A 17 5.65 -0.66 12.59
C LYS A 17 4.78 0.03 11.53
N LEU A 18 4.50 -0.60 10.39
CA LEU A 18 3.59 -0.04 9.37
C LEU A 18 2.16 0.15 9.89
N ILE A 19 1.62 -0.81 10.66
CA ILE A 19 0.28 -0.69 11.27
C ILE A 19 0.24 0.44 12.32
N GLU A 20 1.22 0.50 13.22
CA GLU A 20 1.35 1.55 14.24
C GLU A 20 1.60 2.95 13.65
N GLN A 21 2.44 3.06 12.61
CA GLN A 21 2.67 4.33 11.89
C GLN A 21 1.44 4.78 11.08
N ALA A 22 0.53 3.87 10.75
CA ALA A 22 -0.78 4.20 10.18
C ALA A 22 -1.85 4.49 11.26
N GLY A 23 -1.48 4.49 12.55
CA GLY A 23 -2.35 4.83 13.68
C GLY A 23 -3.27 3.70 14.15
N LEU A 24 -3.03 2.46 13.72
CA LEU A 24 -3.82 1.26 14.07
C LEU A 24 -3.10 0.39 15.11
N ASP A 25 -3.86 -0.45 15.80
CA ASP A 25 -3.35 -1.49 16.70
C ASP A 25 -3.37 -2.86 15.98
N PRO A 26 -2.25 -3.61 15.90
CA PRO A 26 -2.17 -4.88 15.19
C PRO A 26 -3.04 -5.98 15.81
N ASP A 27 -3.25 -5.96 17.14
CA ASP A 27 -4.14 -6.91 17.82
C ASP A 27 -5.64 -6.64 17.55
N GLU A 28 -6.02 -5.40 17.21
CA GLU A 28 -7.37 -5.10 16.69
C GLU A 28 -7.55 -5.55 15.23
N LEU A 29 -6.46 -5.92 14.55
CA LEU A 29 -6.40 -6.49 13.20
C LEU A 29 -5.97 -7.97 13.19
N ARG A 30 -6.13 -8.69 14.32
CA ARG A 30 -5.68 -10.09 14.51
C ARG A 30 -6.27 -11.07 13.47
N GLU A 31 -7.50 -10.80 13.02
CA GLU A 31 -8.23 -11.63 12.04
C GLU A 31 -7.83 -11.34 10.58
N ALA A 32 -7.19 -10.20 10.30
CA ALA A 32 -6.80 -9.78 8.95
C ALA A 32 -5.54 -10.50 8.43
N GLU A 33 -5.48 -10.76 7.13
CA GLU A 33 -4.37 -11.42 6.44
C GLU A 33 -3.82 -10.59 5.25
N VAL A 34 -4.66 -9.75 4.63
CA VAL A 34 -4.28 -8.78 3.59
C VAL A 34 -4.74 -7.38 3.97
N ILE A 35 -3.80 -6.43 4.09
CA ILE A 35 -4.06 -5.03 4.46
C ILE A 35 -3.27 -4.12 3.51
N ILE A 36 -3.92 -3.08 2.95
CA ILE A 36 -3.26 -2.11 2.07
C ILE A 36 -3.34 -0.69 2.62
N ILE A 37 -2.23 0.03 2.51
CA ILE A 37 -2.10 1.47 2.77
C ILE A 37 -2.05 2.18 1.40
N ILE A 38 -2.97 3.14 1.16
CA ILE A 38 -3.04 3.94 -0.07
C ILE A 38 -2.67 5.39 0.24
N ILE A 39 -1.62 5.91 -0.40
CA ILE A 39 -1.08 7.25 -0.16
C ILE A 39 -0.83 7.97 -1.50
N SER A 40 -1.56 9.03 -1.81
CA SER A 40 -1.42 9.77 -3.08
C SER A 40 -1.51 11.30 -2.92
N ARG A 41 -0.96 12.05 -3.88
CA ARG A 41 -0.90 13.52 -3.88
C ARG A 41 -2.22 14.26 -4.21
N THR A 42 -3.19 13.57 -4.79
CA THR A 42 -4.54 14.09 -5.07
C THR A 42 -5.63 13.25 -4.40
N PRO A 43 -6.75 13.87 -3.94
CA PRO A 43 -7.87 13.12 -3.38
C PRO A 43 -8.50 12.17 -4.40
N GLU A 44 -8.62 12.56 -5.66
CA GLU A 44 -9.29 11.74 -6.68
C GLU A 44 -8.52 10.45 -7.00
N GLN A 45 -7.19 10.51 -7.17
CA GLN A 45 -6.40 9.31 -7.44
C GLN A 45 -6.40 8.34 -6.25
N LEU A 46 -6.37 8.85 -5.03
CA LEU A 46 -6.39 8.03 -3.81
C LEU A 46 -7.79 7.40 -3.57
N GLU A 47 -8.88 8.11 -3.91
CA GLU A 47 -10.25 7.59 -3.95
C GLU A 47 -10.41 6.48 -5.01
N LYS A 48 -9.83 6.64 -6.20
CA LYS A 48 -9.80 5.60 -7.26
C LYS A 48 -9.03 4.36 -6.80
N LEU A 49 -7.80 4.54 -6.32
CA LEU A 49 -6.94 3.44 -5.87
C LEU A 49 -7.55 2.66 -4.70
N SER A 50 -8.17 3.35 -3.74
CA SER A 50 -8.84 2.72 -2.59
C SER A 50 -9.95 1.74 -3.04
N ARG A 51 -10.80 2.15 -3.98
CA ARG A 51 -11.82 1.26 -4.58
C ARG A 51 -11.19 0.10 -5.34
N GLN A 52 -10.11 0.35 -6.09
CA GLN A 52 -9.43 -0.67 -6.90
C GLN A 52 -8.83 -1.80 -6.05
N VAL A 53 -8.25 -1.49 -4.87
CA VAL A 53 -7.78 -2.51 -3.91
C VAL A 53 -8.90 -3.11 -3.04
N LYS A 54 -9.98 -2.36 -2.77
CA LYS A 54 -11.16 -2.87 -2.04
C LYS A 54 -11.95 -3.90 -2.86
N GLU A 55 -12.04 -3.74 -4.18
CA GLU A 55 -12.63 -4.73 -5.09
C GLU A 55 -11.86 -6.06 -5.15
N LEU A 56 -10.60 -6.08 -4.71
CA LEU A 56 -9.80 -7.30 -4.50
C LEU A 56 -10.05 -8.00 -3.16
N GLY A 57 -10.91 -7.44 -2.30
CA GLY A 57 -11.34 -8.06 -1.04
C GLY A 57 -10.32 -7.97 0.11
N ALA A 58 -9.53 -6.90 0.19
CA ALA A 58 -8.65 -6.61 1.31
C ALA A 58 -9.42 -6.56 2.66
N ASP A 59 -8.80 -7.05 3.74
CA ASP A 59 -9.45 -7.17 5.06
C ASP A 59 -9.55 -5.83 5.81
N ARG A 60 -8.56 -4.96 5.62
CA ARG A 60 -8.49 -3.60 6.18
C ARG A 60 -7.86 -2.64 5.16
N LEU A 61 -8.35 -1.40 5.16
CA LEU A 61 -7.87 -0.30 4.30
C LEU A 61 -7.68 1.00 5.09
N LEU A 62 -6.63 1.74 4.78
CA LEU A 62 -6.42 3.10 5.27
C LEU A 62 -5.74 4.01 4.23
N GLU A 63 -6.18 5.27 4.23
CA GLU A 63 -5.91 6.29 3.21
C GLU A 63 -5.22 7.54 3.79
N PHE A 64 -4.19 8.06 3.11
CA PHE A 64 -3.52 9.33 3.42
C PHE A 64 -3.24 10.16 2.15
N ASN A 65 -3.08 11.47 2.31
CA ASN A 65 -2.98 12.42 1.18
C ASN A 65 -1.65 13.18 1.27
N VAL A 66 -0.79 13.12 0.24
CA VAL A 66 0.59 13.67 0.31
C VAL A 66 0.61 15.19 0.32
N ASP A 67 -0.24 15.85 -0.47
CA ASP A 67 -0.29 17.32 -0.56
C ASP A 67 -0.98 17.99 0.64
N GLU A 68 -1.94 17.28 1.26
CA GLU A 68 -2.79 17.82 2.33
C GLU A 68 -2.33 17.41 3.74
N ASN A 69 -1.77 16.21 3.89
CA ASN A 69 -1.17 15.69 5.13
C ASN A 69 0.24 15.10 4.88
N PRO A 70 1.23 15.90 4.44
CA PRO A 70 2.60 15.43 4.19
C PRO A 70 3.25 14.84 5.45
N GLU A 71 2.91 15.36 6.64
CA GLU A 71 3.39 14.85 7.93
C GLU A 71 2.86 13.45 8.26
N GLN A 72 1.66 13.07 7.78
CA GLN A 72 1.14 11.70 7.90
C GLN A 72 1.77 10.75 6.86
N ALA A 73 2.00 11.24 5.64
CA ALA A 73 2.52 10.46 4.52
C ALA A 73 4.01 10.11 4.69
N SER A 74 4.84 11.10 5.05
CA SER A 74 6.30 10.94 5.16
C SER A 74 6.70 9.93 6.23
N LYS A 75 6.11 9.97 7.42
CA LYS A 75 6.42 9.03 8.53
C LYS A 75 6.06 7.58 8.27
N LEU A 76 5.11 7.31 7.37
CA LEU A 76 4.86 5.98 6.80
C LEU A 76 5.88 5.63 5.70
N ALA A 77 6.19 6.59 4.82
CA ALA A 77 7.18 6.45 3.76
C ALA A 77 8.60 6.14 4.30
N LYS A 78 8.98 6.70 5.46
CA LYS A 78 10.20 6.35 6.21
C LYS A 78 10.28 4.85 6.54
N THR A 79 9.18 4.24 6.99
CA THR A 79 9.11 2.81 7.32
C THR A 79 9.15 1.94 6.07
N ALA A 80 8.64 2.43 4.93
CA ALA A 80 8.74 1.78 3.63
C ALA A 80 10.11 1.99 2.92
N GLY A 81 11.07 2.70 3.55
CA GLY A 81 12.40 2.97 3.00
C GLY A 81 12.43 4.00 1.87
N ILE A 82 11.39 4.84 1.76
CA ILE A 82 11.16 5.80 0.68
C ILE A 82 11.81 7.16 1.02
N SER A 83 12.58 7.71 0.09
CA SER A 83 13.17 9.06 0.18
C SER A 83 12.15 10.17 -0.10
N GLU A 84 12.37 11.39 0.39
CA GLU A 84 11.43 12.51 0.22
C GLU A 84 11.15 12.84 -1.26
N LYS A 85 12.19 12.75 -2.12
CA LYS A 85 12.05 12.98 -3.57
C LYS A 85 11.34 11.84 -4.30
N GLN A 86 11.55 10.59 -3.85
CA GLN A 86 10.82 9.41 -4.34
C GLN A 86 9.32 9.52 -4.04
N LEU A 87 8.94 9.93 -2.82
CA LEU A 87 7.55 10.15 -2.44
C LEU A 87 6.86 11.21 -3.32
N ARG A 88 7.59 12.24 -3.76
CA ARG A 88 7.11 13.31 -4.64
C ARG A 88 7.02 12.90 -6.11
N GLU A 89 8.02 12.20 -6.66
CA GLU A 89 8.03 11.84 -8.09
C GLU A 89 7.15 10.62 -8.44
N ALA A 90 6.86 9.76 -7.46
CA ALA A 90 6.05 8.55 -7.66
C ALA A 90 4.55 8.85 -7.81
N ASP A 91 4.09 10.04 -7.42
CA ASP A 91 2.69 10.50 -7.30
C ASP A 91 1.81 9.73 -6.29
N TYR A 92 1.90 8.39 -6.25
CA TYR A 92 1.26 7.53 -5.25
C TYR A 92 2.08 6.31 -4.84
N ILE A 93 1.85 5.87 -3.61
CA ILE A 93 2.46 4.69 -2.96
C ILE A 93 1.35 3.71 -2.56
N ILE A 94 1.61 2.42 -2.81
CA ILE A 94 0.80 1.30 -2.33
C ILE A 94 1.68 0.41 -1.45
N LEU A 95 1.35 0.28 -0.16
CA LEU A 95 2.06 -0.61 0.77
C LEU A 95 1.15 -1.78 1.14
N ILE A 96 1.53 -3.00 0.76
CA ILE A 96 0.73 -4.22 0.88
C ILE A 96 1.31 -5.14 1.97
N LEU A 97 0.54 -5.36 3.03
CA LEU A 97 0.81 -6.34 4.08
C LEU A 97 0.14 -7.68 3.70
N VAL A 98 0.91 -8.77 3.74
CA VAL A 98 0.50 -10.12 3.33
C VAL A 98 1.07 -11.19 4.25
N ARG A 99 0.46 -12.39 4.29
CA ARG A 99 1.01 -13.57 4.99
C ARG A 99 1.75 -14.54 4.06
N ASP A 100 1.55 -14.45 2.74
CA ASP A 100 2.14 -15.36 1.75
C ASP A 100 2.52 -14.63 0.43
N GLU A 101 3.67 -14.99 -0.14
CA GLU A 101 4.24 -14.33 -1.34
C GLU A 101 3.51 -14.67 -2.66
N LYS A 102 2.93 -15.87 -2.80
CA LYS A 102 2.13 -16.24 -3.98
C LYS A 102 0.77 -15.54 -3.94
N LYS A 103 0.17 -15.41 -2.75
CA LYS A 103 -1.03 -14.58 -2.53
C LYS A 103 -0.77 -13.10 -2.83
N ALA A 104 0.41 -12.59 -2.46
CA ALA A 104 0.88 -11.26 -2.84
C ALA A 104 0.96 -11.08 -4.37
N LYS A 105 1.54 -12.06 -5.08
CA LYS A 105 1.61 -12.06 -6.55
C LYS A 105 0.22 -12.10 -7.19
N LYS A 106 -0.71 -12.88 -6.64
CA LYS A 106 -2.11 -13.00 -7.11
C LYS A 106 -2.87 -11.68 -6.96
N PHE A 107 -2.71 -10.99 -5.82
CA PHE A 107 -3.27 -9.67 -5.57
C PHE A 107 -2.69 -8.64 -6.57
N ALA A 108 -1.35 -8.61 -6.67
CA ALA A 108 -0.62 -7.76 -7.61
C ALA A 108 -0.98 -8.01 -9.08
N ASP A 109 -1.29 -9.24 -9.49
CA ASP A 109 -1.62 -9.56 -10.88
C ASP A 109 -2.89 -8.85 -11.36
N SER A 110 -3.87 -8.68 -10.48
CA SER A 110 -5.09 -7.91 -10.77
C SER A 110 -4.83 -6.40 -10.70
N LEU A 111 -3.99 -5.94 -9.76
CA LEU A 111 -3.52 -4.54 -9.73
C LEU A 111 -2.76 -4.16 -11.03
N ARG A 112 -1.91 -5.05 -11.56
CA ARG A 112 -1.23 -4.93 -12.86
C ARG A 112 -2.21 -4.89 -14.03
N LYS A 113 -3.26 -5.73 -14.00
CA LYS A 113 -4.33 -5.77 -15.01
C LYS A 113 -5.18 -4.48 -15.03
N LYS A 114 -5.40 -3.86 -13.87
CA LYS A 114 -6.05 -2.54 -13.76
C LYS A 114 -5.13 -1.38 -14.15
N GLY A 115 -3.83 -1.52 -13.90
CA GLY A 115 -2.75 -0.64 -14.39
C GLY A 115 -2.31 -1.00 -15.83
N SER A 116 -1.00 -0.91 -16.09
CA SER A 116 -0.34 -1.16 -17.38
C SER A 116 -0.79 -0.26 -18.54
N LEU A 117 -0.11 -0.38 -19.69
CA LEU A 117 -0.53 0.22 -20.96
C LEU A 117 -0.03 -0.60 -22.17
N GLU A 118 -0.82 -0.62 -23.24
CA GLU A 118 -0.56 -1.33 -24.50
C GLU A 118 -0.47 -0.36 -25.70
N HIS A 119 0.22 -0.76 -26.76
CA HIS A 119 0.33 0.01 -28.02
C HIS A 119 -1.05 0.27 -28.67
N HIS A 120 -1.92 -0.75 -28.64
CA HIS A 120 -3.25 -0.79 -29.28
C HIS A 120 -3.22 -0.60 -30.82
N HIS A 121 -4.37 -0.84 -31.48
CA HIS A 121 -4.55 -0.76 -32.93
C HIS A 121 -5.07 0.62 -33.41
N HIS A 122 -5.70 1.40 -32.52
CA HIS A 122 -6.40 2.64 -32.83
C HIS A 122 -6.22 3.70 -31.71
N HIS A 123 -6.29 4.99 -32.06
CA HIS A 123 -6.23 6.09 -31.11
C HIS A 123 -7.63 6.35 -30.49
N HIS A 124 -7.81 5.90 -29.23
CA HIS A 124 -9.10 5.87 -28.51
C HIS A 124 -10.22 5.16 -29.30
N GLY A 1 3.31 6.04 -9.93
CA GLY A 1 3.26 5.46 -8.57
C GLY A 1 4.19 4.27 -8.43
N GLN A 2 4.42 3.83 -7.19
CA GLN A 2 5.22 2.64 -6.86
C GLN A 2 4.53 1.73 -5.83
N ILE A 3 4.80 0.43 -5.90
CA ILE A 3 4.15 -0.62 -5.09
C ILE A 3 5.22 -1.40 -4.30
N GLN A 4 4.96 -1.64 -3.02
CA GLN A 4 5.79 -2.44 -2.11
C GLN A 4 4.95 -3.52 -1.40
N TYR A 5 5.60 -4.63 -1.03
CA TYR A 5 4.97 -5.78 -0.38
C TYR A 5 5.78 -6.21 0.85
N PHE A 6 5.10 -6.47 1.97
CA PHE A 6 5.73 -6.98 3.20
C PHE A 6 4.91 -8.13 3.78
N ASN A 7 5.59 -9.22 4.15
CA ASN A 7 4.93 -10.46 4.61
C ASN A 7 4.94 -10.55 6.15
N VAL A 8 3.77 -10.67 6.78
CA VAL A 8 3.65 -10.56 8.25
C VAL A 8 4.37 -11.71 8.98
N ASP A 9 4.32 -12.93 8.44
CA ASP A 9 5.03 -14.09 9.04
C ASP A 9 6.56 -14.07 8.83
N GLU A 10 7.08 -13.24 7.93
CA GLU A 10 8.52 -13.18 7.58
C GLU A 10 9.21 -11.91 8.08
N ASN A 11 8.50 -10.77 8.12
CA ASN A 11 8.97 -9.49 8.66
C ASN A 11 7.95 -8.90 9.67
N PRO A 12 7.73 -9.56 10.83
CA PRO A 12 6.70 -9.14 11.80
C PRO A 12 6.90 -7.71 12.31
N GLU A 13 8.14 -7.32 12.61
CA GLU A 13 8.46 -6.00 13.17
C GLU A 13 8.29 -4.86 12.15
N GLN A 14 8.52 -5.13 10.86
CA GLN A 14 8.26 -4.18 9.77
C GLN A 14 6.76 -3.87 9.67
N VAL A 15 5.92 -4.91 9.63
CA VAL A 15 4.45 -4.75 9.58
C VAL A 15 3.92 -4.11 10.87
N ARG A 16 4.39 -4.55 12.04
CA ARG A 16 4.03 -3.95 13.34
C ARG A 16 4.35 -2.45 13.38
N LYS A 17 5.53 -2.04 12.91
CA LYS A 17 5.92 -0.62 12.81
C LYS A 17 5.03 0.15 11.82
N LEU A 18 4.69 -0.42 10.66
CA LEU A 18 3.77 0.20 9.70
C LEU A 18 2.36 0.45 10.30
N ILE A 19 1.78 -0.56 10.96
CA ILE A 19 0.45 -0.46 11.59
C ILE A 19 0.45 0.56 12.74
N GLU A 20 1.47 0.55 13.60
CA GLU A 20 1.60 1.51 14.69
C GLU A 20 1.87 2.95 14.20
N GLN A 21 2.68 3.14 13.15
CA GLN A 21 2.90 4.46 12.53
C GLN A 21 1.67 4.98 11.78
N ALA A 22 0.78 4.10 11.32
CA ALA A 22 -0.53 4.45 10.79
C ALA A 22 -1.57 4.79 11.91
N GLY A 23 -1.19 4.63 13.19
CA GLY A 23 -2.02 4.92 14.36
C GLY A 23 -2.98 3.78 14.76
N LEU A 24 -2.74 2.55 14.30
CA LEU A 24 -3.57 1.36 14.58
C LEU A 24 -2.93 0.42 15.61
N ASP A 25 -3.76 -0.45 16.19
CA ASP A 25 -3.35 -1.49 17.14
C ASP A 25 -3.24 -2.85 16.41
N PRO A 26 -2.03 -3.41 16.20
CA PRO A 26 -1.86 -4.68 15.46
C PRO A 26 -2.42 -5.88 16.23
N ASP A 27 -2.39 -5.86 17.56
CA ASP A 27 -2.95 -6.90 18.44
C ASP A 27 -4.49 -7.02 18.32
N GLU A 28 -5.18 -5.94 17.96
CA GLU A 28 -6.63 -5.91 17.73
C GLU A 28 -7.02 -6.33 16.30
N LEU A 29 -6.05 -6.41 15.38
CA LEU A 29 -6.24 -6.71 13.95
C LEU A 29 -6.01 -8.20 13.61
N ARG A 30 -6.08 -9.09 14.61
CA ARG A 30 -5.72 -10.53 14.54
C ARG A 30 -6.51 -11.31 13.48
N GLU A 31 -7.75 -10.92 13.20
CA GLU A 31 -8.64 -11.58 12.24
C GLU A 31 -8.32 -11.24 10.76
N ALA A 32 -7.54 -10.18 10.50
CA ALA A 32 -7.20 -9.74 9.15
C ALA A 32 -6.11 -10.60 8.48
N GLU A 33 -6.22 -10.79 7.16
CA GLU A 33 -5.28 -11.52 6.31
C GLU A 33 -4.62 -10.60 5.25
N VAL A 34 -5.36 -9.62 4.73
CA VAL A 34 -4.91 -8.67 3.70
C VAL A 34 -5.20 -7.23 4.12
N ILE A 35 -4.15 -6.40 4.20
CA ILE A 35 -4.22 -4.97 4.56
C ILE A 35 -3.46 -4.16 3.52
N ILE A 36 -4.03 -3.05 3.03
CA ILE A 36 -3.36 -2.13 2.10
C ILE A 36 -3.25 -0.72 2.69
N ILE A 37 -2.09 -0.10 2.50
CA ILE A 37 -1.82 1.31 2.78
C ILE A 37 -1.77 2.06 1.44
N ILE A 38 -2.67 3.04 1.27
CA ILE A 38 -2.75 3.89 0.06
C ILE A 38 -2.37 5.32 0.43
N ILE A 39 -1.29 5.82 -0.17
CA ILE A 39 -0.70 7.12 0.15
C ILE A 39 -0.42 7.88 -1.16
N SER A 40 -1.24 8.87 -1.50
CA SER A 40 -1.09 9.72 -2.69
C SER A 40 -0.91 11.20 -2.32
N ARG A 41 -0.52 12.08 -3.25
CA ARG A 41 -0.48 13.52 -2.96
C ARG A 41 -1.88 14.11 -2.75
N THR A 42 -2.85 13.76 -3.61
CA THR A 42 -4.18 14.41 -3.65
C THR A 42 -5.31 13.43 -3.28
N PRO A 43 -6.38 13.90 -2.62
CA PRO A 43 -7.55 13.05 -2.32
C PRO A 43 -8.26 12.58 -3.60
N GLU A 44 -8.26 13.39 -4.67
CA GLU A 44 -8.90 13.06 -5.94
C GLU A 44 -8.17 11.96 -6.72
N GLN A 45 -6.86 11.79 -6.54
CA GLN A 45 -6.13 10.63 -7.07
C GLN A 45 -6.25 9.41 -6.15
N LEU A 46 -6.14 9.59 -4.83
CA LEU A 46 -6.19 8.49 -3.85
C LEU A 46 -7.57 7.81 -3.80
N GLU A 47 -8.66 8.55 -4.04
CA GLU A 47 -10.02 7.99 -4.21
C GLU A 47 -10.14 7.00 -5.37
N LYS A 48 -9.34 7.14 -6.44
CA LYS A 48 -9.33 6.16 -7.55
C LYS A 48 -8.68 4.84 -7.13
N LEU A 49 -7.62 4.91 -6.31
CA LEU A 49 -6.90 3.76 -5.78
C LEU A 49 -7.69 3.03 -4.69
N SER A 50 -8.43 3.75 -3.85
CA SER A 50 -9.18 3.16 -2.72
C SER A 50 -10.31 2.24 -3.20
N ARG A 51 -11.09 2.69 -4.20
CA ARG A 51 -12.14 1.87 -4.85
C ARG A 51 -11.56 0.77 -5.74
N GLN A 52 -10.32 0.91 -6.24
CA GLN A 52 -9.61 -0.14 -6.95
C GLN A 52 -9.26 -1.31 -6.01
N VAL A 53 -8.58 -1.07 -4.87
CA VAL A 53 -8.19 -2.16 -3.95
C VAL A 53 -9.37 -2.82 -3.24
N LYS A 54 -10.51 -2.12 -3.12
CA LYS A 54 -11.79 -2.70 -2.67
C LYS A 54 -12.24 -3.90 -3.52
N GLU A 55 -11.90 -3.96 -4.82
CA GLU A 55 -12.26 -5.07 -5.71
C GLU A 55 -11.58 -6.40 -5.32
N LEU A 56 -10.47 -6.32 -4.58
CA LEU A 56 -9.68 -7.46 -4.08
C LEU A 56 -10.11 -7.94 -2.69
N GLY A 57 -11.10 -7.28 -2.07
CA GLY A 57 -11.75 -7.75 -0.84
C GLY A 57 -10.89 -7.65 0.42
N ALA A 58 -10.01 -6.63 0.49
CA ALA A 58 -9.16 -6.32 1.64
C ALA A 58 -9.92 -6.28 2.98
N ASP A 59 -9.28 -6.73 4.07
CA ASP A 59 -9.86 -6.69 5.43
C ASP A 59 -9.77 -5.30 6.06
N ARG A 60 -8.71 -4.55 5.74
CA ARG A 60 -8.44 -3.18 6.22
C ARG A 60 -7.75 -2.36 5.14
N LEU A 61 -8.16 -1.10 5.02
CA LEU A 61 -7.56 -0.08 4.15
C LEU A 61 -7.17 1.16 4.99
N LEU A 62 -6.04 1.76 4.64
CA LEU A 62 -5.61 3.07 5.13
C LEU A 62 -5.53 4.07 3.97
N GLU A 63 -6.07 5.26 4.19
CA GLU A 63 -6.03 6.38 3.24
C GLU A 63 -5.30 7.58 3.89
N PHE A 64 -4.11 7.93 3.39
CA PHE A 64 -3.37 9.13 3.78
C PHE A 64 -3.02 9.98 2.55
N ASN A 65 -2.94 11.29 2.70
CA ASN A 65 -2.61 12.21 1.61
C ASN A 65 -1.45 13.16 1.94
N VAL A 66 -0.44 13.23 1.06
CA VAL A 66 0.82 13.98 1.32
C VAL A 66 0.58 15.48 1.39
N ASP A 67 -0.35 16.04 0.61
CA ASP A 67 -0.55 17.49 0.53
C ASP A 67 -1.24 18.09 1.77
N GLU A 68 -2.11 17.32 2.45
CA GLU A 68 -2.79 17.76 3.69
C GLU A 68 -2.21 17.14 4.97
N ASN A 69 -1.75 15.89 4.93
CA ASN A 69 -1.13 15.17 6.06
C ASN A 69 0.30 14.71 5.73
N PRO A 70 1.26 15.63 5.49
CA PRO A 70 2.63 15.27 5.12
C PRO A 70 3.34 14.46 6.21
N GLU A 71 3.09 14.74 7.49
CA GLU A 71 3.67 13.98 8.61
C GLU A 71 3.16 12.53 8.65
N GLN A 72 1.85 12.33 8.47
CA GLN A 72 1.25 10.98 8.51
C GLN A 72 1.71 10.15 7.29
N ALA A 73 1.72 10.75 6.11
CA ALA A 73 2.18 10.09 4.89
C ALA A 73 3.68 9.77 4.93
N SER A 74 4.52 10.70 5.40
CA SER A 74 5.97 10.49 5.47
C SER A 74 6.38 9.50 6.56
N LYS A 75 5.69 9.43 7.71
CA LYS A 75 5.93 8.41 8.75
C LYS A 75 5.85 6.97 8.21
N LEU A 76 4.85 6.68 7.37
CA LEU A 76 4.73 5.41 6.65
C LEU A 76 5.80 5.25 5.56
N ALA A 77 6.04 6.29 4.75
CA ALA A 77 7.07 6.27 3.70
C ALA A 77 8.49 6.01 4.25
N LYS A 78 8.84 6.61 5.39
CA LYS A 78 10.11 6.42 6.13
C LYS A 78 10.28 4.96 6.57
N THR A 79 9.21 4.35 7.10
CA THR A 79 9.19 2.92 7.45
C THR A 79 9.28 2.01 6.21
N ALA A 80 8.78 2.45 5.06
CA ALA A 80 8.88 1.75 3.78
C ALA A 80 10.24 1.93 3.06
N GLY A 81 11.16 2.74 3.60
CA GLY A 81 12.48 3.02 3.02
C GLY A 81 12.49 4.11 1.94
N ILE A 82 11.44 4.93 1.87
CA ILE A 82 11.20 5.96 0.85
C ILE A 82 11.76 7.32 1.29
N SER A 83 12.47 8.00 0.40
CA SER A 83 12.95 9.39 0.57
C SER A 83 11.87 10.43 0.27
N GLU A 84 11.98 11.65 0.82
CA GLU A 84 11.09 12.78 0.50
C GLU A 84 10.95 13.02 -1.00
N LYS A 85 12.05 12.87 -1.75
CA LYS A 85 12.12 13.11 -3.18
C LYS A 85 11.36 12.03 -3.97
N GLN A 86 11.48 10.78 -3.56
CA GLN A 86 10.67 9.66 -4.07
C GLN A 86 9.19 9.83 -3.75
N LEU A 87 8.84 10.23 -2.52
CA LEU A 87 7.46 10.45 -2.10
C LEU A 87 6.76 11.57 -2.91
N ARG A 88 7.52 12.60 -3.31
CA ARG A 88 7.04 13.72 -4.14
C ARG A 88 6.94 13.36 -5.62
N GLU A 89 7.94 12.68 -6.17
CA GLU A 89 8.03 12.41 -7.62
C GLU A 89 7.19 11.20 -8.09
N ALA A 90 6.87 10.27 -7.19
CA ALA A 90 6.10 9.06 -7.53
C ALA A 90 4.59 9.30 -7.64
N ASP A 91 4.09 10.45 -7.18
CA ASP A 91 2.67 10.83 -6.98
C ASP A 91 1.86 9.94 -6.01
N TYR A 92 1.98 8.61 -6.08
CA TYR A 92 1.34 7.67 -5.15
C TYR A 92 2.18 6.43 -4.82
N ILE A 93 2.05 5.97 -3.59
CA ILE A 93 2.70 4.80 -2.99
C ILE A 93 1.61 3.83 -2.53
N ILE A 94 1.82 2.54 -2.79
CA ILE A 94 0.98 1.43 -2.34
C ILE A 94 1.83 0.45 -1.51
N LEU A 95 1.41 0.14 -0.29
CA LEU A 95 2.00 -0.94 0.54
C LEU A 95 0.97 -2.03 0.77
N ILE A 96 1.30 -3.27 0.42
CA ILE A 96 0.44 -4.45 0.55
C ILE A 96 1.00 -5.40 1.62
N LEU A 97 0.20 -5.67 2.65
CA LEU A 97 0.49 -6.62 3.72
C LEU A 97 -0.29 -7.92 3.51
N VAL A 98 0.46 -9.02 3.38
CA VAL A 98 -0.04 -10.40 3.20
C VAL A 98 0.82 -11.38 4.03
N ARG A 99 0.57 -12.69 3.99
CA ARG A 99 1.37 -13.70 4.72
C ARG A 99 2.46 -14.40 3.90
N ASP A 100 2.39 -14.37 2.57
CA ASP A 100 3.28 -15.13 1.67
C ASP A 100 3.49 -14.47 0.30
N GLU A 101 4.62 -14.76 -0.36
CA GLU A 101 4.99 -14.24 -1.69
C GLU A 101 4.01 -14.64 -2.81
N LYS A 102 3.42 -15.84 -2.78
CA LYS A 102 2.39 -16.25 -3.76
C LYS A 102 1.09 -15.49 -3.53
N LYS A 103 0.77 -15.16 -2.28
CA LYS A 103 -0.36 -14.29 -1.88
C LYS A 103 -0.14 -12.85 -2.41
N ALA A 104 1.09 -12.34 -2.29
CA ALA A 104 1.49 -11.04 -2.83
C ALA A 104 1.38 -11.00 -4.36
N LYS A 105 1.90 -12.03 -5.05
CA LYS A 105 1.76 -12.18 -6.51
C LYS A 105 0.29 -12.25 -6.93
N LYS A 106 -0.57 -12.98 -6.22
CA LYS A 106 -2.00 -13.10 -6.63
C LYS A 106 -2.76 -11.78 -6.49
N PHE A 107 -2.42 -10.95 -5.50
CA PHE A 107 -2.95 -9.58 -5.38
C PHE A 107 -2.41 -8.69 -6.52
N ALA A 108 -1.10 -8.73 -6.77
CA ALA A 108 -0.43 -7.98 -7.83
C ALA A 108 -0.96 -8.33 -9.23
N ASP A 109 -1.28 -9.61 -9.46
CA ASP A 109 -1.75 -10.14 -10.74
C ASP A 109 -3.03 -9.44 -11.24
N SER A 110 -3.95 -9.10 -10.32
CA SER A 110 -5.17 -8.34 -10.61
C SER A 110 -4.91 -6.84 -10.74
N LEU A 111 -4.02 -6.25 -9.94
CA LEU A 111 -3.63 -4.84 -10.05
C LEU A 111 -2.95 -4.54 -11.40
N ARG A 112 -2.08 -5.45 -11.89
CA ARG A 112 -1.39 -5.36 -13.20
C ARG A 112 -2.34 -5.20 -14.39
N LYS A 113 -3.57 -5.75 -14.32
CA LYS A 113 -4.61 -5.62 -15.38
C LYS A 113 -4.99 -4.16 -15.68
N LYS A 114 -4.84 -3.26 -14.71
CA LYS A 114 -5.13 -1.81 -14.83
C LYS A 114 -4.10 -1.06 -15.71
N GLY A 115 -2.91 -1.64 -15.91
CA GLY A 115 -1.82 -1.06 -16.71
C GLY A 115 -1.11 0.13 -16.05
N SER A 116 -0.36 0.90 -16.85
CA SER A 116 0.42 2.07 -16.43
C SER A 116 0.35 3.21 -17.47
N LEU A 117 0.62 4.44 -17.02
CA LEU A 117 0.63 5.65 -17.86
C LEU A 117 1.95 5.78 -18.63
N GLU A 118 1.90 6.32 -19.84
CA GLU A 118 3.08 6.51 -20.71
C GLU A 118 3.98 7.64 -20.18
N HIS A 119 5.31 7.43 -20.23
CA HIS A 119 6.37 8.30 -19.68
C HIS A 119 6.33 8.54 -18.15
N HIS A 120 5.22 8.23 -17.48
CA HIS A 120 5.04 8.34 -16.03
C HIS A 120 5.81 7.27 -15.24
N HIS A 121 5.92 6.05 -15.78
CA HIS A 121 6.62 4.92 -15.16
C HIS A 121 8.13 4.88 -15.51
N HIS A 122 8.95 4.43 -14.56
CA HIS A 122 10.38 4.19 -14.72
C HIS A 122 10.88 3.13 -13.73
N HIS A 123 12.13 2.66 -13.88
CA HIS A 123 12.73 1.59 -13.07
C HIS A 123 12.94 1.95 -11.58
N HIS A 124 13.04 3.26 -11.26
CA HIS A 124 13.21 3.81 -9.91
C HIS A 124 12.56 5.20 -9.79
N GLY A 1 2.48 6.38 -10.13
CA GLY A 1 2.21 5.50 -8.97
C GLY A 1 3.21 4.37 -8.87
N GLN A 2 3.45 3.85 -7.65
CA GLN A 2 4.27 2.66 -7.40
C GLN A 2 3.69 1.77 -6.28
N ILE A 3 4.11 0.50 -6.24
CA ILE A 3 3.59 -0.54 -5.33
C ILE A 3 4.74 -1.21 -4.57
N GLN A 4 4.53 -1.50 -3.28
CA GLN A 4 5.44 -2.25 -2.42
C GLN A 4 4.71 -3.39 -1.70
N TYR A 5 5.42 -4.49 -1.42
CA TYR A 5 4.90 -5.68 -0.75
C TYR A 5 5.76 -6.04 0.46
N PHE A 6 5.13 -6.33 1.60
CA PHE A 6 5.79 -6.76 2.83
C PHE A 6 5.07 -7.98 3.43
N ASN A 7 5.85 -9.00 3.81
CA ASN A 7 5.32 -10.25 4.36
C ASN A 7 5.39 -10.24 5.90
N VAL A 8 4.24 -10.44 6.57
CA VAL A 8 4.16 -10.31 8.05
C VAL A 8 5.01 -11.35 8.80
N ASP A 9 5.13 -12.55 8.25
CA ASP A 9 5.95 -13.63 8.81
C ASP A 9 7.46 -13.49 8.50
N GLU A 10 7.84 -12.60 7.58
CA GLU A 10 9.23 -12.38 7.13
C GLU A 10 9.84 -11.08 7.66
N ASN A 11 9.07 -9.98 7.68
CA ASN A 11 9.44 -8.69 8.28
C ASN A 11 8.39 -8.20 9.30
N PRO A 12 8.19 -8.92 10.42
CA PRO A 12 7.14 -8.62 11.41
C PRO A 12 7.22 -7.20 11.97
N GLU A 13 8.42 -6.74 12.31
CA GLU A 13 8.63 -5.41 12.91
C GLU A 13 8.41 -4.26 11.93
N GLN A 14 8.65 -4.47 10.64
CA GLN A 14 8.40 -3.49 9.58
C GLN A 14 6.89 -3.31 9.36
N VAL A 15 6.15 -4.42 9.25
CA VAL A 15 4.68 -4.41 9.19
C VAL A 15 4.09 -3.79 10.46
N ARG A 16 4.57 -4.19 11.65
CA ARG A 16 4.13 -3.61 12.93
C ARG A 16 4.27 -2.09 12.95
N LYS A 17 5.43 -1.57 12.50
CA LYS A 17 5.69 -0.13 12.43
C LYS A 17 4.75 0.55 11.43
N LEU A 18 4.47 -0.04 10.27
CA LEU A 18 3.47 0.49 9.32
C LEU A 18 2.05 0.55 9.92
N ILE A 19 1.58 -0.50 10.60
CA ILE A 19 0.25 -0.52 11.23
C ILE A 19 0.13 0.55 12.33
N GLU A 20 1.14 0.65 13.21
CA GLU A 20 1.15 1.63 14.32
C GLU A 20 1.35 3.07 13.81
N GLN A 21 2.19 3.31 12.80
CA GLN A 21 2.34 4.64 12.17
C GLN A 21 1.08 5.06 11.41
N ALA A 22 0.31 4.11 10.86
CA ALA A 22 -1.01 4.38 10.27
C ALA A 22 -2.13 4.54 11.33
N GLY A 23 -1.80 4.47 12.62
CA GLY A 23 -2.70 4.73 13.75
C GLY A 23 -3.56 3.55 14.22
N LEU A 24 -3.23 2.31 13.82
CA LEU A 24 -3.97 1.10 14.16
C LEU A 24 -3.23 0.25 15.21
N ASP A 25 -3.97 -0.61 15.91
CA ASP A 25 -3.45 -1.54 16.90
C ASP A 25 -3.22 -2.94 16.28
N PRO A 26 -1.97 -3.40 16.07
CA PRO A 26 -1.68 -4.66 15.40
C PRO A 26 -2.14 -5.89 16.19
N ASP A 27 -2.14 -5.80 17.53
CA ASP A 27 -2.64 -6.85 18.43
C ASP A 27 -4.17 -7.03 18.38
N GLU A 28 -4.92 -5.99 18.00
CA GLU A 28 -6.39 -6.05 17.88
C GLU A 28 -6.83 -6.62 16.51
N LEU A 29 -6.04 -6.42 15.46
CA LEU A 29 -6.30 -6.90 14.09
C LEU A 29 -5.84 -8.37 13.87
N ARG A 30 -6.09 -9.23 14.88
CA ARG A 30 -5.71 -10.66 14.90
C ARG A 30 -6.33 -11.47 13.75
N GLU A 31 -7.55 -11.14 13.34
CA GLU A 31 -8.30 -11.87 12.30
C GLU A 31 -8.06 -11.36 10.87
N ALA A 32 -7.29 -10.28 10.69
CA ALA A 32 -6.90 -9.74 9.38
C ALA A 32 -5.60 -10.36 8.87
N GLU A 33 -5.50 -10.60 7.55
CA GLU A 33 -4.33 -11.20 6.88
C GLU A 33 -3.99 -10.56 5.52
N VAL A 34 -4.86 -9.70 4.97
CA VAL A 34 -4.59 -8.85 3.79
C VAL A 34 -4.97 -7.40 4.14
N ILE A 35 -3.98 -6.50 4.21
CA ILE A 35 -4.15 -5.09 4.59
C ILE A 35 -3.38 -4.21 3.59
N ILE A 36 -4.02 -3.16 3.07
CA ILE A 36 -3.39 -2.20 2.14
C ILE A 36 -3.48 -0.76 2.66
N ILE A 37 -2.38 -0.01 2.51
CA ILE A 37 -2.32 1.44 2.71
C ILE A 37 -2.33 2.12 1.34
N ILE A 38 -3.22 3.09 1.15
CA ILE A 38 -3.27 3.93 -0.05
C ILE A 38 -2.88 5.36 0.32
N ILE A 39 -1.79 5.85 -0.28
CA ILE A 39 -1.26 7.20 -0.08
C ILE A 39 -1.16 7.90 -1.44
N SER A 40 -2.03 8.86 -1.74
CA SER A 40 -2.02 9.60 -3.04
C SER A 40 -1.78 11.10 -2.89
N ARG A 41 -1.47 11.78 -4.01
CA ARG A 41 -1.31 13.24 -4.09
C ARG A 41 -2.62 14.00 -4.33
N THR A 42 -3.71 13.32 -4.68
CA THR A 42 -5.07 13.90 -4.75
C THR A 42 -6.09 12.98 -4.08
N PRO A 43 -7.15 13.51 -3.43
CA PRO A 43 -8.13 12.67 -2.74
C PRO A 43 -9.02 11.88 -3.71
N GLU A 44 -9.25 12.38 -4.93
CA GLU A 44 -10.01 11.67 -5.97
C GLU A 44 -9.24 10.45 -6.49
N GLN A 45 -7.91 10.57 -6.69
CA GLN A 45 -7.08 9.43 -7.08
C GLN A 45 -6.94 8.44 -5.92
N LEU A 46 -6.84 8.89 -4.66
CA LEU A 46 -6.84 8.00 -3.50
C LEU A 46 -8.18 7.24 -3.40
N GLU A 47 -9.32 7.89 -3.67
CA GLU A 47 -10.63 7.23 -3.75
C GLU A 47 -10.68 6.14 -4.84
N LYS A 48 -10.24 6.48 -6.07
CA LYS A 48 -10.15 5.53 -7.19
C LYS A 48 -9.29 4.31 -6.84
N LEU A 49 -8.12 4.50 -6.25
CA LEU A 49 -7.20 3.44 -5.85
C LEU A 49 -7.74 2.61 -4.69
N SER A 50 -8.36 3.24 -3.70
CA SER A 50 -9.00 2.58 -2.55
C SER A 50 -10.17 1.69 -3.00
N ARG A 51 -10.95 2.14 -3.98
CA ARG A 51 -11.99 1.33 -4.64
C ARG A 51 -11.40 0.20 -5.50
N GLN A 52 -10.27 0.42 -6.16
CA GLN A 52 -9.60 -0.58 -6.99
C GLN A 52 -9.02 -1.75 -6.16
N VAL A 53 -8.30 -1.48 -5.08
CA VAL A 53 -7.73 -2.54 -4.21
C VAL A 53 -8.80 -3.29 -3.42
N LYS A 54 -9.91 -2.62 -3.10
CA LYS A 54 -11.07 -3.23 -2.42
C LYS A 54 -11.81 -4.26 -3.29
N GLU A 55 -11.57 -4.32 -4.60
CA GLU A 55 -12.03 -5.41 -5.49
C GLU A 55 -11.39 -6.77 -5.16
N LEU A 56 -10.18 -6.79 -4.58
CA LEU A 56 -9.51 -8.02 -4.11
C LEU A 56 -10.05 -8.48 -2.75
N GLY A 57 -10.78 -7.61 -2.04
CA GLY A 57 -11.49 -7.96 -0.80
C GLY A 57 -10.63 -7.90 0.47
N ALA A 58 -9.68 -6.95 0.52
CA ALA A 58 -8.82 -6.67 1.67
C ALA A 58 -9.59 -6.56 3.01
N ASP A 59 -8.99 -7.06 4.10
CA ASP A 59 -9.62 -7.10 5.43
C ASP A 59 -9.69 -5.71 6.11
N ARG A 60 -8.66 -4.89 5.86
CA ARG A 60 -8.52 -3.52 6.37
C ARG A 60 -7.92 -2.63 5.28
N LEU A 61 -8.48 -1.44 5.14
CA LEU A 61 -8.01 -0.37 4.28
C LEU A 61 -7.83 0.93 5.09
N LEU A 62 -6.72 1.62 4.90
CA LEU A 62 -6.44 2.93 5.49
C LEU A 62 -5.86 3.90 4.45
N GLU A 63 -6.30 5.15 4.55
CA GLU A 63 -6.16 6.17 3.50
C GLU A 63 -5.43 7.45 3.98
N PHE A 64 -4.50 7.94 3.16
CA PHE A 64 -3.79 9.21 3.36
C PHE A 64 -3.66 10.01 2.06
N ASN A 65 -3.72 11.35 2.16
CA ASN A 65 -3.56 12.27 1.04
C ASN A 65 -2.47 13.31 1.33
N VAL A 66 -1.48 13.44 0.43
CA VAL A 66 -0.36 14.40 0.54
C VAL A 66 -0.86 15.86 0.50
N ASP A 67 -1.95 16.15 -0.20
CA ASP A 67 -2.51 17.50 -0.31
C ASP A 67 -3.13 18.02 1.00
N GLU A 68 -3.61 17.12 1.86
CA GLU A 68 -4.26 17.43 3.14
C GLU A 68 -3.33 17.19 4.35
N ASN A 69 -2.60 16.07 4.37
CA ASN A 69 -1.70 15.66 5.46
C ASN A 69 -0.33 15.21 4.91
N PRO A 70 0.52 16.14 4.41
CA PRO A 70 1.81 15.80 3.81
C PRO A 70 2.78 15.13 4.80
N GLU A 71 2.79 15.54 6.06
CA GLU A 71 3.64 14.95 7.10
C GLU A 71 3.22 13.51 7.45
N GLN A 72 1.91 13.23 7.49
CA GLN A 72 1.39 11.89 7.80
C GLN A 72 1.60 10.91 6.64
N ALA A 73 1.51 11.40 5.41
CA ALA A 73 1.89 10.65 4.21
C ALA A 73 3.41 10.39 4.17
N SER A 74 4.23 11.40 4.48
CA SER A 74 5.69 11.32 4.45
C SER A 74 6.23 10.35 5.49
N LYS A 75 5.77 10.39 6.74
CA LYS A 75 6.22 9.47 7.81
C LYS A 75 5.90 8.00 7.54
N LEU A 76 4.76 7.70 6.90
CA LEU A 76 4.43 6.35 6.44
C LEU A 76 5.28 5.92 5.22
N ALA A 77 5.53 6.82 4.27
CA ALA A 77 6.41 6.56 3.14
C ALA A 77 7.87 6.29 3.59
N LYS A 78 8.37 7.06 4.57
CA LYS A 78 9.67 6.87 5.23
C LYS A 78 9.79 5.50 5.93
N THR A 79 8.71 5.02 6.55
CA THR A 79 8.63 3.67 7.15
C THR A 79 8.72 2.54 6.09
N ALA A 80 8.39 2.85 4.83
CA ALA A 80 8.58 1.97 3.67
C ALA A 80 9.86 2.30 2.84
N GLY A 81 10.77 3.13 3.38
CA GLY A 81 12.08 3.46 2.79
C GLY A 81 12.11 4.61 1.78
N ILE A 82 11.02 5.38 1.65
CA ILE A 82 10.83 6.43 0.63
C ILE A 82 11.28 7.81 1.16
N SER A 83 12.10 8.52 0.37
CA SER A 83 12.51 9.91 0.61
C SER A 83 11.50 10.93 0.05
N GLU A 84 11.53 12.19 0.51
CA GLU A 84 10.55 13.21 0.08
C GLU A 84 10.51 13.47 -1.44
N LYS A 85 11.68 13.45 -2.10
CA LYS A 85 11.78 13.58 -3.57
C LYS A 85 11.17 12.38 -4.30
N GLN A 86 11.33 11.18 -3.74
CA GLN A 86 10.76 9.95 -4.28
C GLN A 86 9.23 9.93 -4.13
N LEU A 87 8.70 10.39 -2.99
CA LEU A 87 7.26 10.56 -2.76
C LEU A 87 6.63 11.58 -3.73
N ARG A 88 7.34 12.66 -4.05
CA ARG A 88 6.90 13.70 -5.00
C ARG A 88 6.82 13.19 -6.44
N GLU A 89 7.83 12.44 -6.91
CA GLU A 89 7.86 11.93 -8.29
C GLU A 89 6.99 10.66 -8.51
N ALA A 90 6.72 9.91 -7.45
CA ALA A 90 5.93 8.66 -7.52
C ALA A 90 4.40 8.87 -7.61
N ASP A 91 3.89 10.08 -7.32
CA ASP A 91 2.48 10.53 -7.30
C ASP A 91 1.48 9.77 -6.40
N TYR A 92 1.48 8.43 -6.36
CA TYR A 92 0.78 7.63 -5.35
C TYR A 92 1.57 6.36 -5.00
N ILE A 93 1.41 5.90 -3.75
CA ILE A 93 2.06 4.70 -3.22
C ILE A 93 0.99 3.72 -2.71
N ILE A 94 1.15 2.45 -3.06
CA ILE A 94 0.37 1.32 -2.51
C ILE A 94 1.29 0.44 -1.68
N LEU A 95 1.02 0.29 -0.38
CA LEU A 95 1.78 -0.58 0.54
C LEU A 95 0.90 -1.79 0.88
N ILE A 96 1.31 -2.98 0.43
CA ILE A 96 0.54 -4.23 0.53
C ILE A 96 1.15 -5.13 1.61
N LEU A 97 0.34 -5.51 2.59
CA LEU A 97 0.72 -6.29 3.76
C LEU A 97 -0.05 -7.62 3.73
N VAL A 98 0.68 -8.73 3.55
CA VAL A 98 0.11 -10.10 3.44
C VAL A 98 0.98 -11.11 4.19
N ARG A 99 0.47 -12.32 4.47
CA ARG A 99 1.30 -13.40 5.04
C ARG A 99 2.01 -14.25 3.99
N ASP A 100 1.36 -14.53 2.86
CA ASP A 100 1.83 -15.49 1.84
C ASP A 100 2.25 -14.81 0.52
N GLU A 101 3.29 -15.33 -0.12
CA GLU A 101 3.76 -14.85 -1.44
C GLU A 101 2.75 -15.11 -2.57
N LYS A 102 1.91 -16.15 -2.44
CA LYS A 102 0.80 -16.44 -3.38
C LYS A 102 -0.28 -15.35 -3.33
N LYS A 103 -0.56 -14.82 -2.14
CA LYS A 103 -1.49 -13.68 -1.93
C LYS A 103 -0.90 -12.38 -2.46
N ALA A 104 0.41 -12.16 -2.29
CA ALA A 104 1.12 -11.05 -2.93
C ALA A 104 1.03 -11.11 -4.45
N LYS A 105 1.30 -12.27 -5.08
CA LYS A 105 1.22 -12.41 -6.55
C LYS A 105 -0.22 -12.33 -7.07
N LYS A 106 -1.24 -12.79 -6.34
CA LYS A 106 -2.65 -12.57 -6.73
C LYS A 106 -3.02 -11.09 -6.71
N PHE A 107 -2.50 -10.32 -5.77
CA PHE A 107 -2.69 -8.87 -5.75
C PHE A 107 -1.96 -8.18 -6.89
N ALA A 108 -0.70 -8.57 -7.11
CA ALA A 108 0.14 -8.07 -8.20
C ALA A 108 -0.42 -8.42 -9.59
N ASP A 109 -1.07 -9.57 -9.78
CA ASP A 109 -1.73 -9.97 -11.02
C ASP A 109 -2.84 -8.98 -11.43
N SER A 110 -3.63 -8.53 -10.45
CA SER A 110 -4.73 -7.59 -10.67
C SER A 110 -4.22 -6.15 -10.88
N LEU A 111 -3.25 -5.72 -10.05
CA LEU A 111 -2.57 -4.42 -10.22
C LEU A 111 -1.71 -4.33 -11.50
N ARG A 112 -1.13 -5.45 -11.99
CA ARG A 112 -0.47 -5.52 -13.31
C ARG A 112 -1.48 -5.21 -14.41
N LYS A 113 -2.63 -5.89 -14.42
CA LYS A 113 -3.69 -5.72 -15.43
C LYS A 113 -4.24 -4.28 -15.46
N LYS A 114 -4.35 -3.63 -14.28
CA LYS A 114 -4.72 -2.20 -14.14
C LYS A 114 -3.76 -1.28 -14.92
N GLY A 115 -2.46 -1.56 -14.86
CA GLY A 115 -1.41 -0.84 -15.61
C GLY A 115 -1.34 -1.24 -17.10
N SER A 116 -0.97 -2.50 -17.37
CA SER A 116 -0.68 -3.04 -18.71
C SER A 116 -1.04 -4.53 -18.82
N LEU A 117 -1.52 -4.97 -19.99
CA LEU A 117 -1.83 -6.37 -20.30
C LEU A 117 -0.53 -7.11 -20.71
N GLU A 118 0.43 -7.19 -19.78
CA GLU A 118 1.79 -7.70 -19.99
C GLU A 118 2.05 -9.03 -19.25
N HIS A 119 2.61 -10.01 -19.96
CA HIS A 119 3.15 -11.26 -19.40
C HIS A 119 4.34 -11.73 -20.24
N HIS A 120 5.52 -11.86 -19.61
CA HIS A 120 6.74 -12.42 -20.21
C HIS A 120 7.65 -13.00 -19.12
N HIS A 121 7.64 -14.32 -18.96
CA HIS A 121 8.45 -15.05 -17.97
C HIS A 121 8.67 -16.53 -18.39
N HIS A 122 9.62 -17.21 -17.77
CA HIS A 122 9.87 -18.66 -17.91
C HIS A 122 8.83 -19.52 -17.15
N HIS A 123 7.54 -19.22 -17.34
CA HIS A 123 6.41 -19.81 -16.62
C HIS A 123 6.11 -21.27 -17.04
N HIS A 124 6.49 -21.65 -18.27
CA HIS A 124 6.39 -22.99 -18.86
C HIS A 124 7.56 -23.30 -19.81
N GLY A 1 3.52 6.34 -9.59
CA GLY A 1 3.28 5.59 -8.34
C GLY A 1 4.20 4.38 -8.21
N GLN A 2 4.38 3.89 -6.99
CA GLN A 2 5.17 2.67 -6.71
C GLN A 2 4.50 1.77 -5.65
N ILE A 3 4.79 0.46 -5.73
CA ILE A 3 4.19 -0.59 -4.91
C ILE A 3 5.28 -1.35 -4.15
N GLN A 4 5.01 -1.70 -2.89
CA GLN A 4 5.84 -2.57 -2.04
C GLN A 4 4.98 -3.64 -1.34
N TYR A 5 5.63 -4.74 -0.96
CA TYR A 5 4.99 -5.94 -0.41
C TYR A 5 5.77 -6.48 0.81
N PHE A 6 5.06 -6.88 1.86
CA PHE A 6 5.64 -7.41 3.10
C PHE A 6 4.84 -8.61 3.63
N ASN A 7 5.54 -9.64 4.13
CA ASN A 7 4.95 -10.88 4.60
C ASN A 7 4.91 -10.91 6.14
N VAL A 8 3.75 -11.12 6.77
CA VAL A 8 3.63 -10.99 8.24
C VAL A 8 4.48 -12.02 9.00
N ASP A 9 4.60 -13.25 8.50
CA ASP A 9 5.36 -14.33 9.16
C ASP A 9 6.88 -14.25 8.93
N GLU A 10 7.34 -13.59 7.87
CA GLU A 10 8.77 -13.47 7.51
C GLU A 10 9.37 -12.09 7.83
N ASN A 11 8.54 -11.04 7.83
CA ASN A 11 8.90 -9.65 8.14
C ASN A 11 8.08 -9.10 9.35
N PRO A 12 8.00 -9.81 10.51
CA PRO A 12 7.06 -9.46 11.59
C PRO A 12 7.23 -8.05 12.15
N GLU A 13 8.47 -7.61 12.39
CA GLU A 13 8.75 -6.29 12.94
C GLU A 13 8.50 -5.16 11.93
N GLN A 14 8.68 -5.43 10.63
CA GLN A 14 8.35 -4.51 9.54
C GLN A 14 6.85 -4.28 9.43
N VAL A 15 6.05 -5.36 9.44
CA VAL A 15 4.58 -5.25 9.42
C VAL A 15 4.08 -4.59 10.70
N ARG A 16 4.58 -4.99 11.88
CA ARG A 16 4.25 -4.36 13.17
C ARG A 16 4.53 -2.85 13.15
N LYS A 17 5.67 -2.42 12.62
CA LYS A 17 5.98 -0.98 12.45
C LYS A 17 5.04 -0.29 11.47
N LEU A 18 4.68 -0.90 10.34
CA LEU A 18 3.69 -0.33 9.41
C LEU A 18 2.29 -0.17 10.03
N ILE A 19 1.86 -1.08 10.90
CA ILE A 19 0.60 -0.94 11.65
C ILE A 19 0.69 0.18 12.70
N GLU A 20 1.76 0.21 13.51
CA GLU A 20 1.93 1.23 14.56
C GLU A 20 2.18 2.65 14.02
N GLN A 21 2.93 2.80 12.91
CA GLN A 21 3.18 4.09 12.27
C GLN A 21 1.93 4.65 11.55
N ALA A 22 0.96 3.80 11.23
CA ALA A 22 -0.37 4.21 10.77
C ALA A 22 -1.29 4.64 11.93
N GLY A 23 -0.87 4.45 13.19
CA GLY A 23 -1.65 4.74 14.40
C GLY A 23 -2.61 3.62 14.81
N LEU A 24 -2.34 2.37 14.41
CA LEU A 24 -3.20 1.20 14.63
C LEU A 24 -2.53 0.16 15.55
N ASP A 25 -3.32 -0.77 16.09
CA ASP A 25 -2.86 -1.87 16.96
C ASP A 25 -2.85 -3.23 16.22
N PRO A 26 -1.73 -3.99 16.26
CA PRO A 26 -1.61 -5.24 15.49
C PRO A 26 -2.37 -6.43 16.10
N ASP A 27 -2.47 -6.51 17.43
CA ASP A 27 -3.22 -7.56 18.14
C ASP A 27 -4.74 -7.39 18.00
N GLU A 28 -5.23 -6.15 17.95
CA GLU A 28 -6.63 -5.83 17.63
C GLU A 28 -7.00 -6.20 16.18
N LEU A 29 -6.03 -6.10 15.25
CA LEU A 29 -6.17 -6.46 13.83
C LEU A 29 -5.80 -7.93 13.51
N ARG A 30 -5.76 -8.82 14.51
CA ARG A 30 -5.48 -10.27 14.35
C ARG A 30 -6.45 -10.98 13.39
N GLU A 31 -7.66 -10.47 13.23
CA GLU A 31 -8.69 -11.00 12.31
C GLU A 31 -8.35 -10.77 10.82
N ALA A 32 -7.51 -9.77 10.50
CA ALA A 32 -7.11 -9.43 9.12
C ALA A 32 -5.86 -10.19 8.67
N GLU A 33 -5.79 -10.53 7.38
CA GLU A 33 -4.65 -11.21 6.73
C GLU A 33 -4.18 -10.51 5.45
N VAL A 34 -5.06 -9.75 4.77
CA VAL A 34 -4.72 -8.84 3.66
C VAL A 34 -5.06 -7.40 4.05
N ILE A 35 -4.05 -6.54 4.12
CA ILE A 35 -4.17 -5.13 4.50
C ILE A 35 -3.37 -4.29 3.49
N ILE A 36 -3.98 -3.23 2.95
CA ILE A 36 -3.29 -2.29 2.05
C ILE A 36 -3.31 -0.87 2.62
N ILE A 37 -2.16 -0.22 2.51
CA ILE A 37 -1.93 1.19 2.82
C ILE A 37 -1.87 1.96 1.49
N ILE A 38 -2.79 2.90 1.29
CA ILE A 38 -2.82 3.80 0.12
C ILE A 38 -2.45 5.22 0.54
N ILE A 39 -1.43 5.79 -0.08
CA ILE A 39 -0.89 7.12 0.22
C ILE A 39 -0.68 7.89 -1.09
N SER A 40 -1.36 9.03 -1.28
CA SER A 40 -1.12 9.94 -2.42
C SER A 40 -1.07 11.40 -1.99
N ARG A 41 -0.52 12.30 -2.83
CA ARG A 41 -0.44 13.74 -2.54
C ARG A 41 -1.77 14.48 -2.65
N THR A 42 -2.65 14.09 -3.58
CA THR A 42 -4.02 14.61 -3.69
C THR A 42 -5.05 13.59 -3.20
N PRO A 43 -6.15 14.00 -2.55
CA PRO A 43 -7.19 13.07 -2.12
C PRO A 43 -7.90 12.40 -3.30
N GLU A 44 -8.00 13.07 -4.45
CA GLU A 44 -8.65 12.54 -5.66
C GLU A 44 -7.85 11.39 -6.30
N GLN A 45 -6.52 11.44 -6.28
CA GLN A 45 -5.70 10.30 -6.70
C GLN A 45 -5.72 9.17 -5.67
N LEU A 46 -5.80 9.49 -4.38
CA LEU A 46 -5.83 8.51 -3.29
C LEU A 46 -7.16 7.71 -3.35
N GLU A 47 -8.31 8.35 -3.55
CA GLU A 47 -9.61 7.68 -3.50
C GLU A 47 -9.84 6.72 -4.69
N LYS A 48 -9.29 7.02 -5.87
CA LYS A 48 -9.28 6.10 -7.02
C LYS A 48 -8.53 4.81 -6.72
N LEU A 49 -7.38 4.91 -6.06
CA LEU A 49 -6.53 3.78 -5.69
C LEU A 49 -7.13 2.97 -4.53
N SER A 50 -7.75 3.64 -3.54
CA SER A 50 -8.43 2.95 -2.44
C SER A 50 -9.63 2.15 -2.95
N ARG A 51 -10.42 2.73 -3.86
CA ARG A 51 -11.51 2.03 -4.57
C ARG A 51 -10.98 0.81 -5.35
N GLN A 52 -9.85 0.94 -6.04
CA GLN A 52 -9.23 -0.15 -6.80
C GLN A 52 -8.86 -1.36 -5.92
N VAL A 53 -8.28 -1.14 -4.74
CA VAL A 53 -7.97 -2.23 -3.79
C VAL A 53 -9.18 -2.77 -3.02
N LYS A 54 -10.24 -1.96 -2.83
CA LYS A 54 -11.51 -2.40 -2.23
C LYS A 54 -12.26 -3.40 -3.13
N GLU A 55 -12.12 -3.31 -4.46
CA GLU A 55 -12.61 -4.33 -5.40
C GLU A 55 -11.92 -5.70 -5.24
N LEU A 56 -10.70 -5.72 -4.68
CA LEU A 56 -9.92 -6.94 -4.39
C LEU A 56 -10.27 -7.61 -3.04
N GLY A 57 -11.20 -7.05 -2.27
CA GLY A 57 -11.76 -7.67 -1.07
C GLY A 57 -10.82 -7.71 0.15
N ALA A 58 -9.94 -6.71 0.28
CA ALA A 58 -9.04 -6.53 1.42
C ALA A 58 -9.79 -6.55 2.79
N ASP A 59 -9.16 -7.09 3.83
CA ASP A 59 -9.78 -7.25 5.17
C ASP A 59 -9.82 -5.92 5.95
N ARG A 60 -8.77 -5.11 5.80
CA ARG A 60 -8.62 -3.77 6.39
C ARG A 60 -7.99 -2.85 5.34
N LEU A 61 -8.49 -1.62 5.26
CA LEU A 61 -7.97 -0.57 4.39
C LEU A 61 -7.72 0.71 5.18
N LEU A 62 -6.59 1.35 4.93
CA LEU A 62 -6.24 2.66 5.48
C LEU A 62 -5.70 3.60 4.38
N GLU A 63 -6.10 4.86 4.51
CA GLU A 63 -5.94 5.93 3.52
C GLU A 63 -5.29 7.18 4.14
N PHE A 64 -4.22 7.70 3.51
CA PHE A 64 -3.53 8.92 3.94
C PHE A 64 -3.19 9.85 2.75
N ASN A 65 -3.19 11.16 3.00
CA ASN A 65 -2.94 12.19 2.00
C ASN A 65 -1.77 13.12 2.39
N VAL A 66 -0.77 13.27 1.51
CA VAL A 66 0.50 13.96 1.85
C VAL A 66 0.31 15.47 2.07
N ASP A 67 -0.59 16.13 1.32
CA ASP A 67 -0.78 17.58 1.41
C ASP A 67 -1.42 18.02 2.75
N GLU A 68 -2.24 17.17 3.38
CA GLU A 68 -2.95 17.45 4.62
C GLU A 68 -2.30 16.78 5.85
N ASN A 69 -1.80 15.55 5.69
CA ASN A 69 -1.12 14.77 6.73
C ASN A 69 0.31 14.35 6.30
N PRO A 70 1.26 15.29 6.11
CA PRO A 70 2.59 14.99 5.59
C PRO A 70 3.39 14.06 6.52
N GLU A 71 3.26 14.22 7.84
CA GLU A 71 3.93 13.34 8.81
C GLU A 71 3.34 11.92 8.80
N GLN A 72 2.01 11.78 8.81
CA GLN A 72 1.37 10.45 8.86
C GLN A 72 1.58 9.67 7.56
N ALA A 73 1.61 10.36 6.42
CA ALA A 73 1.98 9.78 5.13
C ALA A 73 3.47 9.40 5.05
N SER A 74 4.38 10.31 5.43
CA SER A 74 5.82 10.10 5.28
C SER A 74 6.39 9.07 6.26
N LYS A 75 5.86 8.94 7.48
CA LYS A 75 6.28 7.89 8.44
C LYS A 75 6.21 6.48 7.84
N LEU A 76 5.15 6.22 7.07
CA LEU A 76 4.91 4.95 6.41
C LEU A 76 5.79 4.76 5.16
N ALA A 77 6.06 5.83 4.41
CA ALA A 77 7.06 5.82 3.34
C ALA A 77 8.47 5.53 3.89
N LYS A 78 8.87 6.20 4.99
CA LYS A 78 10.15 5.98 5.70
C LYS A 78 10.29 4.54 6.19
N THR A 79 9.21 3.94 6.68
CA THR A 79 9.16 2.52 7.09
C THR A 79 9.34 1.57 5.89
N ALA A 80 8.91 1.96 4.69
CA ALA A 80 9.18 1.24 3.44
C ALA A 80 10.55 1.57 2.80
N GLY A 81 11.40 2.35 3.48
CA GLY A 81 12.73 2.78 3.00
C GLY A 81 12.70 3.95 2.00
N ILE A 82 11.56 4.62 1.86
CA ILE A 82 11.30 5.69 0.88
C ILE A 82 11.59 7.06 1.52
N SER A 83 12.46 7.85 0.89
CA SER A 83 12.82 9.21 1.31
C SER A 83 11.69 10.22 1.07
N GLU A 84 11.71 11.36 1.76
CA GLU A 84 10.79 12.50 1.54
C GLU A 84 10.74 12.91 0.06
N LYS A 85 11.93 12.95 -0.57
CA LYS A 85 12.13 13.39 -1.95
C LYS A 85 11.57 12.38 -2.94
N GLN A 86 11.77 11.09 -2.65
CA GLN A 86 11.21 9.97 -3.42
C GLN A 86 9.67 9.94 -3.30
N LEU A 87 9.12 10.14 -2.09
CA LEU A 87 7.67 10.24 -1.86
C LEU A 87 7.04 11.40 -2.65
N ARG A 88 7.74 12.55 -2.73
CA ARG A 88 7.29 13.76 -3.43
C ARG A 88 7.18 13.57 -4.94
N GLU A 89 8.15 12.89 -5.57
CA GLU A 89 8.15 12.65 -7.01
C GLU A 89 7.37 11.39 -7.46
N ALA A 90 7.12 10.45 -6.54
CA ALA A 90 6.44 9.18 -6.85
C ALA A 90 4.92 9.30 -7.06
N ASP A 91 4.30 10.43 -6.71
CA ASP A 91 2.85 10.73 -6.82
C ASP A 91 1.92 9.91 -5.90
N TYR A 92 2.12 8.59 -5.79
CA TYR A 92 1.48 7.72 -4.80
C TYR A 92 2.32 6.49 -4.43
N ILE A 93 2.12 5.99 -3.21
CA ILE A 93 2.71 4.76 -2.67
C ILE A 93 1.59 3.77 -2.30
N ILE A 94 1.83 2.49 -2.58
CA ILE A 94 1.01 1.37 -2.14
C ILE A 94 1.87 0.41 -1.31
N LEU A 95 1.54 0.19 -0.03
CA LEU A 95 2.20 -0.81 0.82
C LEU A 95 1.21 -1.96 1.10
N ILE A 96 1.56 -3.18 0.72
CA ILE A 96 0.69 -4.38 0.81
C ILE A 96 1.23 -5.34 1.87
N LEU A 97 0.37 -5.72 2.82
CA LEU A 97 0.61 -6.73 3.84
C LEU A 97 -0.14 -8.02 3.50
N VAL A 98 0.57 -9.15 3.46
CA VAL A 98 0.05 -10.49 3.16
C VAL A 98 0.67 -11.57 4.05
N ARG A 99 0.14 -12.80 4.04
CA ARG A 99 0.75 -13.94 4.76
C ARG A 99 2.04 -14.45 4.10
N ASP A 100 2.08 -14.47 2.77
CA ASP A 100 3.21 -14.96 1.96
C ASP A 100 3.23 -14.29 0.56
N GLU A 101 4.40 -14.23 -0.07
CA GLU A 101 4.63 -13.47 -1.31
C GLU A 101 3.82 -13.97 -2.52
N LYS A 102 3.40 -15.25 -2.52
CA LYS A 102 2.50 -15.84 -3.54
C LYS A 102 1.14 -15.14 -3.55
N LYS A 103 0.63 -14.75 -2.38
CA LYS A 103 -0.63 -14.02 -2.21
C LYS A 103 -0.50 -12.57 -2.67
N ALA A 104 0.64 -11.92 -2.37
CA ALA A 104 0.98 -10.61 -2.91
C ALA A 104 1.09 -10.62 -4.44
N LYS A 105 1.70 -11.65 -5.05
CA LYS A 105 1.76 -11.79 -6.52
C LYS A 105 0.37 -11.95 -7.13
N LYS A 106 -0.53 -12.74 -6.53
CA LYS A 106 -1.91 -12.92 -7.00
C LYS A 106 -2.70 -11.61 -6.97
N PHE A 107 -2.54 -10.83 -5.89
CA PHE A 107 -3.13 -9.50 -5.74
C PHE A 107 -2.55 -8.51 -6.77
N ALA A 108 -1.23 -8.48 -6.89
CA ALA A 108 -0.50 -7.65 -7.83
C ALA A 108 -0.87 -7.96 -9.28
N ASP A 109 -1.11 -9.22 -9.65
CA ASP A 109 -1.47 -9.60 -11.01
C ASP A 109 -2.84 -9.05 -11.45
N SER A 110 -3.79 -8.86 -10.52
CA SER A 110 -5.03 -8.13 -10.80
C SER A 110 -4.76 -6.63 -11.02
N LEU A 111 -3.94 -5.99 -10.17
CA LEU A 111 -3.54 -4.58 -10.33
C LEU A 111 -2.77 -4.34 -11.65
N ARG A 112 -1.85 -5.25 -12.02
CA ARG A 112 -1.08 -5.25 -13.29
C ARG A 112 -1.98 -5.36 -14.53
N LYS A 113 -3.06 -6.14 -14.46
CA LYS A 113 -4.04 -6.29 -15.56
C LYS A 113 -5.05 -5.14 -15.64
N LYS A 114 -5.46 -4.58 -14.50
CA LYS A 114 -6.43 -3.46 -14.41
C LYS A 114 -5.80 -2.10 -14.77
N GLY A 115 -4.55 -1.86 -14.37
CA GLY A 115 -3.74 -0.72 -14.83
C GLY A 115 -3.19 -0.94 -16.25
N SER A 116 -3.01 0.14 -17.02
CA SER A 116 -2.60 0.11 -18.44
C SER A 116 -3.50 -0.78 -19.34
N LEU A 117 -3.06 -1.04 -20.59
CA LEU A 117 -3.82 -1.79 -21.61
C LEU A 117 -3.02 -2.98 -22.18
N GLU A 118 -2.07 -3.53 -21.41
CA GLU A 118 -1.11 -4.55 -21.87
C GLU A 118 -1.76 -5.94 -22.04
N HIS A 119 -1.53 -6.59 -23.19
CA HIS A 119 -2.06 -7.91 -23.53
C HIS A 119 -1.17 -9.08 -23.05
N HIS A 120 -0.38 -8.85 -21.98
CA HIS A 120 0.49 -9.86 -21.36
C HIS A 120 -0.33 -10.98 -20.70
N HIS A 121 0.06 -12.23 -20.96
CA HIS A 121 -0.51 -13.45 -20.38
C HIS A 121 0.61 -14.49 -20.12
N HIS A 122 0.38 -15.45 -19.20
CA HIS A 122 1.37 -16.43 -18.75
C HIS A 122 0.77 -17.83 -18.56
N HIS A 123 1.63 -18.86 -18.53
CA HIS A 123 1.26 -20.28 -18.41
C HIS A 123 1.79 -20.90 -17.10
N HIS A 124 1.02 -21.83 -16.51
CA HIS A 124 1.28 -22.53 -15.24
C HIS A 124 1.68 -21.58 -14.09
N GLY A 1 3.36 6.14 -9.96
CA GLY A 1 3.22 5.49 -8.63
C GLY A 1 4.13 4.29 -8.50
N GLN A 2 4.35 3.85 -7.25
CA GLN A 2 5.13 2.65 -6.91
C GLN A 2 4.38 1.71 -5.98
N ILE A 3 4.62 0.40 -6.13
CA ILE A 3 4.02 -0.65 -5.30
C ILE A 3 5.13 -1.38 -4.51
N GLN A 4 4.88 -1.62 -3.22
CA GLN A 4 5.78 -2.35 -2.31
C GLN A 4 5.00 -3.40 -1.51
N TYR A 5 5.65 -4.51 -1.18
CA TYR A 5 5.07 -5.67 -0.50
C TYR A 5 5.90 -6.05 0.72
N PHE A 6 5.26 -6.31 1.86
CA PHE A 6 5.90 -6.82 3.08
C PHE A 6 5.07 -7.95 3.69
N ASN A 7 5.73 -9.06 4.05
CA ASN A 7 5.07 -10.21 4.66
C ASN A 7 5.14 -10.13 6.20
N VAL A 8 3.99 -10.25 6.87
CA VAL A 8 3.87 -10.01 8.32
C VAL A 8 4.68 -11.02 9.16
N ASP A 9 4.77 -12.27 8.69
CA ASP A 9 5.53 -13.34 9.36
C ASP A 9 7.05 -13.27 9.09
N GLU A 10 7.49 -12.56 8.05
CA GLU A 10 8.89 -12.45 7.62
C GLU A 10 9.55 -11.18 8.16
N ASN A 11 8.86 -10.03 8.11
CA ASN A 11 9.32 -8.73 8.62
C ASN A 11 8.35 -8.16 9.68
N PRO A 12 8.16 -8.84 10.85
CA PRO A 12 7.14 -8.48 11.83
C PRO A 12 7.27 -7.06 12.36
N GLU A 13 8.48 -6.61 12.71
CA GLU A 13 8.72 -5.27 13.27
C GLU A 13 8.59 -4.16 12.23
N GLN A 14 8.79 -4.45 10.94
CA GLN A 14 8.55 -3.50 9.85
C GLN A 14 7.04 -3.26 9.67
N VAL A 15 6.24 -4.32 9.56
CA VAL A 15 4.77 -4.22 9.48
C VAL A 15 4.19 -3.61 10.76
N ARG A 16 4.64 -4.03 11.94
CA ARG A 16 4.22 -3.46 13.24
C ARG A 16 4.45 -1.94 13.28
N LYS A 17 5.59 -1.44 12.77
CA LYS A 17 5.82 0.00 12.66
C LYS A 17 4.86 0.65 11.67
N LEU A 18 4.60 0.08 10.49
CA LEU A 18 3.62 0.62 9.55
C LEU A 18 2.22 0.77 10.17
N ILE A 19 1.73 -0.23 10.91
CA ILE A 19 0.41 -0.18 11.54
C ILE A 19 0.33 0.93 12.61
N GLU A 20 1.34 1.05 13.48
CA GLU A 20 1.39 2.14 14.48
C GLU A 20 1.65 3.53 13.87
N GLN A 21 2.45 3.64 12.80
CA GLN A 21 2.71 4.89 12.05
C GLN A 21 1.46 5.38 11.29
N ALA A 22 0.58 4.45 10.89
CA ALA A 22 -0.74 4.74 10.34
C ALA A 22 -1.79 5.09 11.43
N GLY A 23 -1.47 4.92 12.71
CA GLY A 23 -2.38 5.15 13.84
C GLY A 23 -3.39 4.01 14.09
N LEU A 24 -3.11 2.79 13.63
CA LEU A 24 -3.94 1.60 13.87
C LEU A 24 -3.39 0.75 15.03
N ASP A 25 -4.25 -0.10 15.61
CA ASP A 25 -3.86 -1.08 16.63
C ASP A 25 -3.50 -2.43 15.98
N PRO A 26 -2.27 -2.97 16.17
CA PRO A 26 -1.84 -4.23 15.54
C PRO A 26 -2.53 -5.47 16.13
N ASP A 27 -2.89 -5.43 17.43
CA ASP A 27 -3.58 -6.54 18.10
C ASP A 27 -4.98 -6.81 17.53
N GLU A 28 -5.65 -5.77 16.99
CA GLU A 28 -6.96 -5.88 16.34
C GLU A 28 -6.91 -6.64 15.00
N LEU A 29 -5.72 -6.75 14.39
CA LEU A 29 -5.49 -7.42 13.10
C LEU A 29 -5.27 -8.95 13.22
N ARG A 30 -5.56 -9.54 14.39
CA ARG A 30 -5.43 -10.99 14.67
C ARG A 30 -6.24 -11.88 13.70
N GLU A 31 -7.37 -11.39 13.21
CA GLU A 31 -8.25 -12.09 12.26
C GLU A 31 -8.00 -11.70 10.78
N ALA A 32 -7.16 -10.69 10.53
CA ALA A 32 -6.86 -10.16 9.19
C ALA A 32 -5.59 -10.78 8.58
N GLU A 33 -5.55 -10.86 7.24
CA GLU A 33 -4.43 -11.40 6.47
C GLU A 33 -4.15 -10.67 5.14
N VAL A 34 -4.99 -9.72 4.72
CA VAL A 34 -4.73 -8.80 3.58
C VAL A 34 -5.08 -7.36 3.99
N ILE A 35 -4.07 -6.49 4.05
CA ILE A 35 -4.19 -5.07 4.42
C ILE A 35 -3.42 -4.21 3.40
N ILE A 36 -4.02 -3.10 2.93
CA ILE A 36 -3.38 -2.17 2.00
C ILE A 36 -3.34 -0.73 2.55
N ILE A 37 -2.20 -0.08 2.37
CA ILE A 37 -1.93 1.34 2.62
C ILE A 37 -1.94 2.06 1.26
N ILE A 38 -2.81 3.07 1.10
CA ILE A 38 -2.87 3.91 -0.11
C ILE A 38 -2.57 5.36 0.27
N ILE A 39 -1.58 5.96 -0.41
CA ILE A 39 -1.14 7.34 -0.23
C ILE A 39 -0.99 7.99 -1.60
N SER A 40 -1.64 9.13 -1.85
CA SER A 40 -1.42 9.91 -3.08
C SER A 40 -1.32 11.42 -2.81
N ARG A 41 -0.73 12.18 -3.75
CA ARG A 41 -0.53 13.62 -3.59
C ARG A 41 -1.84 14.40 -3.53
N THR A 42 -2.85 14.00 -4.32
CA THR A 42 -4.17 14.63 -4.39
C THR A 42 -5.27 13.67 -3.92
N PRO A 43 -6.34 14.15 -3.26
CA PRO A 43 -7.42 13.29 -2.81
C PRO A 43 -8.19 12.63 -3.97
N GLU A 44 -8.27 13.27 -5.15
CA GLU A 44 -8.88 12.67 -6.35
C GLU A 44 -8.10 11.44 -6.83
N GLN A 45 -6.76 11.52 -6.87
CA GLN A 45 -5.91 10.39 -7.24
C GLN A 45 -5.88 9.30 -6.15
N LEU A 46 -6.00 9.67 -4.86
CA LEU A 46 -6.09 8.75 -3.74
C LEU A 46 -7.43 7.98 -3.81
N GLU A 47 -8.55 8.65 -4.08
CA GLU A 47 -9.88 8.03 -4.20
C GLU A 47 -9.95 7.00 -5.34
N LYS A 48 -9.34 7.31 -6.49
CA LYS A 48 -9.23 6.42 -7.65
C LYS A 48 -8.59 5.07 -7.28
N LEU A 49 -7.50 5.12 -6.52
CA LEU A 49 -6.76 3.95 -6.04
C LEU A 49 -7.48 3.23 -4.89
N SER A 50 -8.13 3.99 -4.01
CA SER A 50 -8.91 3.48 -2.87
C SER A 50 -10.15 2.71 -3.32
N ARG A 51 -10.75 3.06 -4.47
CA ARG A 51 -11.81 2.29 -5.14
C ARG A 51 -11.26 1.00 -5.79
N GLN A 52 -10.03 1.03 -6.31
CA GLN A 52 -9.40 -0.08 -7.02
C GLN A 52 -9.13 -1.29 -6.10
N VAL A 53 -8.68 -1.06 -4.86
CA VAL A 53 -8.35 -2.15 -3.90
C VAL A 53 -9.60 -2.81 -3.28
N LYS A 54 -10.72 -2.09 -3.20
CA LYS A 54 -12.01 -2.63 -2.72
C LYS A 54 -12.55 -3.75 -3.62
N GLU A 55 -12.19 -3.76 -4.91
CA GLU A 55 -12.48 -4.87 -5.83
C GLU A 55 -11.86 -6.21 -5.41
N LEU A 56 -10.79 -6.18 -4.60
CA LEU A 56 -10.08 -7.36 -4.08
C LEU A 56 -10.50 -7.79 -2.67
N GLY A 57 -11.40 -7.05 -2.01
CA GLY A 57 -12.04 -7.47 -0.76
C GLY A 57 -11.10 -7.51 0.47
N ALA A 58 -10.13 -6.60 0.53
CA ALA A 58 -9.17 -6.45 1.64
C ALA A 58 -9.83 -6.40 3.04
N ASP A 59 -9.13 -6.92 4.06
CA ASP A 59 -9.61 -6.92 5.45
C ASP A 59 -9.54 -5.53 6.08
N ARG A 60 -8.48 -4.77 5.75
CA ARG A 60 -8.31 -3.35 6.12
C ARG A 60 -7.74 -2.53 4.97
N LEU A 61 -8.13 -1.27 4.98
CA LEU A 61 -7.62 -0.19 4.15
C LEU A 61 -7.43 1.08 5.00
N LEU A 62 -6.35 1.78 4.74
CA LEU A 62 -6.08 3.11 5.29
C LEU A 62 -5.56 4.06 4.19
N GLU A 63 -6.06 5.30 4.24
CA GLU A 63 -5.96 6.32 3.20
C GLU A 63 -5.36 7.65 3.72
N PHE A 64 -4.37 8.22 3.02
CA PHE A 64 -3.81 9.55 3.30
C PHE A 64 -3.50 10.36 2.03
N ASN A 65 -3.51 11.69 2.14
CA ASN A 65 -3.22 12.63 1.06
C ASN A 65 -2.04 13.57 1.39
N VAL A 66 -1.02 13.63 0.52
CA VAL A 66 0.26 14.31 0.85
C VAL A 66 0.12 15.84 0.89
N ASP A 67 -0.72 16.45 0.03
CA ASP A 67 -0.86 17.91 -0.06
C ASP A 67 -1.48 18.53 1.23
N GLU A 68 -2.39 17.81 1.88
CA GLU A 68 -3.14 18.23 3.07
C GLU A 68 -2.55 17.67 4.38
N ASN A 69 -2.12 16.40 4.37
CA ASN A 69 -1.53 15.70 5.51
C ASN A 69 -0.11 15.19 5.19
N PRO A 70 0.89 16.08 5.02
CA PRO A 70 2.25 15.68 4.64
C PRO A 70 2.93 14.80 5.69
N GLU A 71 2.71 15.05 6.98
CA GLU A 71 3.26 14.23 8.07
C GLU A 71 2.69 12.81 8.09
N GLN A 72 1.37 12.65 7.90
CA GLN A 72 0.72 11.33 7.90
C GLN A 72 1.24 10.45 6.74
N ALA A 73 1.51 11.06 5.59
CA ALA A 73 2.17 10.40 4.46
C ALA A 73 3.67 10.14 4.70
N SER A 74 4.41 11.13 5.22
CA SER A 74 5.87 11.09 5.35
C SER A 74 6.32 10.07 6.39
N LYS A 75 5.65 9.96 7.54
CA LYS A 75 5.94 8.95 8.58
C LYS A 75 5.90 7.52 8.00
N LEU A 76 4.92 7.22 7.15
CA LEU A 76 4.80 5.93 6.48
C LEU A 76 5.78 5.76 5.33
N ALA A 77 6.05 6.82 4.56
CA ALA A 77 7.10 6.83 3.54
C ALA A 77 8.49 6.50 4.13
N LYS A 78 8.84 7.13 5.27
CA LYS A 78 10.07 6.85 6.04
C LYS A 78 10.18 5.36 6.42
N THR A 79 9.11 4.77 6.96
CA THR A 79 9.05 3.35 7.36
C THR A 79 9.08 2.39 6.15
N ALA A 80 8.67 2.86 4.96
CA ALA A 80 8.75 2.13 3.69
C ALA A 80 10.09 2.33 2.93
N GLY A 81 11.04 3.09 3.48
CA GLY A 81 12.35 3.38 2.87
C GLY A 81 12.33 4.45 1.77
N ILE A 82 11.27 5.28 1.72
CA ILE A 82 11.01 6.31 0.71
C ILE A 82 11.46 7.69 1.23
N SER A 83 12.20 8.44 0.42
CA SER A 83 12.62 9.82 0.73
C SER A 83 11.52 10.85 0.46
N GLU A 84 11.61 12.04 1.07
CA GLU A 84 10.57 13.07 0.99
C GLU A 84 10.33 13.59 -0.44
N LYS A 85 11.40 13.68 -1.25
CA LYS A 85 11.30 14.00 -2.68
C LYS A 85 10.71 12.85 -3.51
N GLN A 86 11.09 11.61 -3.20
CA GLN A 86 10.57 10.40 -3.87
C GLN A 86 9.06 10.24 -3.66
N LEU A 87 8.55 10.55 -2.46
CA LEU A 87 7.11 10.57 -2.15
C LEU A 87 6.33 11.53 -3.06
N ARG A 88 6.91 12.70 -3.39
CA ARG A 88 6.31 13.70 -4.28
C ARG A 88 6.42 13.31 -5.75
N GLU A 89 7.59 12.82 -6.18
CA GLU A 89 7.87 12.42 -7.57
C GLU A 89 7.09 11.19 -8.04
N ALA A 90 6.81 10.29 -7.10
CA ALA A 90 6.08 9.04 -7.35
C ALA A 90 4.57 9.26 -7.59
N ASP A 91 4.01 10.39 -7.20
CA ASP A 91 2.57 10.77 -7.24
C ASP A 91 1.63 9.91 -6.37
N TYR A 92 1.86 8.59 -6.27
CA TYR A 92 1.21 7.70 -5.31
C TYR A 92 2.07 6.50 -4.90
N ILE A 93 1.83 6.02 -3.68
CA ILE A 93 2.43 4.83 -3.07
C ILE A 93 1.33 3.82 -2.74
N ILE A 94 1.59 2.55 -3.07
CA ILE A 94 0.77 1.40 -2.66
C ILE A 94 1.63 0.47 -1.81
N LEU A 95 1.23 0.22 -0.56
CA LEU A 95 1.91 -0.70 0.35
C LEU A 95 0.99 -1.86 0.72
N ILE A 96 1.35 -3.09 0.31
CA ILE A 96 0.53 -4.30 0.47
C ILE A 96 1.13 -5.19 1.55
N LEU A 97 0.30 -5.59 2.52
CA LEU A 97 0.66 -6.36 3.70
C LEU A 97 -0.12 -7.69 3.70
N VAL A 98 0.59 -8.81 3.60
CA VAL A 98 0.01 -10.15 3.48
C VAL A 98 0.75 -11.21 4.30
N ARG A 99 0.19 -12.40 4.46
CA ARG A 99 0.81 -13.52 5.18
C ARG A 99 1.68 -14.45 4.31
N ASP A 100 1.63 -14.33 2.98
CA ASP A 100 2.27 -15.25 2.03
C ASP A 100 2.73 -14.58 0.72
N GLU A 101 3.88 -14.99 0.18
CA GLU A 101 4.50 -14.39 -1.01
C GLU A 101 3.81 -14.72 -2.35
N LYS A 102 3.14 -15.87 -2.47
CA LYS A 102 2.30 -16.19 -3.64
C LYS A 102 0.98 -15.42 -3.58
N LYS A 103 0.41 -15.23 -2.37
CA LYS A 103 -0.76 -14.38 -2.15
C LYS A 103 -0.49 -12.90 -2.45
N ALA A 104 0.73 -12.42 -2.18
CA ALA A 104 1.18 -11.10 -2.62
C ALA A 104 1.06 -10.92 -4.14
N LYS A 105 1.58 -11.89 -4.92
CA LYS A 105 1.47 -11.89 -6.38
C LYS A 105 0.03 -12.13 -6.88
N LYS A 106 -0.79 -12.92 -6.17
CA LYS A 106 -2.22 -13.11 -6.50
C LYS A 106 -2.99 -11.78 -6.39
N PHE A 107 -2.76 -11.01 -5.33
CA PHE A 107 -3.34 -9.67 -5.17
C PHE A 107 -2.80 -8.73 -6.26
N ALA A 108 -1.47 -8.75 -6.48
CA ALA A 108 -0.82 -7.97 -7.51
C ALA A 108 -1.38 -8.26 -8.91
N ASP A 109 -1.68 -9.50 -9.26
CA ASP A 109 -2.02 -9.88 -10.64
C ASP A 109 -3.28 -9.17 -11.16
N SER A 110 -4.25 -8.93 -10.27
CA SER A 110 -5.48 -8.19 -10.54
C SER A 110 -5.27 -6.67 -10.60
N LEU A 111 -4.34 -6.11 -9.81
CA LEU A 111 -3.95 -4.69 -9.85
C LEU A 111 -3.08 -4.37 -11.08
N ARG A 112 -2.02 -5.15 -11.31
CA ARG A 112 -1.03 -5.04 -12.41
C ARG A 112 -1.65 -5.19 -13.81
N LYS A 113 -2.86 -5.76 -13.89
CA LYS A 113 -3.71 -5.79 -15.10
C LYS A 113 -3.88 -4.41 -15.76
N LYS A 114 -3.85 -3.33 -14.96
CA LYS A 114 -3.95 -1.93 -15.40
C LYS A 114 -2.73 -1.43 -16.21
N GLY A 115 -1.55 -2.05 -16.04
CA GLY A 115 -0.31 -1.77 -16.77
C GLY A 115 0.42 -0.48 -16.34
N SER A 116 -0.30 0.63 -16.23
CA SER A 116 0.14 1.95 -15.74
C SER A 116 1.51 2.40 -16.29
N LEU A 117 2.60 2.22 -15.52
CA LEU A 117 3.98 2.62 -15.85
C LEU A 117 4.98 1.46 -15.75
N GLU A 118 4.51 0.21 -15.85
CA GLU A 118 5.35 -0.99 -15.81
C GLU A 118 6.14 -1.15 -17.12
N HIS A 119 7.48 -1.12 -17.04
CA HIS A 119 8.40 -1.04 -18.18
C HIS A 119 9.54 -2.08 -18.09
N HIS A 120 9.25 -3.29 -17.61
CA HIS A 120 10.22 -4.37 -17.43
C HIS A 120 10.83 -4.84 -18.77
N HIS A 121 12.13 -4.58 -18.97
CA HIS A 121 12.93 -5.01 -20.13
C HIS A 121 14.43 -5.07 -19.77
N HIS A 122 15.23 -5.78 -20.58
CA HIS A 122 16.67 -6.05 -20.34
C HIS A 122 16.96 -6.73 -18.98
N HIS A 123 16.04 -7.55 -18.48
CA HIS A 123 16.22 -8.37 -17.27
C HIS A 123 17.21 -9.54 -17.50
N HIS A 124 17.80 -10.05 -16.41
CA HIS A 124 18.69 -11.23 -16.40
C HIS A 124 17.93 -12.54 -16.71
N GLY A 1 3.58 5.69 -10.17
CA GLY A 1 3.43 5.14 -8.80
C GLY A 1 4.28 3.90 -8.58
N GLN A 2 4.40 3.48 -7.32
CA GLN A 2 5.19 2.31 -6.90
C GLN A 2 4.43 1.42 -5.90
N ILE A 3 4.78 0.13 -5.88
CA ILE A 3 4.17 -0.89 -5.01
C ILE A 3 5.25 -1.56 -4.15
N GLN A 4 5.00 -1.59 -2.84
CA GLN A 4 5.82 -2.24 -1.81
C GLN A 4 5.06 -3.42 -1.21
N TYR A 5 5.80 -4.48 -0.85
CA TYR A 5 5.27 -5.71 -0.25
C TYR A 5 6.07 -6.06 1.01
N PHE A 6 5.38 -6.37 2.10
CA PHE A 6 5.98 -6.83 3.36
C PHE A 6 5.26 -8.08 3.88
N ASN A 7 6.03 -9.03 4.43
CA ASN A 7 5.52 -10.30 4.93
C ASN A 7 5.44 -10.27 6.47
N VAL A 8 4.28 -10.54 7.07
CA VAL A 8 4.08 -10.34 8.52
C VAL A 8 4.94 -11.29 9.37
N ASP A 9 5.24 -12.50 8.89
CA ASP A 9 6.16 -13.43 9.56
C ASP A 9 7.66 -13.08 9.37
N GLU A 10 8.01 -12.37 8.31
CA GLU A 10 9.39 -11.99 7.96
C GLU A 10 9.79 -10.62 8.51
N ASN A 11 8.84 -9.66 8.53
CA ASN A 11 9.03 -8.27 8.96
C ASN A 11 8.04 -7.87 10.09
N PRO A 12 7.82 -8.67 11.15
CA PRO A 12 6.73 -8.46 12.11
C PRO A 12 6.70 -7.08 12.76
N GLU A 13 7.85 -6.57 13.21
CA GLU A 13 7.94 -5.26 13.85
C GLU A 13 7.74 -4.11 12.85
N GLN A 14 8.18 -4.29 11.60
CA GLN A 14 8.03 -3.31 10.51
C GLN A 14 6.55 -3.20 10.09
N VAL A 15 5.86 -4.33 9.91
CA VAL A 15 4.41 -4.36 9.67
C VAL A 15 3.67 -3.72 10.84
N ARG A 16 3.98 -4.10 12.09
CA ARG A 16 3.36 -3.48 13.28
C ARG A 16 3.54 -1.96 13.27
N LYS A 17 4.74 -1.47 12.93
CA LYS A 17 5.03 -0.03 12.86
C LYS A 17 4.21 0.68 11.79
N LEU A 18 3.96 0.06 10.62
CA LEU A 18 3.07 0.62 9.60
C LEU A 18 1.63 0.75 10.11
N ILE A 19 1.09 -0.24 10.84
CA ILE A 19 -0.26 -0.15 11.43
C ILE A 19 -0.33 0.97 12.50
N GLU A 20 0.66 1.03 13.40
CA GLU A 20 0.75 2.05 14.46
C GLU A 20 0.92 3.48 13.90
N GLN A 21 1.77 3.67 12.89
CA GLN A 21 2.00 4.98 12.24
C GLN A 21 0.83 5.42 11.37
N ALA A 22 0.01 4.47 10.88
CA ALA A 22 -1.26 4.76 10.22
C ALA A 22 -2.35 5.17 11.24
N GLY A 23 -2.10 5.04 12.55
CA GLY A 23 -3.06 5.32 13.62
C GLY A 23 -4.05 4.18 13.89
N LEU A 24 -3.74 2.96 13.47
CA LEU A 24 -4.56 1.76 13.67
C LEU A 24 -4.00 0.88 14.80
N ASP A 25 -4.83 0.00 15.35
CA ASP A 25 -4.44 -0.93 16.43
C ASP A 25 -4.08 -2.32 15.86
N PRO A 26 -2.80 -2.74 15.90
CA PRO A 26 -2.35 -4.01 15.33
C PRO A 26 -2.82 -5.24 16.12
N ASP A 27 -2.98 -5.10 17.44
CA ASP A 27 -3.47 -6.17 18.32
C ASP A 27 -4.98 -6.41 18.13
N GLU A 28 -5.75 -5.38 17.75
CA GLU A 28 -7.16 -5.48 17.36
C GLU A 28 -7.32 -6.09 15.95
N LEU A 29 -6.43 -5.76 15.01
CA LEU A 29 -6.43 -6.27 13.62
C LEU A 29 -5.84 -7.70 13.50
N ARG A 30 -6.13 -8.57 14.49
CA ARG A 30 -5.69 -9.98 14.55
C ARG A 30 -6.40 -10.88 13.54
N GLU A 31 -7.63 -10.53 13.15
CA GLU A 31 -8.46 -11.29 12.20
C GLU A 31 -8.08 -11.02 10.71
N ALA A 32 -7.43 -9.88 10.41
CA ALA A 32 -7.09 -9.47 9.05
C ALA A 32 -5.89 -10.26 8.49
N GLU A 33 -6.06 -10.91 7.32
CA GLU A 33 -5.03 -11.71 6.66
C GLU A 33 -4.27 -10.90 5.58
N VAL A 34 -4.97 -9.99 4.88
CA VAL A 34 -4.40 -9.06 3.88
C VAL A 34 -4.83 -7.62 4.19
N ILE A 35 -3.85 -6.70 4.27
CA ILE A 35 -4.05 -5.27 4.55
C ILE A 35 -3.31 -4.44 3.49
N ILE A 36 -3.97 -3.43 2.92
CA ILE A 36 -3.35 -2.47 2.00
C ILE A 36 -3.46 -1.03 2.51
N ILE A 37 -2.37 -0.28 2.34
CA ILE A 37 -2.23 1.15 2.61
C ILE A 37 -2.07 1.90 1.28
N ILE A 38 -2.85 2.96 1.07
CA ILE A 38 -2.82 3.81 -0.14
C ILE A 38 -2.43 5.25 0.21
N ILE A 39 -1.43 5.79 -0.48
CA ILE A 39 -0.92 7.16 -0.25
C ILE A 39 -0.68 7.85 -1.59
N SER A 40 -1.35 8.97 -1.87
CA SER A 40 -1.13 9.76 -3.10
C SER A 40 -1.19 11.27 -2.86
N ARG A 41 -0.69 12.07 -3.81
CA ARG A 41 -0.67 13.54 -3.74
C ARG A 41 -2.07 14.18 -3.71
N THR A 42 -3.06 13.59 -4.38
CA THR A 42 -4.43 14.16 -4.53
C THR A 42 -5.53 13.17 -4.12
N PRO A 43 -6.67 13.65 -3.57
CA PRO A 43 -7.80 12.79 -3.22
C PRO A 43 -8.39 12.06 -4.44
N GLU A 44 -8.42 12.71 -5.61
CA GLU A 44 -8.98 12.13 -6.84
C GLU A 44 -8.13 10.99 -7.41
N GLN A 45 -6.79 11.05 -7.26
CA GLN A 45 -5.91 9.94 -7.63
C GLN A 45 -5.98 8.79 -6.60
N LEU A 46 -6.08 9.11 -5.31
CA LEU A 46 -6.07 8.11 -4.23
C LEU A 46 -7.40 7.34 -4.10
N GLU A 47 -8.55 7.98 -4.40
CA GLU A 47 -9.85 7.30 -4.37
C GLU A 47 -10.00 6.24 -5.49
N LYS A 48 -9.34 6.48 -6.64
CA LYS A 48 -9.26 5.52 -7.77
C LYS A 48 -8.50 4.26 -7.39
N LEU A 49 -7.43 4.42 -6.60
CA LEU A 49 -6.64 3.30 -6.05
C LEU A 49 -7.39 2.60 -4.91
N SER A 50 -8.07 3.36 -4.06
CA SER A 50 -8.93 2.85 -2.97
C SER A 50 -10.01 1.91 -3.50
N ARG A 51 -10.75 2.32 -4.55
CA ARG A 51 -11.71 1.46 -5.26
C ARG A 51 -11.07 0.18 -5.79
N GLN A 52 -9.89 0.28 -6.40
CA GLN A 52 -9.14 -0.84 -6.97
C GLN A 52 -8.81 -1.90 -5.91
N VAL A 53 -8.21 -1.51 -4.78
CA VAL A 53 -7.80 -2.46 -3.73
C VAL A 53 -8.97 -2.97 -2.88
N LYS A 54 -10.04 -2.18 -2.73
CA LYS A 54 -11.28 -2.61 -2.05
C LYS A 54 -12.01 -3.72 -2.82
N GLU A 55 -12.07 -3.64 -4.15
CA GLU A 55 -12.70 -4.67 -5.01
C GLU A 55 -11.93 -6.00 -5.07
N LEU A 56 -10.67 -6.04 -4.62
CA LEU A 56 -9.89 -7.27 -4.40
C LEU A 56 -10.27 -8.00 -3.10
N GLY A 57 -11.02 -7.33 -2.21
CA GLY A 57 -11.57 -7.92 -0.98
C GLY A 57 -10.60 -7.91 0.21
N ALA A 58 -9.76 -6.88 0.33
CA ALA A 58 -8.86 -6.69 1.47
C ALA A 58 -9.61 -6.67 2.82
N ASP A 59 -9.00 -7.23 3.87
CA ASP A 59 -9.62 -7.30 5.20
C ASP A 59 -9.61 -5.95 5.94
N ARG A 60 -8.59 -5.13 5.67
CA ARG A 60 -8.44 -3.75 6.15
C ARG A 60 -7.84 -2.89 5.04
N LEU A 61 -8.43 -1.70 4.86
CA LEU A 61 -7.95 -0.62 3.99
C LEU A 61 -7.88 0.69 4.79
N LEU A 62 -6.83 1.46 4.53
CA LEU A 62 -6.63 2.82 5.03
C LEU A 62 -5.90 3.66 3.98
N GLU A 63 -6.29 4.92 3.81
CA GLU A 63 -5.75 5.81 2.79
C GLU A 63 -5.50 7.24 3.28
N PHE A 64 -4.44 7.89 2.76
CA PHE A 64 -4.02 9.26 3.12
C PHE A 64 -3.59 10.08 1.90
N ASN A 65 -3.79 11.41 1.98
CA ASN A 65 -3.33 12.37 0.96
C ASN A 65 -2.14 13.22 1.46
N VAL A 66 -1.12 13.39 0.61
CA VAL A 66 0.10 14.15 0.96
C VAL A 66 -0.20 15.63 1.22
N ASP A 67 -1.17 16.21 0.50
CA ASP A 67 -1.48 17.65 0.56
C ASP A 67 -2.11 18.10 1.90
N GLU A 68 -3.00 17.30 2.49
CA GLU A 68 -3.67 17.61 3.77
C GLU A 68 -3.10 16.84 4.98
N ASN A 69 -2.58 15.63 4.76
CA ASN A 69 -1.97 14.77 5.79
C ASN A 69 -0.50 14.44 5.46
N PRO A 70 0.41 15.45 5.36
CA PRO A 70 1.83 15.22 5.05
C PRO A 70 2.54 14.37 6.12
N GLU A 71 2.12 14.48 7.39
CA GLU A 71 2.61 13.64 8.47
C GLU A 71 2.23 12.16 8.27
N GLN A 72 0.95 11.84 8.01
CA GLN A 72 0.53 10.45 7.79
C GLN A 72 1.19 9.85 6.54
N ALA A 73 1.28 10.64 5.46
CA ALA A 73 1.93 10.21 4.23
C ALA A 73 3.44 9.96 4.41
N SER A 74 4.18 10.92 4.98
CA SER A 74 5.64 10.82 5.07
C SER A 74 6.11 9.87 6.18
N LYS A 75 5.42 9.78 7.33
CA LYS A 75 5.76 8.80 8.40
C LYS A 75 5.65 7.35 7.90
N LEU A 76 4.65 7.05 7.08
CA LEU A 76 4.48 5.72 6.48
C LEU A 76 5.48 5.46 5.34
N ALA A 77 5.78 6.48 4.52
CA ALA A 77 6.86 6.41 3.54
C ALA A 77 8.23 6.15 4.19
N LYS A 78 8.59 6.89 5.26
CA LYS A 78 9.80 6.71 6.08
C LYS A 78 9.89 5.29 6.64
N THR A 79 8.78 4.76 7.18
CA THR A 79 8.69 3.41 7.77
C THR A 79 8.84 2.29 6.72
N ALA A 80 8.58 2.58 5.43
CA ALA A 80 8.84 1.68 4.30
C ALA A 80 10.18 1.97 3.57
N GLY A 81 11.02 2.87 4.09
CA GLY A 81 12.32 3.23 3.51
C GLY A 81 12.25 4.17 2.28
N ILE A 82 11.10 4.79 2.03
CA ILE A 82 10.85 5.71 0.90
C ILE A 82 11.26 7.14 1.29
N SER A 83 12.16 7.74 0.52
CA SER A 83 12.61 9.13 0.70
C SER A 83 11.53 10.16 0.36
N GLU A 84 11.63 11.37 0.91
CA GLU A 84 10.70 12.48 0.67
C GLU A 84 10.56 12.82 -0.82
N LYS A 85 11.67 12.77 -1.58
CA LYS A 85 11.64 13.02 -3.03
C LYS A 85 11.02 11.86 -3.80
N GLN A 86 11.28 10.61 -3.39
CA GLN A 86 10.68 9.41 -3.98
C GLN A 86 9.15 9.41 -3.81
N LEU A 87 8.64 9.81 -2.63
CA LEU A 87 7.21 9.98 -2.38
C LEU A 87 6.56 10.98 -3.37
N ARG A 88 7.28 12.05 -3.72
CA ARG A 88 6.83 13.09 -4.68
C ARG A 88 6.95 12.66 -6.15
N GLU A 89 8.07 12.04 -6.55
CA GLU A 89 8.30 11.60 -7.95
C GLU A 89 7.40 10.43 -8.36
N ALA A 90 7.01 9.59 -7.40
CA ALA A 90 6.13 8.45 -7.63
C ALA A 90 4.65 8.84 -7.82
N ASP A 91 4.23 9.99 -7.30
CA ASP A 91 2.85 10.52 -7.26
C ASP A 91 1.85 9.68 -6.42
N TYR A 92 1.97 8.35 -6.42
CA TYR A 92 1.28 7.42 -5.51
C TYR A 92 2.13 6.23 -5.07
N ILE A 93 1.84 5.73 -3.87
CA ILE A 93 2.44 4.56 -3.20
C ILE A 93 1.34 3.58 -2.81
N ILE A 94 1.60 2.29 -3.00
CA ILE A 94 0.78 1.18 -2.49
C ILE A 94 1.65 0.31 -1.56
N LEU A 95 1.20 0.07 -0.34
CA LEU A 95 1.90 -0.75 0.67
C LEU A 95 1.03 -1.98 1.00
N ILE A 96 1.49 -3.18 0.63
CA ILE A 96 0.75 -4.44 0.74
C ILE A 96 1.34 -5.31 1.86
N LEU A 97 0.50 -5.71 2.83
CA LEU A 97 0.83 -6.62 3.91
C LEU A 97 0.18 -7.99 3.68
N VAL A 98 1.01 -9.04 3.65
CA VAL A 98 0.62 -10.45 3.39
C VAL A 98 1.37 -11.42 4.29
N ARG A 99 0.96 -12.69 4.35
CA ARG A 99 1.71 -13.78 5.01
C ARG A 99 2.58 -14.62 4.06
N ASP A 100 2.37 -14.51 2.74
CA ASP A 100 3.11 -15.27 1.72
C ASP A 100 3.17 -14.57 0.35
N GLU A 101 4.12 -14.98 -0.49
CA GLU A 101 4.34 -14.41 -1.83
C GLU A 101 3.24 -14.76 -2.86
N LYS A 102 2.51 -15.86 -2.66
CA LYS A 102 1.46 -16.31 -3.61
C LYS A 102 0.23 -15.40 -3.53
N LYS A 103 -0.17 -14.99 -2.31
CA LYS A 103 -1.20 -13.94 -2.13
C LYS A 103 -0.74 -12.59 -2.69
N ALA A 104 0.54 -12.24 -2.54
CA ALA A 104 1.07 -11.01 -3.14
C ALA A 104 0.96 -11.02 -4.67
N LYS A 105 1.38 -12.11 -5.34
CA LYS A 105 1.23 -12.26 -6.80
C LYS A 105 -0.24 -12.30 -7.22
N LYS A 106 -1.12 -12.98 -6.48
CA LYS A 106 -2.55 -13.10 -6.79
C LYS A 106 -3.26 -11.74 -6.73
N PHE A 107 -2.89 -10.90 -5.77
CA PHE A 107 -3.38 -9.53 -5.65
C PHE A 107 -2.77 -8.62 -6.73
N ALA A 108 -1.45 -8.67 -6.89
CA ALA A 108 -0.71 -7.85 -7.84
C ALA A 108 -1.11 -8.12 -9.30
N ASP A 109 -1.54 -9.33 -9.66
CA ASP A 109 -1.95 -9.65 -11.03
C ASP A 109 -3.15 -8.78 -11.51
N SER A 110 -4.07 -8.47 -10.60
CA SER A 110 -5.20 -7.57 -10.85
C SER A 110 -4.79 -6.10 -10.85
N LEU A 111 -3.82 -5.71 -10.01
CA LEU A 111 -3.25 -4.36 -10.00
C LEU A 111 -2.50 -4.07 -11.32
N ARG A 112 -1.71 -5.05 -11.80
CA ARG A 112 -1.04 -5.06 -13.12
C ARG A 112 -2.05 -5.03 -14.28
N LYS A 113 -3.23 -5.64 -14.10
CA LYS A 113 -4.33 -5.62 -15.10
C LYS A 113 -4.88 -4.20 -15.32
N LYS A 114 -4.95 -3.39 -14.26
CA LYS A 114 -5.27 -1.95 -14.34
C LYS A 114 -4.09 -1.13 -14.87
N GLY A 115 -2.88 -1.44 -14.40
CA GLY A 115 -1.60 -0.93 -14.91
C GLY A 115 -0.65 -0.49 -13.79
N SER A 116 0.60 -0.96 -13.83
CA SER A 116 1.68 -0.63 -12.88
C SER A 116 3.08 -0.85 -13.49
N LEU A 117 4.12 -0.33 -12.82
CA LEU A 117 5.53 -0.59 -13.15
C LEU A 117 5.91 -2.05 -12.82
N GLU A 118 6.85 -2.63 -13.57
CA GLU A 118 7.29 -4.02 -13.43
C GLU A 118 8.81 -4.20 -13.23
N HIS A 119 9.19 -5.22 -12.45
CA HIS A 119 10.58 -5.67 -12.24
C HIS A 119 10.72 -7.22 -12.28
N HIS A 120 9.67 -7.95 -11.90
CA HIS A 120 9.57 -9.42 -11.86
C HIS A 120 10.54 -10.11 -10.85
N HIS A 121 10.33 -11.41 -10.61
CA HIS A 121 11.16 -12.26 -9.75
C HIS A 121 11.34 -13.67 -10.33
N HIS A 122 12.39 -14.38 -9.92
CA HIS A 122 12.83 -15.65 -10.52
C HIS A 122 13.08 -16.76 -9.47
N HIS A 123 12.16 -16.89 -8.51
CA HIS A 123 12.25 -17.90 -7.43
C HIS A 123 12.03 -19.33 -7.96
N HIS A 124 11.17 -19.48 -8.98
CA HIS A 124 10.86 -20.72 -9.74
C HIS A 124 10.75 -21.99 -8.88
N GLY A 1 3.30 6.20 -9.78
CA GLY A 1 3.34 5.67 -8.40
C GLY A 1 4.26 4.48 -8.27
N GLN A 2 4.54 4.07 -7.03
CA GLN A 2 5.30 2.86 -6.71
C GLN A 2 4.50 1.87 -5.84
N ILE A 3 4.88 0.60 -5.88
CA ILE A 3 4.23 -0.49 -5.13
C ILE A 3 5.28 -1.20 -4.28
N GLN A 4 4.97 -1.45 -3.00
CA GLN A 4 5.85 -2.14 -2.05
C GLN A 4 5.15 -3.30 -1.35
N TYR A 5 5.95 -4.31 -1.02
CA TYR A 5 5.50 -5.55 -0.36
C TYR A 5 6.39 -5.94 0.82
N PHE A 6 5.78 -6.33 1.93
CA PHE A 6 6.45 -6.91 3.10
C PHE A 6 5.57 -8.00 3.74
N ASN A 7 6.18 -9.08 4.24
CA ASN A 7 5.45 -10.20 4.82
C ASN A 7 5.51 -10.19 6.35
N VAL A 8 4.38 -10.45 7.03
CA VAL A 8 4.28 -10.35 8.51
C VAL A 8 5.17 -11.38 9.22
N ASP A 9 5.34 -12.57 8.65
CA ASP A 9 6.20 -13.63 9.20
C ASP A 9 7.70 -13.42 8.92
N GLU A 10 8.05 -12.54 7.97
CA GLU A 10 9.45 -12.26 7.58
C GLU A 10 9.98 -10.97 8.26
N ASN A 11 9.17 -9.91 8.30
CA ASN A 11 9.50 -8.64 8.96
C ASN A 11 8.37 -8.19 9.93
N PRO A 12 8.16 -8.90 11.06
CA PRO A 12 7.09 -8.59 12.01
C PRO A 12 7.19 -7.17 12.59
N GLU A 13 8.40 -6.72 12.92
CA GLU A 13 8.63 -5.39 13.50
C GLU A 13 8.40 -4.26 12.48
N GLN A 14 8.69 -4.49 11.20
CA GLN A 14 8.44 -3.53 10.12
C GLN A 14 6.92 -3.38 9.88
N VAL A 15 6.18 -4.49 9.88
CA VAL A 15 4.71 -4.48 9.83
C VAL A 15 4.13 -3.78 11.07
N ARG A 16 4.60 -4.10 12.27
CA ARG A 16 4.17 -3.41 13.51
C ARG A 16 4.38 -1.91 13.43
N LYS A 17 5.57 -1.45 13.00
CA LYS A 17 5.87 -0.03 12.79
C LYS A 17 4.90 0.63 11.81
N LEU A 18 4.54 -0.02 10.70
CA LEU A 18 3.55 0.51 9.75
C LEU A 18 2.17 0.70 10.39
N ILE A 19 1.64 -0.30 11.10
CA ILE A 19 0.30 -0.18 11.71
C ILE A 19 0.29 0.86 12.83
N GLU A 20 1.30 0.87 13.71
CA GLU A 20 1.40 1.84 14.82
C GLU A 20 1.68 3.27 14.33
N GLN A 21 2.51 3.46 13.29
CA GLN A 21 2.77 4.80 12.72
C GLN A 21 1.61 5.34 11.87
N ALA A 22 0.74 4.46 11.36
CA ALA A 22 -0.53 4.86 10.76
C ALA A 22 -1.55 5.32 11.84
N GLY A 23 -1.25 5.13 13.13
CA GLY A 23 -2.10 5.47 14.27
C GLY A 23 -3.13 4.38 14.63
N LEU A 24 -2.84 3.11 14.33
CA LEU A 24 -3.77 1.98 14.42
C LEU A 24 -3.24 0.84 15.30
N ASP A 25 -4.14 -0.06 15.70
CA ASP A 25 -3.81 -1.29 16.44
C ASP A 25 -3.63 -2.49 15.49
N PRO A 26 -2.54 -3.27 15.61
CA PRO A 26 -2.38 -4.55 14.89
C PRO A 26 -3.05 -5.72 15.64
N ASP A 27 -2.99 -5.74 16.97
CA ASP A 27 -3.43 -6.85 17.82
C ASP A 27 -4.97 -7.01 17.89
N GLU A 28 -5.72 -5.96 17.57
CA GLU A 28 -7.19 -6.01 17.46
C GLU A 28 -7.65 -6.69 16.15
N LEU A 29 -6.81 -6.69 15.10
CA LEU A 29 -7.13 -7.16 13.74
C LEU A 29 -6.37 -8.44 13.36
N ARG A 30 -6.27 -9.40 14.28
CA ARG A 30 -5.62 -10.72 14.04
C ARG A 30 -6.26 -11.50 12.87
N GLU A 31 -7.55 -11.31 12.63
CA GLU A 31 -8.33 -11.97 11.58
C GLU A 31 -8.11 -11.38 10.17
N ALA A 32 -7.51 -10.18 10.06
CA ALA A 32 -7.29 -9.49 8.79
C ALA A 32 -6.00 -9.98 8.12
N GLU A 33 -6.11 -10.83 7.09
CA GLU A 33 -4.99 -11.53 6.44
C GLU A 33 -4.27 -10.66 5.40
N VAL A 34 -5.01 -9.86 4.63
CA VAL A 34 -4.48 -8.98 3.57
C VAL A 34 -4.78 -7.51 3.90
N ILE A 35 -3.72 -6.70 4.00
CA ILE A 35 -3.76 -5.30 4.45
C ILE A 35 -3.09 -4.40 3.40
N ILE A 36 -3.74 -3.32 2.97
CA ILE A 36 -3.15 -2.33 2.06
C ILE A 36 -3.19 -0.91 2.65
N ILE A 37 -2.05 -0.23 2.52
CA ILE A 37 -1.83 1.19 2.79
C ILE A 37 -1.83 1.93 1.46
N ILE A 38 -2.70 2.93 1.30
CA ILE A 38 -2.75 3.82 0.14
C ILE A 38 -2.35 5.23 0.56
N ILE A 39 -1.31 5.78 -0.07
CA ILE A 39 -0.83 7.14 0.19
C ILE A 39 -0.71 7.87 -1.15
N SER A 40 -1.55 8.88 -1.41
CA SER A 40 -1.53 9.65 -2.67
C SER A 40 -1.38 11.15 -2.43
N ARG A 41 -0.98 11.92 -3.44
CA ARG A 41 -0.80 13.38 -3.32
C ARG A 41 -2.09 14.11 -2.94
N THR A 42 -3.23 13.72 -3.52
CA THR A 42 -4.53 14.37 -3.30
C THR A 42 -5.62 13.34 -2.93
N PRO A 43 -6.68 13.73 -2.19
CA PRO A 43 -7.78 12.82 -1.87
C PRO A 43 -8.51 12.29 -3.10
N GLU A 44 -8.63 13.08 -4.18
CA GLU A 44 -9.28 12.67 -5.43
C GLU A 44 -8.42 11.70 -6.26
N GLN A 45 -7.09 11.76 -6.15
CA GLN A 45 -6.17 10.77 -6.72
C GLN A 45 -6.16 9.47 -5.90
N LEU A 46 -6.26 9.55 -4.56
CA LEU A 46 -6.30 8.38 -3.68
C LEU A 46 -7.62 7.62 -3.77
N GLU A 47 -8.75 8.30 -4.01
CA GLU A 47 -10.09 7.71 -4.16
C GLU A 47 -10.14 6.59 -5.21
N LYS A 48 -9.38 6.75 -6.30
CA LYS A 48 -9.26 5.78 -7.38
C LYS A 48 -8.61 4.48 -6.90
N LEU A 49 -7.53 4.60 -6.13
CA LEU A 49 -6.76 3.49 -5.60
C LEU A 49 -7.49 2.79 -4.44
N SER A 50 -8.04 3.55 -3.48
CA SER A 50 -8.76 2.98 -2.32
C SER A 50 -9.99 2.17 -2.76
N ARG A 51 -10.73 2.68 -3.74
CA ARG A 51 -11.82 1.96 -4.44
C ARG A 51 -11.30 0.68 -5.09
N GLN A 52 -10.19 0.74 -5.84
CA GLN A 52 -9.62 -0.40 -6.55
C GLN A 52 -9.20 -1.54 -5.61
N VAL A 53 -8.59 -1.23 -4.46
CA VAL A 53 -8.16 -2.23 -3.48
C VAL A 53 -9.33 -2.81 -2.66
N LYS A 54 -10.41 -2.03 -2.44
CA LYS A 54 -11.67 -2.53 -1.84
C LYS A 54 -12.48 -3.40 -2.79
N GLU A 55 -12.44 -3.16 -4.10
CA GLU A 55 -13.01 -4.07 -5.11
C GLU A 55 -12.30 -5.44 -5.17
N LEU A 56 -11.06 -5.53 -4.64
CA LEU A 56 -10.33 -6.79 -4.43
C LEU A 56 -10.60 -7.46 -3.06
N GLY A 57 -11.52 -6.90 -2.25
CA GLY A 57 -12.00 -7.53 -1.02
C GLY A 57 -11.00 -7.56 0.15
N ALA A 58 -9.99 -6.67 0.14
CA ALA A 58 -8.99 -6.54 1.20
C ALA A 58 -9.60 -6.40 2.62
N ASP A 59 -8.94 -7.00 3.62
CA ASP A 59 -9.49 -7.13 4.98
C ASP A 59 -9.35 -5.86 5.83
N ARG A 60 -8.23 -5.14 5.69
CA ARG A 60 -7.90 -3.90 6.42
C ARG A 60 -7.36 -2.86 5.45
N LEU A 61 -7.91 -1.64 5.51
CA LEU A 61 -7.60 -0.55 4.58
C LEU A 61 -7.45 0.78 5.32
N LEU A 62 -6.46 1.55 4.89
CA LEU A 62 -6.17 2.89 5.40
C LEU A 62 -5.64 3.81 4.29
N GLU A 63 -6.08 5.07 4.33
CA GLU A 63 -5.76 6.10 3.33
C GLU A 63 -5.08 7.32 3.95
N PHE A 64 -4.03 7.84 3.31
CA PHE A 64 -3.40 9.11 3.66
C PHE A 64 -3.15 9.99 2.42
N ASN A 65 -3.23 11.31 2.61
CA ASN A 65 -3.25 12.31 1.56
C ASN A 65 -2.13 13.35 1.79
N VAL A 66 -1.12 13.40 0.91
CA VAL A 66 0.13 14.18 1.16
C VAL A 66 -0.11 15.69 1.19
N ASP A 67 -1.09 16.21 0.45
CA ASP A 67 -1.42 17.65 0.45
C ASP A 67 -1.96 18.15 1.81
N GLU A 68 -2.65 17.29 2.57
CA GLU A 68 -3.25 17.62 3.85
C GLU A 68 -2.44 17.09 5.06
N ASN A 69 -1.88 15.89 4.95
CA ASN A 69 -1.09 15.22 6.00
C ASN A 69 0.30 14.76 5.50
N PRO A 70 1.20 15.69 5.10
CA PRO A 70 2.52 15.32 4.58
C PRO A 70 3.40 14.61 5.61
N GLU A 71 3.33 14.98 6.89
CA GLU A 71 4.09 14.31 7.96
C GLU A 71 3.63 12.86 8.16
N GLN A 72 2.31 12.63 8.23
CA GLN A 72 1.73 11.29 8.47
C GLN A 72 2.02 10.34 7.31
N ALA A 73 1.97 10.84 6.08
CA ALA A 73 2.41 10.13 4.88
C ALA A 73 3.90 9.77 4.94
N SER A 74 4.76 10.70 5.40
CA SER A 74 6.21 10.50 5.41
C SER A 74 6.67 9.47 6.44
N LYS A 75 6.04 9.36 7.61
CA LYS A 75 6.40 8.34 8.64
C LYS A 75 6.28 6.92 8.10
N LEU A 76 5.24 6.67 7.30
CA LEU A 76 4.99 5.39 6.65
C LEU A 76 5.91 5.15 5.45
N ALA A 77 6.21 6.19 4.67
CA ALA A 77 7.21 6.15 3.61
C ALA A 77 8.62 5.82 4.16
N LYS A 78 9.05 6.48 5.25
CA LYS A 78 10.30 6.22 5.99
C LYS A 78 10.40 4.76 6.42
N THR A 79 9.32 4.20 6.97
CA THR A 79 9.24 2.80 7.41
C THR A 79 9.30 1.80 6.24
N ALA A 80 8.90 2.21 5.03
CA ALA A 80 9.05 1.45 3.79
C ALA A 80 10.40 1.70 3.05
N GLY A 81 11.31 2.49 3.62
CA GLY A 81 12.62 2.85 3.03
C GLY A 81 12.55 3.91 1.93
N ILE A 82 11.43 4.64 1.83
CA ILE A 82 11.14 5.66 0.81
C ILE A 82 11.55 7.05 1.34
N SER A 83 12.39 7.77 0.58
CA SER A 83 12.78 9.16 0.87
C SER A 83 11.71 10.16 0.38
N GLU A 84 11.72 11.38 0.90
CA GLU A 84 10.75 12.43 0.51
C GLU A 84 10.77 12.78 -1.00
N LYS A 85 11.95 12.78 -1.64
CA LYS A 85 12.08 12.88 -3.11
C LYS A 85 11.39 11.73 -3.83
N GLN A 86 11.64 10.49 -3.39
CA GLN A 86 11.09 9.27 -3.99
C GLN A 86 9.56 9.17 -3.79
N LEU A 87 9.04 9.69 -2.68
CA LEU A 87 7.60 9.85 -2.45
C LEU A 87 6.98 10.89 -3.40
N ARG A 88 7.61 12.06 -3.56
CA ARG A 88 7.06 13.15 -4.38
C ARG A 88 7.09 12.81 -5.86
N GLU A 89 8.19 12.26 -6.39
CA GLU A 89 8.31 11.94 -7.82
C GLU A 89 7.41 10.77 -8.26
N ALA A 90 6.97 9.95 -7.31
CA ALA A 90 6.00 8.87 -7.54
C ALA A 90 4.53 9.34 -7.55
N ASP A 91 4.20 10.47 -6.93
CA ASP A 91 2.84 10.99 -6.65
C ASP A 91 1.90 10.07 -5.82
N TYR A 92 2.11 8.75 -5.80
CA TYR A 92 1.44 7.80 -4.89
C TYR A 92 2.28 6.56 -4.56
N ILE A 93 2.02 5.99 -3.38
CA ILE A 93 2.56 4.72 -2.87
C ILE A 93 1.38 3.76 -2.59
N ILE A 94 1.54 2.52 -3.05
CA ILE A 94 0.69 1.38 -2.70
C ILE A 94 1.55 0.43 -1.88
N LEU A 95 1.14 0.10 -0.65
CA LEU A 95 1.94 -0.72 0.26
C LEU A 95 1.11 -1.89 0.81
N ILE A 96 1.41 -3.10 0.34
CA ILE A 96 0.65 -4.33 0.54
C ILE A 96 1.37 -5.24 1.55
N LEU A 97 0.65 -5.66 2.59
CA LEU A 97 1.15 -6.52 3.68
C LEU A 97 0.35 -7.83 3.74
N VAL A 98 1.04 -8.96 3.69
CA VAL A 98 0.46 -10.32 3.61
C VAL A 98 1.23 -11.34 4.46
N ARG A 99 0.69 -12.55 4.62
CA ARG A 99 1.37 -13.66 5.33
C ARG A 99 2.32 -14.47 4.44
N ASP A 100 2.07 -14.54 3.12
CA ASP A 100 2.87 -15.30 2.16
C ASP A 100 2.90 -14.63 0.76
N GLU A 101 3.98 -14.85 0.00
CA GLU A 101 4.18 -14.26 -1.32
C GLU A 101 3.11 -14.63 -2.36
N LYS A 102 2.40 -15.76 -2.23
CA LYS A 102 1.31 -16.11 -3.17
C LYS A 102 0.12 -15.15 -3.08
N LYS A 103 -0.17 -14.62 -1.88
CA LYS A 103 -1.19 -13.58 -1.66
C LYS A 103 -0.75 -12.23 -2.22
N ALA A 104 0.54 -11.89 -2.11
CA ALA A 104 1.10 -10.70 -2.76
C ALA A 104 1.00 -10.78 -4.28
N LYS A 105 1.39 -11.91 -4.90
CA LYS A 105 1.31 -12.09 -6.36
C LYS A 105 -0.15 -12.17 -6.86
N LYS A 106 -1.08 -12.75 -6.10
CA LYS A 106 -2.52 -12.75 -6.45
C LYS A 106 -3.09 -11.33 -6.43
N PHE A 107 -2.65 -10.48 -5.51
CA PHE A 107 -3.04 -9.07 -5.47
C PHE A 107 -2.41 -8.28 -6.64
N ALA A 108 -1.12 -8.51 -6.88
CA ALA A 108 -0.38 -7.92 -8.00
C ALA A 108 -0.98 -8.30 -9.36
N ASP A 109 -1.44 -9.54 -9.55
CA ASP A 109 -2.02 -10.04 -10.80
C ASP A 109 -3.21 -9.20 -11.27
N SER A 110 -4.08 -8.81 -10.34
CA SER A 110 -5.24 -7.96 -10.63
C SER A 110 -4.84 -6.50 -10.93
N LEU A 111 -3.87 -5.96 -10.19
CA LEU A 111 -3.31 -4.62 -10.42
C LEU A 111 -2.58 -4.53 -11.79
N ARG A 112 -1.77 -5.54 -12.14
CA ARG A 112 -1.05 -5.67 -13.43
C ARG A 112 -1.99 -5.66 -14.63
N LYS A 113 -3.20 -6.24 -14.50
CA LYS A 113 -4.26 -6.22 -15.52
C LYS A 113 -4.95 -4.86 -15.67
N LYS A 114 -4.97 -4.02 -14.62
CA LYS A 114 -5.40 -2.61 -14.71
C LYS A 114 -4.34 -1.75 -15.42
N GLY A 115 -3.06 -1.99 -15.17
CA GLY A 115 -1.95 -1.37 -15.92
C GLY A 115 -0.55 -1.83 -15.48
N SER A 116 0.42 -1.73 -16.40
CA SER A 116 1.84 -2.04 -16.20
C SER A 116 2.76 -1.17 -17.08
N LEU A 117 4.02 -1.00 -16.66
CA LEU A 117 5.05 -0.26 -17.40
C LEU A 117 5.81 -1.15 -18.41
N GLU A 118 5.79 -2.46 -18.20
CA GLU A 118 6.38 -3.48 -19.08
C GLU A 118 5.31 -4.45 -19.62
N HIS A 119 5.52 -5.01 -20.81
CA HIS A 119 4.64 -6.05 -21.38
C HIS A 119 4.59 -7.29 -20.48
N HIS A 120 5.76 -7.74 -20.01
CA HIS A 120 6.04 -8.76 -18.98
C HIS A 120 5.53 -10.20 -19.21
N HIS A 121 4.41 -10.39 -19.90
CA HIS A 121 3.70 -11.66 -20.05
C HIS A 121 4.01 -12.33 -21.40
N HIS A 122 4.10 -13.67 -21.43
CA HIS A 122 4.32 -14.46 -22.65
C HIS A 122 3.72 -15.87 -22.52
N HIS A 123 2.58 -16.09 -23.19
CA HIS A 123 1.90 -17.39 -23.33
C HIS A 123 1.74 -18.19 -22.00
N HIS A 124 1.27 -17.51 -20.95
CA HIS A 124 1.01 -18.07 -19.61
C HIS A 124 -0.49 -18.31 -19.36
N GLY A 1 3.32 6.12 -10.33
CA GLY A 1 3.09 5.42 -9.04
C GLY A 1 4.09 4.31 -8.80
N GLN A 2 4.22 3.88 -7.55
CA GLN A 2 5.04 2.71 -7.15
C GLN A 2 4.28 1.76 -6.20
N ILE A 3 4.60 0.47 -6.30
CA ILE A 3 4.01 -0.60 -5.47
C ILE A 3 5.11 -1.32 -4.71
N GLN A 4 4.89 -1.57 -3.42
CA GLN A 4 5.81 -2.27 -2.51
C GLN A 4 5.05 -3.36 -1.74
N TYR A 5 5.74 -4.44 -1.40
CA TYR A 5 5.15 -5.64 -0.79
C TYR A 5 5.92 -6.07 0.47
N PHE A 6 5.21 -6.35 1.56
CA PHE A 6 5.77 -6.81 2.83
C PHE A 6 4.93 -7.96 3.42
N ASN A 7 5.58 -8.92 4.09
CA ASN A 7 4.90 -10.05 4.74
C ASN A 7 4.78 -9.79 6.25
N VAL A 8 3.61 -10.01 6.85
CA VAL A 8 3.40 -9.72 8.29
C VAL A 8 4.22 -10.65 9.20
N ASP A 9 4.31 -11.95 8.86
CA ASP A 9 5.04 -12.93 9.67
C ASP A 9 6.57 -12.94 9.42
N GLU A 10 7.04 -12.46 8.27
CA GLU A 10 8.47 -12.44 7.89
C GLU A 10 9.12 -11.05 8.00
N ASN A 11 8.34 -9.97 7.88
CA ASN A 11 8.73 -8.58 8.12
C ASN A 11 7.91 -7.94 9.27
N PRO A 12 7.91 -8.52 10.49
CA PRO A 12 7.01 -8.10 11.58
C PRO A 12 7.22 -6.65 12.01
N GLU A 13 8.47 -6.21 12.16
CA GLU A 13 8.79 -4.84 12.58
C GLU A 13 8.46 -3.80 11.51
N GLN A 14 8.56 -4.16 10.24
CA GLN A 14 8.19 -3.31 9.10
C GLN A 14 6.68 -3.06 9.06
N VAL A 15 5.86 -4.11 9.15
CA VAL A 15 4.40 -3.98 9.24
C VAL A 15 4.00 -3.27 10.54
N ARG A 16 4.61 -3.60 11.69
CA ARG A 16 4.33 -2.91 12.96
C ARG A 16 4.57 -1.41 12.85
N LYS A 17 5.69 -0.97 12.28
CA LYS A 17 5.96 0.46 12.05
C LYS A 17 4.94 1.09 11.11
N LEU A 18 4.55 0.45 10.00
CA LEU A 18 3.54 1.00 9.08
C LEU A 18 2.16 1.17 9.74
N ILE A 19 1.71 0.18 10.51
CA ILE A 19 0.42 0.19 11.22
C ILE A 19 0.42 1.20 12.38
N GLU A 20 1.48 1.25 13.17
CA GLU A 20 1.61 2.21 14.28
C GLU A 20 1.81 3.67 13.81
N GLN A 21 2.54 3.89 12.70
CA GLN A 21 2.64 5.21 12.06
C GLN A 21 1.31 5.67 11.44
N ALA A 22 0.41 4.75 11.08
CA ALA A 22 -0.95 5.06 10.64
C ALA A 22 -1.91 5.38 11.81
N GLY A 23 -1.48 5.19 13.06
CA GLY A 23 -2.30 5.37 14.27
C GLY A 23 -3.15 4.16 14.65
N LEU A 24 -2.79 2.95 14.20
CA LEU A 24 -3.47 1.67 14.46
C LEU A 24 -2.59 0.74 15.32
N ASP A 25 -3.20 -0.28 15.93
CA ASP A 25 -2.50 -1.35 16.66
C ASP A 25 -2.51 -2.67 15.85
N PRO A 26 -1.35 -3.34 15.63
CA PRO A 26 -1.27 -4.53 14.77
C PRO A 26 -1.79 -5.81 15.44
N ASP A 27 -1.63 -5.95 16.76
CA ASP A 27 -2.08 -7.13 17.53
C ASP A 27 -3.61 -7.24 17.58
N GLU A 28 -4.32 -6.14 17.46
CA GLU A 28 -5.79 -6.07 17.36
C GLU A 28 -6.36 -6.76 16.10
N LEU A 29 -5.59 -6.82 14.99
CA LEU A 29 -6.01 -7.47 13.75
C LEU A 29 -5.75 -8.99 13.78
N ARG A 30 -6.52 -9.69 14.62
CA ARG A 30 -6.44 -11.16 14.82
C ARG A 30 -6.89 -11.96 13.58
N GLU A 31 -7.85 -11.42 12.81
CA GLU A 31 -8.51 -12.09 11.68
C GLU A 31 -7.88 -11.76 10.30
N ALA A 32 -7.12 -10.67 10.19
CA ALA A 32 -6.66 -10.13 8.91
C ALA A 32 -5.55 -10.96 8.23
N GLU A 33 -5.60 -11.01 6.91
CA GLU A 33 -4.68 -11.76 6.03
C GLU A 33 -4.12 -10.91 4.88
N VAL A 34 -4.84 -9.87 4.45
CA VAL A 34 -4.41 -8.87 3.44
C VAL A 34 -4.83 -7.45 3.86
N ILE A 35 -3.87 -6.53 3.94
CA ILE A 35 -4.04 -5.11 4.28
C ILE A 35 -3.32 -4.25 3.23
N ILE A 36 -3.94 -3.17 2.75
CA ILE A 36 -3.31 -2.22 1.82
C ILE A 36 -3.27 -0.81 2.40
N ILE A 37 -2.17 -0.11 2.12
CA ILE A 37 -1.96 1.31 2.40
C ILE A 37 -1.91 2.07 1.07
N ILE A 38 -2.76 3.08 0.91
CA ILE A 38 -2.87 3.90 -0.31
C ILE A 38 -2.53 5.36 0.04
N ILE A 39 -1.54 5.92 -0.66
CA ILE A 39 -1.10 7.31 -0.49
C ILE A 39 -1.01 7.98 -1.87
N SER A 40 -1.58 9.17 -2.05
CA SER A 40 -1.38 9.99 -3.26
C SER A 40 -1.41 11.47 -2.93
N ARG A 41 -1.08 12.35 -3.88
CA ARG A 41 -1.13 13.81 -3.67
C ARG A 41 -2.56 14.29 -3.34
N THR A 42 -3.57 13.79 -4.05
CA THR A 42 -4.97 14.25 -3.95
C THR A 42 -5.94 13.11 -3.59
N PRO A 43 -7.06 13.41 -2.90
CA PRO A 43 -8.10 12.40 -2.65
C PRO A 43 -8.73 11.90 -3.96
N GLU A 44 -8.82 12.74 -5.00
CA GLU A 44 -9.41 12.37 -6.29
C GLU A 44 -8.55 11.37 -7.09
N GLN A 45 -7.23 11.38 -6.91
CA GLN A 45 -6.32 10.36 -7.46
C GLN A 45 -6.31 9.08 -6.61
N LEU A 46 -6.34 9.20 -5.27
CA LEU A 46 -6.25 8.06 -4.37
C LEU A 46 -7.55 7.24 -4.30
N GLU A 47 -8.72 7.86 -4.44
CA GLU A 47 -10.02 7.17 -4.33
C GLU A 47 -10.24 6.11 -5.41
N LYS A 48 -9.65 6.30 -6.61
CA LYS A 48 -9.60 5.26 -7.66
C LYS A 48 -8.94 3.98 -7.15
N LEU A 49 -7.77 4.14 -6.50
CA LEU A 49 -6.95 3.03 -6.01
C LEU A 49 -7.54 2.39 -4.74
N SER A 50 -8.06 3.18 -3.81
CA SER A 50 -8.64 2.63 -2.57
C SER A 50 -9.86 1.78 -2.84
N ARG A 51 -10.78 2.25 -3.71
CA ARG A 51 -11.88 1.42 -4.22
C ARG A 51 -11.38 0.14 -4.89
N GLN A 52 -10.37 0.23 -5.76
CA GLN A 52 -9.82 -0.94 -6.46
C GLN A 52 -9.28 -2.01 -5.50
N VAL A 53 -8.51 -1.61 -4.47
CA VAL A 53 -7.91 -2.58 -3.52
C VAL A 53 -8.92 -3.15 -2.51
N LYS A 54 -9.99 -2.40 -2.19
CA LYS A 54 -11.13 -2.95 -1.40
C LYS A 54 -12.01 -3.89 -2.23
N GLU A 55 -12.21 -3.64 -3.52
CA GLU A 55 -12.93 -4.55 -4.43
C GLU A 55 -12.20 -5.89 -4.65
N LEU A 56 -10.88 -5.93 -4.42
CA LEU A 56 -10.05 -7.15 -4.35
C LEU A 56 -10.29 -7.98 -3.06
N GLY A 57 -10.99 -7.40 -2.08
CA GLY A 57 -11.44 -8.06 -0.85
C GLY A 57 -10.52 -7.92 0.36
N ALA A 58 -9.80 -6.80 0.49
CA ALA A 58 -8.91 -6.54 1.62
C ALA A 58 -9.61 -6.49 2.99
N ASP A 59 -8.92 -6.94 4.04
CA ASP A 59 -9.42 -6.94 5.43
C ASP A 59 -9.34 -5.56 6.09
N ARG A 60 -8.30 -4.78 5.75
CA ARG A 60 -8.12 -3.39 6.16
C ARG A 60 -7.52 -2.52 5.05
N LEU A 61 -7.87 -1.23 5.15
CA LEU A 61 -7.43 -0.16 4.25
C LEU A 61 -7.25 1.15 5.04
N LEU A 62 -6.23 1.92 4.66
CA LEU A 62 -6.01 3.30 5.12
C LEU A 62 -5.51 4.19 3.97
N GLU A 63 -6.00 5.44 3.96
CA GLU A 63 -5.85 6.41 2.88
C GLU A 63 -5.19 7.70 3.39
N PHE A 64 -4.14 8.19 2.72
CA PHE A 64 -3.53 9.49 3.02
C PHE A 64 -3.30 10.34 1.77
N ASN A 65 -3.62 11.63 1.89
CA ASN A 65 -3.66 12.61 0.80
C ASN A 65 -2.65 13.75 1.09
N VAL A 66 -1.53 13.81 0.36
CA VAL A 66 -0.38 14.67 0.70
C VAL A 66 -0.72 16.16 0.77
N ASP A 67 -1.63 16.67 -0.07
CA ASP A 67 -1.97 18.11 -0.06
C ASP A 67 -2.81 18.54 1.17
N GLU A 68 -3.52 17.62 1.83
CA GLU A 68 -4.30 17.87 3.03
C GLU A 68 -3.62 17.38 4.31
N ASN A 69 -3.00 16.19 4.27
CA ASN A 69 -2.29 15.55 5.40
C ASN A 69 -0.84 15.17 5.02
N PRO A 70 0.05 16.14 4.78
CA PRO A 70 1.42 15.87 4.34
C PRO A 70 2.23 15.08 5.37
N GLU A 71 2.08 15.40 6.67
CA GLU A 71 2.81 14.71 7.74
C GLU A 71 2.31 13.27 7.99
N GLN A 72 1.05 12.94 7.68
CA GLN A 72 0.53 11.58 7.82
C GLN A 72 1.03 10.68 6.69
N ALA A 73 1.06 11.20 5.47
CA ALA A 73 1.66 10.52 4.32
C ALA A 73 3.19 10.34 4.50
N SER A 74 3.88 11.35 5.05
CA SER A 74 5.32 11.35 5.26
C SER A 74 5.76 10.31 6.29
N LYS A 75 5.07 10.20 7.43
CA LYS A 75 5.34 9.20 8.48
C LYS A 75 5.40 7.76 7.94
N LEU A 76 4.49 7.41 7.03
CA LEU A 76 4.46 6.11 6.37
C LEU A 76 5.44 6.00 5.19
N ALA A 77 5.62 7.05 4.39
CA ALA A 77 6.63 7.11 3.33
C ALA A 77 8.05 6.86 3.89
N LYS A 78 8.37 7.46 5.04
CA LYS A 78 9.63 7.26 5.78
C LYS A 78 9.89 5.77 6.11
N THR A 79 8.86 5.05 6.55
CA THR A 79 8.92 3.60 6.84
C THR A 79 9.01 2.74 5.58
N ALA A 80 8.45 3.19 4.45
CA ALA A 80 8.58 2.51 3.15
C ALA A 80 9.91 2.82 2.42
N GLY A 81 10.81 3.60 3.02
CA GLY A 81 12.11 3.99 2.44
C GLY A 81 12.03 5.15 1.42
N ILE A 82 10.95 5.93 1.47
CA ILE A 82 10.61 6.99 0.52
C ILE A 82 10.92 8.37 1.11
N SER A 83 11.74 9.16 0.43
CA SER A 83 12.06 10.55 0.79
C SER A 83 10.93 11.52 0.41
N GLU A 84 10.89 12.71 1.01
CA GLU A 84 9.86 13.73 0.71
C GLU A 84 9.79 14.14 -0.76
N LYS A 85 10.94 14.17 -1.46
CA LYS A 85 11.00 14.38 -2.91
C LYS A 85 10.37 13.22 -3.68
N GLN A 86 10.73 12.00 -3.32
CA GLN A 86 10.26 10.79 -4.03
C GLN A 86 8.75 10.57 -3.84
N LEU A 87 8.19 10.91 -2.66
CA LEU A 87 6.76 10.88 -2.39
C LEU A 87 5.96 11.79 -3.35
N ARG A 88 6.51 12.96 -3.70
CA ARG A 88 5.92 13.93 -4.63
C ARG A 88 6.11 13.52 -6.10
N GLU A 89 7.31 13.04 -6.45
CA GLU A 89 7.65 12.58 -7.81
C GLU A 89 6.88 11.34 -8.25
N ALA A 90 6.63 10.41 -7.32
CA ALA A 90 5.98 9.13 -7.60
C ALA A 90 4.45 9.24 -7.84
N ASP A 91 3.82 10.37 -7.52
CA ASP A 91 2.38 10.67 -7.60
C ASP A 91 1.46 9.81 -6.69
N TYR A 92 1.64 8.48 -6.65
CA TYR A 92 0.98 7.58 -5.68
C TYR A 92 1.87 6.42 -5.24
N ILE A 93 1.63 5.96 -4.01
CA ILE A 93 2.28 4.82 -3.36
C ILE A 93 1.22 3.80 -2.97
N ILE A 94 1.52 2.52 -3.23
CA ILE A 94 0.74 1.37 -2.76
C ILE A 94 1.66 0.46 -1.93
N LEU A 95 1.30 0.20 -0.66
CA LEU A 95 1.99 -0.79 0.18
C LEU A 95 1.04 -1.95 0.49
N ILE A 96 1.36 -3.14 0.00
CA ILE A 96 0.56 -4.36 0.16
C ILE A 96 1.19 -5.24 1.25
N LEU A 97 0.43 -5.48 2.32
CA LEU A 97 0.85 -6.23 3.51
C LEU A 97 0.06 -7.54 3.58
N VAL A 98 0.76 -8.68 3.57
CA VAL A 98 0.12 -10.01 3.42
C VAL A 98 0.63 -11.04 4.43
N ARG A 99 -0.18 -12.06 4.72
CA ARG A 99 0.26 -13.21 5.52
C ARG A 99 1.19 -14.15 4.74
N ASP A 100 1.02 -14.27 3.43
CA ASP A 100 1.76 -15.19 2.55
C ASP A 100 2.10 -14.56 1.18
N GLU A 101 3.29 -14.86 0.65
CA GLU A 101 3.83 -14.28 -0.60
C GLU A 101 3.00 -14.60 -1.85
N LYS A 102 2.30 -15.74 -1.90
CA LYS A 102 1.43 -16.10 -3.04
C LYS A 102 0.19 -15.20 -3.11
N LYS A 103 -0.32 -14.73 -1.97
CA LYS A 103 -1.39 -13.70 -1.93
C LYS A 103 -0.90 -12.39 -2.50
N ALA A 104 0.32 -11.95 -2.18
CA ALA A 104 0.90 -10.72 -2.74
C ALA A 104 1.05 -10.80 -4.27
N LYS A 105 1.54 -11.91 -4.84
CA LYS A 105 1.64 -12.03 -6.31
C LYS A 105 0.27 -12.21 -7.00
N LYS A 106 -0.72 -12.85 -6.36
CA LYS A 106 -2.09 -12.88 -6.88
C LYS A 106 -2.74 -11.49 -6.87
N PHE A 107 -2.44 -10.67 -5.86
CA PHE A 107 -2.88 -9.28 -5.79
C PHE A 107 -2.19 -8.42 -6.85
N ALA A 108 -0.87 -8.60 -7.00
CA ALA A 108 -0.06 -7.95 -8.02
C ALA A 108 -0.52 -8.28 -9.44
N ASP A 109 -0.94 -9.52 -9.73
CA ASP A 109 -1.48 -9.91 -11.04
C ASP A 109 -2.71 -9.08 -11.42
N SER A 110 -3.61 -8.81 -10.48
CA SER A 110 -4.79 -7.96 -10.68
C SER A 110 -4.43 -6.46 -10.75
N LEU A 111 -3.49 -5.99 -9.90
CA LEU A 111 -3.02 -4.60 -9.92
C LEU A 111 -2.28 -4.27 -11.24
N ARG A 112 -1.42 -5.17 -11.73
CA ARG A 112 -0.77 -5.09 -13.05
C ARG A 112 -1.80 -5.03 -14.18
N LYS A 113 -2.85 -5.87 -14.13
CA LYS A 113 -3.95 -5.85 -15.11
C LYS A 113 -4.76 -4.54 -15.10
N LYS A 114 -4.87 -3.86 -13.96
CA LYS A 114 -5.44 -2.50 -13.84
C LYS A 114 -4.47 -1.40 -14.33
N GLY A 115 -3.17 -1.55 -14.09
CA GLY A 115 -2.13 -0.57 -14.43
C GLY A 115 -1.76 -0.54 -15.92
N SER A 116 -1.54 -1.71 -16.52
CA SER A 116 -1.27 -1.88 -17.95
C SER A 116 -2.55 -1.76 -18.80
N LEU A 117 -2.41 -1.32 -20.06
CA LEU A 117 -3.53 -1.19 -20.99
C LEU A 117 -4.03 -2.57 -21.50
N GLU A 118 -3.16 -3.58 -21.49
CA GLU A 118 -3.48 -4.98 -21.78
C GLU A 118 -2.77 -5.95 -20.81
N HIS A 119 -3.45 -7.05 -20.44
CA HIS A 119 -2.90 -8.21 -19.71
C HIS A 119 -3.81 -9.42 -20.00
N HIS A 120 -3.30 -10.41 -20.75
CA HIS A 120 -4.04 -11.59 -21.22
C HIS A 120 -5.34 -11.25 -21.99
N HIS A 121 -6.24 -12.22 -22.20
CA HIS A 121 -7.57 -12.00 -22.79
C HIS A 121 -8.65 -11.69 -21.73
N HIS A 122 -9.69 -10.94 -22.12
CA HIS A 122 -10.82 -10.62 -21.25
C HIS A 122 -11.79 -11.81 -21.08
N HIS A 123 -12.34 -11.96 -19.86
CA HIS A 123 -13.14 -13.13 -19.45
C HIS A 123 -14.50 -12.80 -18.79
N HIS A 124 -14.81 -11.51 -18.60
CA HIS A 124 -15.94 -10.97 -17.81
C HIS A 124 -15.82 -11.25 -16.28
N GLY A 1 3.54 6.04 -9.70
CA GLY A 1 3.33 5.36 -8.41
C GLY A 1 4.24 4.17 -8.23
N GLN A 2 4.39 3.68 -6.99
CA GLN A 2 5.08 2.42 -6.67
C GLN A 2 4.27 1.54 -5.69
N ILE A 3 4.59 0.25 -5.69
CA ILE A 3 3.97 -0.77 -4.84
C ILE A 3 5.07 -1.46 -4.02
N GLN A 4 4.81 -1.70 -2.73
CA GLN A 4 5.67 -2.46 -1.82
C GLN A 4 4.88 -3.57 -1.13
N TYR A 5 5.60 -4.62 -0.74
CA TYR A 5 5.05 -5.85 -0.14
C TYR A 5 5.88 -6.27 1.08
N PHE A 6 5.21 -6.64 2.18
CA PHE A 6 5.85 -7.14 3.40
C PHE A 6 5.13 -8.38 3.94
N ASN A 7 5.89 -9.40 4.35
CA ASN A 7 5.35 -10.66 4.86
C ASN A 7 5.29 -10.63 6.40
N VAL A 8 4.11 -10.82 7.00
CA VAL A 8 3.90 -10.67 8.46
C VAL A 8 4.72 -11.68 9.28
N ASP A 9 4.82 -12.92 8.79
CA ASP A 9 5.51 -14.02 9.48
C ASP A 9 7.05 -13.97 9.31
N GLU A 10 7.56 -13.22 8.34
CA GLU A 10 9.00 -13.08 8.05
C GLU A 10 9.58 -11.76 8.58
N ASN A 11 8.81 -10.67 8.51
CA ASN A 11 9.20 -9.32 8.95
C ASN A 11 8.17 -8.72 9.94
N PRO A 12 7.91 -9.36 11.12
CA PRO A 12 6.84 -8.96 12.03
C PRO A 12 6.96 -7.52 12.53
N GLU A 13 8.18 -7.08 12.89
CA GLU A 13 8.41 -5.74 13.44
C GLU A 13 8.26 -4.64 12.37
N GLN A 14 8.57 -4.92 11.10
CA GLN A 14 8.31 -4.02 9.98
C GLN A 14 6.82 -3.81 9.77
N VAL A 15 6.04 -4.90 9.75
CA VAL A 15 4.57 -4.82 9.63
C VAL A 15 3.98 -4.09 10.84
N ARG A 16 4.42 -4.43 12.06
CA ARG A 16 3.97 -3.74 13.28
C ARG A 16 4.23 -2.23 13.22
N LYS A 17 5.42 -1.81 12.78
CA LYS A 17 5.80 -0.40 12.63
C LYS A 17 4.91 0.32 11.62
N LEU A 18 4.56 -0.32 10.50
CA LEU A 18 3.63 0.25 9.52
C LEU A 18 2.22 0.49 10.10
N ILE A 19 1.66 -0.45 10.86
CA ILE A 19 0.33 -0.27 11.50
C ILE A 19 0.36 0.84 12.57
N GLU A 20 1.41 0.87 13.40
CA GLU A 20 1.57 1.87 14.47
C GLU A 20 1.88 3.27 13.93
N GLN A 21 2.69 3.40 12.86
CA GLN A 21 2.91 4.70 12.19
C GLN A 21 1.68 5.19 11.41
N ALA A 22 0.79 4.27 10.99
CA ALA A 22 -0.52 4.60 10.45
C ALA A 22 -1.56 4.93 11.56
N GLY A 23 -1.15 4.92 12.84
CA GLY A 23 -1.98 5.29 13.99
C GLY A 23 -2.99 4.24 14.44
N LEU A 24 -2.82 2.97 14.04
CA LEU A 24 -3.73 1.85 14.35
C LEU A 24 -3.07 0.86 15.33
N ASP A 25 -3.89 0.01 15.94
CA ASP A 25 -3.47 -0.99 16.93
C ASP A 25 -3.24 -2.36 16.26
N PRO A 26 -1.99 -2.81 16.03
CA PRO A 26 -1.71 -4.12 15.42
C PRO A 26 -2.19 -5.29 16.30
N ASP A 27 -2.24 -5.08 17.62
CA ASP A 27 -2.77 -6.03 18.60
C ASP A 27 -4.30 -6.24 18.49
N GLU A 28 -5.03 -5.26 17.92
CA GLU A 28 -6.49 -5.34 17.67
C GLU A 28 -6.81 -6.06 16.35
N LEU A 29 -5.89 -6.06 15.38
CA LEU A 29 -6.03 -6.69 14.06
C LEU A 29 -5.76 -8.22 14.13
N ARG A 30 -6.52 -8.91 14.97
CA ARG A 30 -6.42 -10.35 15.27
C ARG A 30 -6.84 -11.23 14.09
N GLU A 31 -7.87 -10.80 13.35
CA GLU A 31 -8.56 -11.61 12.32
C GLU A 31 -8.16 -11.25 10.86
N ALA A 32 -7.33 -10.24 10.66
CA ALA A 32 -7.04 -9.67 9.34
C ALA A 32 -6.17 -10.59 8.44
N GLU A 33 -6.60 -10.78 7.19
CA GLU A 33 -5.90 -11.60 6.16
C GLU A 33 -5.32 -10.79 4.99
N VAL A 34 -5.73 -9.52 4.85
CA VAL A 34 -5.18 -8.52 3.92
C VAL A 34 -5.27 -7.15 4.60
N ILE A 35 -4.13 -6.47 4.77
CA ILE A 35 -4.06 -5.08 5.23
C ILE A 35 -3.34 -4.27 4.14
N ILE A 36 -3.91 -3.13 3.74
CA ILE A 36 -3.32 -2.25 2.71
C ILE A 36 -3.33 -0.79 3.17
N ILE A 37 -2.21 -0.11 2.93
CA ILE A 37 -2.02 1.32 3.19
C ILE A 37 -1.90 2.04 1.84
N ILE A 38 -2.70 3.09 1.63
CA ILE A 38 -2.66 3.95 0.44
C ILE A 38 -2.18 5.35 0.83
N ILE A 39 -1.11 5.83 0.20
CA ILE A 39 -0.62 7.20 0.39
C ILE A 39 -0.46 7.86 -0.98
N SER A 40 -1.29 8.86 -1.30
CA SER A 40 -1.16 9.66 -2.53
C SER A 40 -0.96 11.14 -2.23
N ARG A 41 -0.62 11.95 -3.23
CA ARG A 41 -0.49 13.40 -3.04
C ARG A 41 -1.85 14.07 -2.77
N THR A 42 -2.88 13.71 -3.55
CA THR A 42 -4.21 14.36 -3.56
C THR A 42 -5.34 13.39 -3.21
N PRO A 43 -6.44 13.85 -2.58
CA PRO A 43 -7.63 13.03 -2.34
C PRO A 43 -8.20 12.40 -3.62
N GLU A 44 -8.19 13.11 -4.76
CA GLU A 44 -8.75 12.63 -6.02
C GLU A 44 -7.95 11.43 -6.60
N GLN A 45 -6.62 11.46 -6.50
CA GLN A 45 -5.77 10.33 -6.90
C GLN A 45 -5.85 9.17 -5.89
N LEU A 46 -5.95 9.46 -4.58
CA LEU A 46 -6.00 8.43 -3.54
C LEU A 46 -7.36 7.71 -3.50
N GLU A 47 -8.49 8.38 -3.74
CA GLU A 47 -9.82 7.77 -3.81
C GLU A 47 -9.91 6.70 -4.90
N LYS A 48 -9.36 6.98 -6.08
CA LYS A 48 -9.23 6.05 -7.22
C LYS A 48 -8.49 4.78 -6.81
N LEU A 49 -7.35 4.92 -6.16
CA LEU A 49 -6.49 3.81 -5.74
C LEU A 49 -7.10 3.01 -4.58
N SER A 50 -7.66 3.69 -3.58
CA SER A 50 -8.35 3.07 -2.43
C SER A 50 -9.53 2.22 -2.89
N ARG A 51 -10.34 2.73 -3.84
CA ARG A 51 -11.40 1.96 -4.51
C ARG A 51 -10.84 0.79 -5.32
N GLN A 52 -9.73 0.96 -6.03
CA GLN A 52 -9.10 -0.11 -6.82
C GLN A 52 -8.66 -1.30 -5.93
N VAL A 53 -8.04 -1.03 -4.77
CA VAL A 53 -7.63 -2.08 -3.83
C VAL A 53 -8.80 -2.66 -3.01
N LYS A 54 -9.87 -1.91 -2.76
CA LYS A 54 -11.12 -2.45 -2.17
C LYS A 54 -11.93 -3.32 -3.13
N GLU A 55 -11.90 -3.05 -4.43
CA GLU A 55 -12.46 -3.94 -5.46
C GLU A 55 -11.71 -5.30 -5.52
N LEU A 56 -10.47 -5.35 -5.03
CA LEU A 56 -9.69 -6.56 -4.80
C LEU A 56 -10.02 -7.31 -3.48
N GLY A 57 -11.00 -6.83 -2.71
CA GLY A 57 -11.51 -7.50 -1.50
C GLY A 57 -10.63 -7.36 -0.26
N ALA A 58 -9.79 -6.30 -0.19
CA ALA A 58 -8.93 -6.02 0.96
C ALA A 58 -9.72 -5.91 2.28
N ASP A 59 -9.23 -6.56 3.35
CA ASP A 59 -9.99 -6.72 4.60
C ASP A 59 -9.86 -5.52 5.55
N ARG A 60 -8.70 -4.85 5.54
CA ARG A 60 -8.42 -3.60 6.27
C ARG A 60 -7.74 -2.59 5.34
N LEU A 61 -8.26 -1.37 5.33
CA LEU A 61 -7.77 -0.25 4.52
C LEU A 61 -7.58 1.01 5.38
N LEU A 62 -6.45 1.68 5.22
CA LEU A 62 -6.21 3.03 5.73
C LEU A 62 -5.46 3.90 4.72
N GLU A 63 -5.78 5.18 4.72
CA GLU A 63 -5.41 6.14 3.67
C GLU A 63 -4.92 7.49 4.21
N PHE A 64 -3.93 8.06 3.51
CA PHE A 64 -3.27 9.33 3.83
C PHE A 64 -3.00 10.15 2.57
N ASN A 65 -3.04 11.48 2.71
CA ASN A 65 -2.83 12.44 1.62
C ASN A 65 -1.69 13.42 1.94
N VAL A 66 -0.69 13.55 1.06
CA VAL A 66 0.49 14.41 1.31
C VAL A 66 0.11 15.89 1.41
N ASP A 67 -0.92 16.35 0.69
CA ASP A 67 -1.36 17.76 0.71
C ASP A 67 -1.96 18.23 2.05
N GLU A 68 -2.49 17.34 2.89
CA GLU A 68 -3.01 17.69 4.24
C GLU A 68 -2.25 17.03 5.41
N ASN A 69 -1.70 15.82 5.20
CA ASN A 69 -0.94 15.05 6.20
C ASN A 69 0.50 14.74 5.70
N PRO A 70 1.33 15.75 5.40
CA PRO A 70 2.67 15.54 4.81
C PRO A 70 3.59 14.74 5.73
N GLU A 71 3.52 14.95 7.05
CA GLU A 71 4.33 14.23 8.03
C GLU A 71 3.88 12.76 8.18
N GLN A 72 2.57 12.51 8.27
CA GLN A 72 2.02 11.15 8.43
C GLN A 72 2.32 10.28 7.19
N ALA A 73 2.21 10.89 6.01
CA ALA A 73 2.59 10.29 4.74
C ALA A 73 4.11 9.99 4.68
N SER A 74 4.95 10.94 5.12
CA SER A 74 6.41 10.78 5.11
C SER A 74 6.88 9.66 6.05
N LYS A 75 6.38 9.58 7.29
CA LYS A 75 6.75 8.50 8.24
C LYS A 75 6.45 7.10 7.70
N LEU A 76 5.32 6.92 7.01
CA LEU A 76 4.95 5.64 6.41
C LEU A 76 5.77 5.30 5.17
N ALA A 77 6.07 6.30 4.32
CA ALA A 77 7.02 6.15 3.21
C ALA A 77 8.42 5.75 3.73
N LYS A 78 8.93 6.45 4.76
CA LYS A 78 10.24 6.19 5.38
C LYS A 78 10.32 4.81 6.02
N THR A 79 9.25 4.34 6.66
CA THR A 79 9.14 2.95 7.15
C THR A 79 9.23 1.94 6.00
N ALA A 80 8.67 2.25 4.81
CA ALA A 80 8.78 1.40 3.62
C ALA A 80 10.10 1.58 2.84
N GLY A 81 11.08 2.31 3.38
CA GLY A 81 12.39 2.58 2.76
C GLY A 81 12.38 3.69 1.69
N ILE A 82 11.31 4.47 1.62
CA ILE A 82 11.08 5.54 0.64
C ILE A 82 11.44 6.88 1.28
N SER A 83 12.33 7.64 0.64
CA SER A 83 12.72 8.98 1.14
C SER A 83 11.56 9.97 1.05
N GLU A 84 11.53 10.99 1.92
CA GLU A 84 10.48 12.01 1.93
C GLU A 84 10.38 12.78 0.60
N LYS A 85 11.49 12.96 -0.15
CA LYS A 85 11.47 13.48 -1.52
C LYS A 85 10.86 12.47 -2.51
N GLN A 86 11.27 11.21 -2.43
CA GLN A 86 10.80 10.15 -3.33
C GLN A 86 9.29 9.89 -3.22
N LEU A 87 8.70 10.08 -2.03
CA LEU A 87 7.24 10.07 -1.82
C LEU A 87 6.51 11.07 -2.74
N ARG A 88 7.07 12.27 -2.95
CA ARG A 88 6.50 13.29 -3.84
C ARG A 88 6.77 12.96 -5.31
N GLU A 89 7.97 12.50 -5.64
CA GLU A 89 8.36 12.12 -7.02
C GLU A 89 7.56 10.95 -7.58
N ALA A 90 7.21 10.00 -6.71
CA ALA A 90 6.44 8.80 -7.04
C ALA A 90 4.93 9.05 -7.25
N ASP A 91 4.40 10.21 -6.87
CA ASP A 91 2.97 10.60 -6.87
C ASP A 91 2.05 9.79 -5.93
N TYR A 92 2.14 8.45 -5.93
CA TYR A 92 1.44 7.57 -4.98
C TYR A 92 2.21 6.31 -4.60
N ILE A 93 1.92 5.81 -3.39
CA ILE A 93 2.49 4.62 -2.76
C ILE A 93 1.36 3.66 -2.37
N ILE A 94 1.56 2.37 -2.65
CA ILE A 94 0.72 1.27 -2.16
C ILE A 94 1.58 0.34 -1.30
N LEU A 95 1.20 0.08 -0.05
CA LEU A 95 1.88 -0.86 0.84
C LEU A 95 0.94 -2.03 1.18
N ILE A 96 1.33 -3.25 0.80
CA ILE A 96 0.52 -4.48 0.90
C ILE A 96 1.11 -5.43 1.95
N LEU A 97 0.29 -5.86 2.91
CA LEU A 97 0.64 -6.83 3.94
C LEU A 97 -0.04 -8.18 3.66
N VAL A 98 0.78 -9.23 3.53
CA VAL A 98 0.37 -10.63 3.27
C VAL A 98 1.21 -11.61 4.11
N ARG A 99 0.90 -12.91 4.09
CA ARG A 99 1.65 -13.95 4.83
C ARG A 99 2.51 -14.89 3.97
N ASP A 100 2.46 -14.75 2.63
CA ASP A 100 3.38 -15.42 1.70
C ASP A 100 3.58 -14.62 0.40
N GLU A 101 4.67 -14.92 -0.32
CA GLU A 101 5.09 -14.18 -1.53
C GLU A 101 4.16 -14.41 -2.73
N LYS A 102 3.53 -15.59 -2.85
CA LYS A 102 2.61 -15.88 -3.97
C LYS A 102 1.27 -15.15 -3.85
N LYS A 103 0.79 -14.90 -2.62
CA LYS A 103 -0.38 -14.07 -2.31
C LYS A 103 -0.18 -12.59 -2.71
N ALA A 104 1.04 -12.06 -2.55
CA ALA A 104 1.41 -10.75 -3.08
C ALA A 104 1.31 -10.69 -4.61
N LYS A 105 1.85 -11.69 -5.32
CA LYS A 105 1.74 -11.74 -6.80
C LYS A 105 0.29 -11.98 -7.26
N LYS A 106 -0.53 -12.74 -6.53
CA LYS A 106 -1.96 -12.94 -6.84
C LYS A 106 -2.72 -11.61 -6.81
N PHE A 107 -2.43 -10.75 -5.83
CA PHE A 107 -2.99 -9.40 -5.73
C PHE A 107 -2.48 -8.51 -6.88
N ALA A 108 -1.16 -8.47 -7.08
CA ALA A 108 -0.49 -7.70 -8.12
C ALA A 108 -0.95 -8.08 -9.55
N ASP A 109 -1.25 -9.35 -9.81
CA ASP A 109 -1.73 -9.85 -11.11
C ASP A 109 -3.01 -9.14 -11.56
N SER A 110 -3.95 -8.92 -10.64
CA SER A 110 -5.19 -8.19 -10.91
C SER A 110 -4.94 -6.68 -11.03
N LEU A 111 -4.02 -6.12 -10.24
CA LEU A 111 -3.60 -4.73 -10.35
C LEU A 111 -2.92 -4.42 -11.70
N ARG A 112 -2.16 -5.37 -12.26
CA ARG A 112 -1.59 -5.33 -13.62
C ARG A 112 -2.66 -5.47 -14.71
N LYS A 113 -3.61 -6.40 -14.55
CA LYS A 113 -4.71 -6.64 -15.51
C LYS A 113 -5.62 -5.43 -15.73
N LYS A 114 -5.79 -4.56 -14.72
CA LYS A 114 -6.50 -3.27 -14.86
C LYS A 114 -5.86 -2.32 -15.91
N GLY A 115 -4.56 -2.47 -16.15
CA GLY A 115 -3.77 -1.72 -17.15
C GLY A 115 -2.97 -2.65 -18.08
N SER A 116 -3.61 -3.71 -18.60
CA SER A 116 -3.00 -4.75 -19.44
C SER A 116 -2.47 -4.24 -20.79
N LEU A 117 -1.73 -5.11 -21.51
CA LEU A 117 -1.05 -4.83 -22.78
C LEU A 117 -0.11 -3.61 -22.69
N GLU A 118 0.84 -3.68 -21.76
CA GLU A 118 1.78 -2.59 -21.42
C GLU A 118 2.70 -2.22 -22.61
N HIS A 119 2.90 -0.91 -22.80
CA HIS A 119 3.57 -0.26 -23.94
C HIS A 119 2.88 -0.46 -25.31
N HIS A 120 2.94 0.56 -26.17
CA HIS A 120 2.37 0.51 -27.51
C HIS A 120 3.20 -0.37 -28.46
N HIS A 121 2.52 -1.15 -29.31
CA HIS A 121 3.11 -2.08 -30.28
C HIS A 121 2.42 -1.96 -31.65
N HIS A 122 3.18 -2.10 -32.73
CA HIS A 122 2.67 -1.90 -34.10
C HIS A 122 1.87 -3.09 -34.66
N HIS A 123 2.14 -4.31 -34.17
CA HIS A 123 1.52 -5.56 -34.61
C HIS A 123 1.23 -6.51 -33.43
N HIS A 124 0.15 -7.30 -33.56
CA HIS A 124 -0.29 -8.35 -32.61
C HIS A 124 -0.30 -7.90 -31.13
N GLY A 1 3.55 5.99 -9.68
CA GLY A 1 3.56 5.43 -8.31
C GLY A 1 4.33 4.14 -8.22
N GLN A 2 4.45 3.58 -7.01
CA GLN A 2 5.10 2.29 -6.75
C GLN A 2 4.31 1.40 -5.78
N ILE A 3 4.55 0.09 -5.83
CA ILE A 3 3.98 -0.90 -4.91
C ILE A 3 5.11 -1.57 -4.12
N GLN A 4 4.91 -1.72 -2.81
CA GLN A 4 5.76 -2.47 -1.89
C GLN A 4 4.97 -3.59 -1.20
N TYR A 5 5.69 -4.66 -0.83
CA TYR A 5 5.12 -5.90 -0.31
C TYR A 5 5.93 -6.39 0.91
N PHE A 6 5.25 -6.73 2.00
CA PHE A 6 5.90 -7.22 3.24
C PHE A 6 5.16 -8.42 3.84
N ASN A 7 5.93 -9.44 4.22
CA ASN A 7 5.45 -10.65 4.88
C ASN A 7 5.47 -10.44 6.41
N VAL A 8 4.32 -10.61 7.08
CA VAL A 8 4.19 -10.41 8.54
C VAL A 8 5.03 -11.44 9.34
N ASP A 9 5.16 -12.67 8.82
CA ASP A 9 5.93 -13.74 9.44
C ASP A 9 7.45 -13.55 9.28
N GLU A 10 7.88 -12.90 8.19
CA GLU A 10 9.28 -12.70 7.82
C GLU A 10 9.88 -11.44 8.47
N ASN A 11 9.17 -10.30 8.38
CA ASN A 11 9.59 -8.99 8.88
C ASN A 11 8.59 -8.42 9.92
N PRO A 12 8.35 -9.10 11.07
CA PRO A 12 7.31 -8.72 12.03
C PRO A 12 7.45 -7.31 12.58
N GLU A 13 8.68 -6.89 12.89
CA GLU A 13 8.96 -5.55 13.44
C GLU A 13 8.75 -4.43 12.42
N GLN A 14 8.99 -4.70 11.13
CA GLN A 14 8.75 -3.74 10.05
C GLN A 14 7.25 -3.55 9.80
N VAL A 15 6.47 -4.65 9.79
CA VAL A 15 5.00 -4.58 9.74
C VAL A 15 4.45 -3.87 10.98
N ARG A 16 4.96 -4.18 12.19
CA ARG A 16 4.57 -3.47 13.42
C ARG A 16 4.80 -1.95 13.30
N LYS A 17 5.96 -1.52 12.80
CA LYS A 17 6.24 -0.09 12.55
C LYS A 17 5.27 0.54 11.55
N LEU A 18 4.89 -0.16 10.48
CA LEU A 18 3.87 0.32 9.54
C LEU A 18 2.49 0.46 10.20
N ILE A 19 2.02 -0.55 10.93
CA ILE A 19 0.72 -0.52 11.62
C ILE A 19 0.68 0.59 12.67
N GLU A 20 1.74 0.74 13.47
CA GLU A 20 1.84 1.80 14.50
C GLU A 20 1.93 3.21 13.89
N GLN A 21 2.70 3.41 12.81
CA GLN A 21 2.82 4.72 12.15
C GLN A 21 1.57 5.09 11.32
N ALA A 22 0.76 4.10 10.94
CA ALA A 22 -0.56 4.32 10.35
C ALA A 22 -1.63 4.65 11.42
N GLY A 23 -1.32 4.52 12.72
CA GLY A 23 -2.21 4.83 13.84
C GLY A 23 -3.06 3.64 14.35
N LEU A 24 -2.62 2.40 14.13
CA LEU A 24 -3.31 1.15 14.54
C LEU A 24 -2.43 0.28 15.47
N ASP A 25 -3.04 -0.74 16.09
CA ASP A 25 -2.36 -1.75 16.92
C ASP A 25 -2.26 -3.10 16.19
N PRO A 26 -1.10 -3.79 16.16
CA PRO A 26 -0.91 -5.02 15.40
C PRO A 26 -1.61 -6.25 16.01
N ASP A 27 -1.69 -6.36 17.33
CA ASP A 27 -2.33 -7.49 18.02
C ASP A 27 -3.86 -7.48 17.91
N GLU A 28 -4.47 -6.31 17.71
CA GLU A 28 -5.92 -6.15 17.50
C GLU A 28 -6.39 -6.62 16.11
N LEU A 29 -5.51 -6.60 15.10
CA LEU A 29 -5.81 -6.92 13.69
C LEU A 29 -5.71 -8.44 13.40
N ARG A 30 -6.39 -9.25 14.22
CA ARG A 30 -6.29 -10.73 14.22
C ARG A 30 -6.95 -11.38 12.99
N GLU A 31 -7.99 -10.76 12.44
CA GLU A 31 -8.83 -11.30 11.35
C GLU A 31 -8.45 -10.80 9.95
N ALA A 32 -7.68 -9.71 9.85
CA ALA A 32 -7.36 -9.05 8.59
C ALA A 32 -6.21 -9.78 7.85
N GLU A 33 -6.57 -10.66 6.92
CA GLU A 33 -5.63 -11.52 6.18
C GLU A 33 -4.74 -10.78 5.16
N VAL A 34 -5.23 -9.66 4.62
CA VAL A 34 -4.49 -8.74 3.75
C VAL A 34 -4.88 -7.30 4.13
N ILE A 35 -3.88 -6.42 4.26
CA ILE A 35 -4.06 -4.99 4.53
C ILE A 35 -3.28 -4.19 3.48
N ILE A 36 -3.92 -3.18 2.89
CA ILE A 36 -3.26 -2.23 1.99
C ILE A 36 -3.31 -0.80 2.55
N ILE A 37 -2.17 -0.13 2.51
CA ILE A 37 -2.02 1.29 2.79
C ILE A 37 -1.90 2.05 1.47
N ILE A 38 -2.79 3.02 1.25
CA ILE A 38 -2.78 3.92 0.10
C ILE A 38 -2.39 5.32 0.56
N ILE A 39 -1.27 5.82 0.02
CA ILE A 39 -0.75 7.16 0.28
C ILE A 39 -0.55 7.88 -1.07
N SER A 40 -1.34 8.91 -1.38
CA SER A 40 -1.20 9.71 -2.61
C SER A 40 -1.15 11.21 -2.37
N ARG A 41 -0.51 11.96 -3.26
CA ARG A 41 -0.29 13.42 -3.12
C ARG A 41 -1.49 14.30 -3.39
N THR A 42 -2.50 13.77 -4.05
CA THR A 42 -3.84 14.37 -4.23
C THR A 42 -4.94 13.44 -3.72
N PRO A 43 -5.98 13.96 -3.04
CA PRO A 43 -7.03 13.11 -2.47
C PRO A 43 -7.87 12.40 -3.54
N GLU A 44 -8.08 13.01 -4.70
CA GLU A 44 -8.79 12.37 -5.82
C GLU A 44 -8.02 11.17 -6.39
N GLN A 45 -6.68 11.28 -6.53
CA GLN A 45 -5.85 10.14 -6.92
C GLN A 45 -5.77 9.07 -5.82
N LEU A 46 -5.80 9.46 -4.54
CA LEU A 46 -5.89 8.53 -3.41
C LEU A 46 -7.23 7.75 -3.48
N GLU A 47 -8.36 8.41 -3.73
CA GLU A 47 -9.67 7.76 -3.88
C GLU A 47 -9.70 6.78 -5.07
N LYS A 48 -9.11 7.15 -6.21
CA LYS A 48 -8.98 6.25 -7.37
C LYS A 48 -8.29 4.93 -6.99
N LEU A 49 -7.19 5.02 -6.25
CA LEU A 49 -6.38 3.87 -5.83
C LEU A 49 -7.05 3.07 -4.70
N SER A 50 -7.67 3.73 -3.73
CA SER A 50 -8.32 3.06 -2.60
C SER A 50 -9.54 2.25 -3.03
N ARG A 51 -10.37 2.81 -3.91
CA ARG A 51 -11.48 2.12 -4.59
C ARG A 51 -10.98 0.93 -5.44
N GLN A 52 -9.82 1.07 -6.09
CA GLN A 52 -9.18 -0.01 -6.86
C GLN A 52 -8.79 -1.21 -5.98
N VAL A 53 -8.16 -0.99 -4.82
CA VAL A 53 -7.82 -2.09 -3.88
C VAL A 53 -9.01 -2.60 -3.06
N LYS A 54 -10.04 -1.77 -2.83
CA LYS A 54 -11.33 -2.19 -2.25
C LYS A 54 -12.08 -3.17 -3.15
N GLU A 55 -12.08 -2.96 -4.48
CA GLU A 55 -12.64 -3.90 -5.45
C GLU A 55 -11.94 -5.28 -5.47
N LEU A 56 -10.68 -5.34 -5.01
CA LEU A 56 -9.92 -6.58 -4.82
C LEU A 56 -10.23 -7.31 -3.50
N GLY A 57 -11.16 -6.81 -2.69
CA GLY A 57 -11.68 -7.48 -1.49
C GLY A 57 -10.72 -7.45 -0.29
N ALA A 58 -9.77 -6.51 -0.25
CA ALA A 58 -8.90 -6.28 0.90
C ALA A 58 -9.69 -6.12 2.22
N ASP A 59 -9.25 -6.78 3.30
CA ASP A 59 -10.04 -6.87 4.54
C ASP A 59 -9.95 -5.59 5.40
N ARG A 60 -8.82 -4.88 5.34
CA ARG A 60 -8.61 -3.57 5.97
C ARG A 60 -7.98 -2.59 4.98
N LEU A 61 -8.56 -1.40 4.89
CA LEU A 61 -8.14 -0.28 4.05
C LEU A 61 -7.55 0.85 4.90
N LEU A 62 -6.56 1.56 4.37
CA LEU A 62 -6.03 2.81 4.90
C LEU A 62 -5.90 3.84 3.79
N GLU A 63 -6.30 5.08 4.09
CA GLU A 63 -6.33 6.21 3.16
C GLU A 63 -5.63 7.45 3.77
N PHE A 64 -4.47 7.82 3.23
CA PHE A 64 -3.71 9.03 3.63
C PHE A 64 -3.31 9.88 2.43
N ASN A 65 -3.17 11.20 2.64
CA ASN A 65 -2.74 12.15 1.64
C ASN A 65 -1.46 12.91 2.06
N VAL A 66 -0.52 13.07 1.12
CA VAL A 66 0.80 13.68 1.38
C VAL A 66 0.70 15.16 1.78
N ASP A 67 -0.27 15.91 1.24
CA ASP A 67 -0.46 17.33 1.59
C ASP A 67 -1.14 17.53 2.96
N GLU A 68 -2.05 16.63 3.35
CA GLU A 68 -2.77 16.68 4.64
C GLU A 68 -1.96 16.13 5.82
N ASN A 69 -1.18 15.06 5.62
CA ASN A 69 -0.24 14.51 6.63
C ASN A 69 1.18 14.33 6.04
N PRO A 70 1.96 15.40 5.82
CA PRO A 70 3.32 15.30 5.28
C PRO A 70 4.23 14.42 6.13
N GLU A 71 4.10 14.51 7.47
CA GLU A 71 4.95 13.76 8.40
C GLU A 71 4.61 12.26 8.40
N GLN A 72 3.34 11.87 8.52
CA GLN A 72 2.97 10.44 8.55
C GLN A 72 3.09 9.76 7.19
N ALA A 73 2.81 10.48 6.11
CA ALA A 73 3.11 10.00 4.75
C ALA A 73 4.62 9.71 4.60
N SER A 74 5.49 10.57 5.15
CA SER A 74 6.93 10.36 5.17
C SER A 74 7.33 9.20 6.09
N LYS A 75 6.80 9.09 7.31
CA LYS A 75 7.13 8.01 8.26
C LYS A 75 6.78 6.62 7.70
N LEU A 76 5.62 6.49 7.06
CA LEU A 76 5.18 5.24 6.43
C LEU A 76 6.03 4.90 5.18
N ALA A 77 6.38 5.90 4.37
CA ALA A 77 7.31 5.74 3.25
C ALA A 77 8.72 5.32 3.72
N LYS A 78 9.26 5.97 4.76
CA LYS A 78 10.59 5.68 5.36
C LYS A 78 10.68 4.25 5.88
N THR A 79 9.61 3.76 6.51
CA THR A 79 9.51 2.38 7.02
C THR A 79 9.46 1.34 5.89
N ALA A 80 9.05 1.73 4.68
CA ALA A 80 9.12 0.92 3.46
C ALA A 80 10.43 1.14 2.65
N GLY A 81 11.39 1.90 3.18
CA GLY A 81 12.69 2.20 2.54
C GLY A 81 12.65 3.34 1.50
N ILE A 82 11.59 4.14 1.49
CA ILE A 82 11.32 5.21 0.51
C ILE A 82 11.71 6.56 1.11
N SER A 83 12.59 7.30 0.44
CA SER A 83 13.00 8.66 0.83
C SER A 83 12.00 9.72 0.36
N GLU A 84 12.00 10.90 0.98
CA GLU A 84 11.05 11.99 0.69
C GLU A 84 11.04 12.42 -0.78
N LYS A 85 12.21 12.46 -1.45
CA LYS A 85 12.28 12.74 -2.89
C LYS A 85 11.59 11.65 -3.74
N GLN A 86 11.76 10.38 -3.37
CA GLN A 86 11.10 9.25 -4.04
C GLN A 86 9.58 9.26 -3.80
N LEU A 87 9.14 9.58 -2.56
CA LEU A 87 7.72 9.74 -2.21
C LEU A 87 7.04 10.82 -3.07
N ARG A 88 7.70 11.97 -3.27
CA ARG A 88 7.16 13.11 -4.04
C ARG A 88 7.18 12.89 -5.55
N GLU A 89 8.26 12.32 -6.11
CA GLU A 89 8.36 12.06 -7.56
C GLU A 89 7.51 10.89 -8.05
N ALA A 90 7.22 9.94 -7.16
CA ALA A 90 6.32 8.81 -7.42
C ALA A 90 4.82 9.17 -7.46
N ASP A 91 4.43 10.33 -6.90
CA ASP A 91 3.06 10.80 -6.64
C ASP A 91 2.20 9.91 -5.70
N TYR A 92 2.27 8.58 -5.80
CA TYR A 92 1.57 7.66 -4.90
C TYR A 92 2.36 6.39 -4.57
N ILE A 93 2.09 5.85 -3.38
CA ILE A 93 2.66 4.61 -2.84
C ILE A 93 1.54 3.66 -2.41
N ILE A 94 1.71 2.38 -2.70
CA ILE A 94 0.89 1.28 -2.22
C ILE A 94 1.76 0.35 -1.36
N LEU A 95 1.38 0.12 -0.09
CA LEU A 95 2.04 -0.81 0.82
C LEU A 95 1.10 -1.99 1.11
N ILE A 96 1.48 -3.21 0.75
CA ILE A 96 0.67 -4.43 0.89
C ILE A 96 1.28 -5.37 1.95
N LEU A 97 0.50 -5.66 3.01
CA LEU A 97 0.84 -6.62 4.05
C LEU A 97 0.18 -7.98 3.78
N VAL A 98 0.98 -9.05 3.77
CA VAL A 98 0.56 -10.44 3.46
C VAL A 98 1.22 -11.47 4.38
N ARG A 99 0.73 -12.72 4.37
CA ARG A 99 1.38 -13.86 5.05
C ARG A 99 2.37 -14.63 4.16
N ASP A 100 2.27 -14.50 2.83
CA ASP A 100 3.13 -15.19 1.85
C ASP A 100 3.31 -14.40 0.54
N GLU A 101 4.49 -14.55 -0.08
CA GLU A 101 4.89 -13.82 -1.30
C GLU A 101 4.07 -14.19 -2.54
N LYS A 102 3.54 -15.42 -2.65
CA LYS A 102 2.63 -15.83 -3.73
C LYS A 102 1.24 -15.23 -3.56
N LYS A 103 0.79 -15.03 -2.32
CA LYS A 103 -0.43 -14.27 -1.98
C LYS A 103 -0.30 -12.80 -2.40
N ALA A 104 0.88 -12.19 -2.19
CA ALA A 104 1.20 -10.87 -2.73
C ALA A 104 1.20 -10.85 -4.27
N LYS A 105 1.79 -11.85 -4.96
CA LYS A 105 1.70 -11.94 -6.42
C LYS A 105 0.25 -12.05 -6.89
N LYS A 106 -0.61 -12.85 -6.24
CA LYS A 106 -2.03 -13.00 -6.63
C LYS A 106 -2.77 -11.65 -6.58
N PHE A 107 -2.56 -10.88 -5.52
CA PHE A 107 -3.14 -9.54 -5.39
C PHE A 107 -2.57 -8.58 -6.45
N ALA A 108 -1.24 -8.60 -6.66
CA ALA A 108 -0.56 -7.82 -7.68
C ALA A 108 -1.00 -8.19 -9.11
N ASP A 109 -1.33 -9.46 -9.38
CA ASP A 109 -1.78 -9.93 -10.70
C ASP A 109 -3.18 -9.39 -11.03
N SER A 110 -4.02 -9.25 -10.00
CA SER A 110 -5.35 -8.67 -10.10
C SER A 110 -5.29 -7.14 -10.24
N LEU A 111 -4.36 -6.48 -9.53
CA LEU A 111 -4.09 -5.04 -9.65
C LEU A 111 -3.48 -4.68 -11.01
N ARG A 112 -2.44 -5.40 -11.47
CA ARG A 112 -1.69 -5.09 -12.70
C ARG A 112 -2.54 -5.17 -13.98
N LYS A 113 -3.61 -5.99 -13.95
CA LYS A 113 -4.63 -6.14 -15.01
C LYS A 113 -5.45 -4.86 -15.27
N LYS A 114 -5.53 -3.92 -14.31
CA LYS A 114 -6.25 -2.63 -14.45
C LYS A 114 -5.65 -1.70 -15.52
N GLY A 115 -4.36 -1.85 -15.85
CA GLY A 115 -3.67 -1.13 -16.91
C GLY A 115 -2.92 -2.06 -17.89
N SER A 116 -2.00 -1.49 -18.67
CA SER A 116 -1.05 -2.25 -19.49
C SER A 116 0.05 -2.89 -18.64
N LEU A 117 0.57 -4.04 -19.08
CA LEU A 117 1.62 -4.78 -18.37
C LEU A 117 2.99 -4.09 -18.55
N GLU A 118 3.78 -4.03 -17.47
CA GLU A 118 5.08 -3.35 -17.42
C GLU A 118 6.26 -4.30 -17.64
N HIS A 119 7.35 -3.77 -18.23
CA HIS A 119 8.58 -4.49 -18.60
C HIS A 119 8.37 -5.63 -19.63
N HIS A 120 9.47 -6.29 -20.03
CA HIS A 120 9.46 -7.46 -20.93
C HIS A 120 9.25 -8.80 -20.19
N HIS A 121 9.00 -8.76 -18.88
CA HIS A 121 8.99 -9.93 -17.99
C HIS A 121 7.71 -10.77 -18.13
N HIS A 122 7.89 -12.09 -18.29
CA HIS A 122 6.83 -13.09 -18.44
C HIS A 122 7.14 -14.35 -17.58
N HIS A 123 7.82 -14.15 -16.44
CA HIS A 123 8.45 -15.21 -15.65
C HIS A 123 7.74 -15.61 -14.34
N HIS A 124 6.87 -14.75 -13.78
CA HIS A 124 6.25 -14.95 -12.46
C HIS A 124 4.84 -14.33 -12.34
N GLY A 1 2.87 5.07 -10.41
CA GLY A 1 2.89 4.60 -9.00
C GLY A 1 3.82 3.43 -8.80
N GLN A 2 4.15 3.11 -7.54
CA GLN A 2 4.90 1.91 -7.17
C GLN A 2 4.14 1.06 -6.14
N ILE A 3 4.42 -0.25 -6.13
CA ILE A 3 3.86 -1.23 -5.19
C ILE A 3 5.01 -1.87 -4.40
N GLN A 4 4.84 -1.99 -3.08
CA GLN A 4 5.74 -2.68 -2.16
C GLN A 4 5.01 -3.77 -1.38
N TYR A 5 5.76 -4.78 -0.91
CA TYR A 5 5.21 -6.00 -0.32
C TYR A 5 5.98 -6.44 0.93
N PHE A 6 5.27 -6.76 2.02
CA PHE A 6 5.84 -7.23 3.28
C PHE A 6 5.02 -8.38 3.90
N ASN A 7 5.68 -9.32 4.55
CA ASN A 7 5.06 -10.53 5.10
C ASN A 7 4.83 -10.40 6.61
N VAL A 8 3.62 -10.67 7.12
CA VAL A 8 3.36 -10.55 8.58
C VAL A 8 4.11 -11.61 9.40
N ASP A 9 4.23 -12.84 8.90
CA ASP A 9 4.93 -13.93 9.59
C ASP A 9 6.46 -13.87 9.47
N GLU A 10 6.99 -13.41 8.33
CA GLU A 10 8.45 -13.40 8.04
C GLU A 10 9.12 -12.03 8.23
N ASN A 11 8.35 -10.93 8.13
CA ASN A 11 8.78 -9.55 8.43
C ASN A 11 7.93 -8.92 9.56
N PRO A 12 7.79 -9.56 10.74
CA PRO A 12 6.81 -9.14 11.76
C PRO A 12 7.01 -7.71 12.28
N GLU A 13 8.24 -7.32 12.58
CA GLU A 13 8.55 -5.98 13.10
C GLU A 13 8.37 -4.88 12.04
N GLN A 14 8.62 -5.21 10.76
CA GLN A 14 8.36 -4.30 9.63
C GLN A 14 6.85 -4.03 9.48
N VAL A 15 6.01 -5.07 9.52
CA VAL A 15 4.54 -4.89 9.47
C VAL A 15 4.04 -4.17 10.72
N ARG A 16 4.54 -4.52 11.92
CA ARG A 16 4.23 -3.80 13.17
C ARG A 16 4.48 -2.29 13.02
N LYS A 17 5.66 -1.90 12.52
CA LYS A 17 6.02 -0.51 12.25
C LYS A 17 5.13 0.13 11.19
N LEU A 18 4.79 -0.55 10.09
CA LEU A 18 3.91 0.01 9.06
C LEU A 18 2.49 0.29 9.56
N ILE A 19 1.92 -0.57 10.41
CA ILE A 19 0.61 -0.32 11.04
C ILE A 19 0.69 0.85 12.04
N GLU A 20 1.73 0.89 12.89
CA GLU A 20 1.97 2.00 13.83
C GLU A 20 2.20 3.35 13.12
N GLN A 21 2.94 3.36 12.02
CA GLN A 21 3.25 4.55 11.21
C GLN A 21 2.03 5.06 10.43
N ALA A 22 1.05 4.20 10.16
CA ALA A 22 -0.27 4.57 9.65
C ALA A 22 -1.20 5.09 10.77
N GLY A 23 -0.79 5.02 12.04
CA GLY A 23 -1.57 5.46 13.21
C GLY A 23 -2.53 4.40 13.79
N LEU A 24 -2.36 3.12 13.44
CA LEU A 24 -3.20 1.99 13.88
C LEU A 24 -2.44 1.09 14.88
N ASP A 25 -3.18 0.22 15.58
CA ASP A 25 -2.62 -0.82 16.45
C ASP A 25 -2.66 -2.20 15.75
N PRO A 26 -1.52 -2.88 15.52
CA PRO A 26 -1.48 -4.20 14.87
C PRO A 26 -2.10 -5.31 15.72
N ASP A 27 -2.08 -5.14 17.04
CA ASP A 27 -2.75 -6.03 18.01
C ASP A 27 -4.28 -6.13 17.80
N GLU A 28 -4.90 -5.10 17.22
CA GLU A 28 -6.33 -5.11 16.87
C GLU A 28 -6.62 -5.74 15.49
N LEU A 29 -5.58 -6.02 14.69
CA LEU A 29 -5.65 -6.69 13.38
C LEU A 29 -5.34 -8.20 13.47
N ARG A 30 -5.65 -8.81 14.63
CA ARG A 30 -5.33 -10.20 15.01
C ARG A 30 -5.81 -11.28 14.02
N GLU A 31 -6.90 -11.02 13.30
CA GLU A 31 -7.55 -11.96 12.36
C GLU A 31 -7.23 -11.68 10.88
N ALA A 32 -6.44 -10.64 10.57
CA ALA A 32 -6.18 -10.20 9.20
C ALA A 32 -5.14 -11.05 8.45
N GLU A 33 -5.30 -11.18 7.13
CA GLU A 33 -4.38 -11.90 6.23
C GLU A 33 -3.95 -11.11 4.98
N VAL A 34 -4.67 -10.03 4.63
CA VAL A 34 -4.29 -9.03 3.61
C VAL A 34 -4.71 -7.63 4.08
N ILE A 35 -3.75 -6.70 4.13
CA ILE A 35 -3.97 -5.28 4.44
C ILE A 35 -3.24 -4.42 3.41
N ILE A 36 -3.88 -3.36 2.89
CA ILE A 36 -3.25 -2.44 1.94
C ILE A 36 -3.34 -0.98 2.43
N ILE A 37 -2.21 -0.29 2.32
CA ILE A 37 -2.04 1.14 2.58
C ILE A 37 -1.94 1.85 1.22
N ILE A 38 -2.84 2.81 0.95
CA ILE A 38 -2.84 3.62 -0.28
C ILE A 38 -2.46 5.06 0.07
N ILE A 39 -1.39 5.56 -0.57
CA ILE A 39 -0.88 6.92 -0.38
C ILE A 39 -0.73 7.61 -1.75
N SER A 40 -1.52 8.65 -2.06
CA SER A 40 -1.41 9.38 -3.33
C SER A 40 -1.07 10.86 -3.16
N ARG A 41 -0.45 11.45 -4.19
CA ARG A 41 -0.12 12.89 -4.27
C ARG A 41 -1.35 13.76 -4.55
N THR A 42 -2.41 13.19 -5.13
CA THR A 42 -3.73 13.83 -5.26
C THR A 42 -4.83 12.93 -4.66
N PRO A 43 -5.86 13.50 -4.01
CA PRO A 43 -6.93 12.69 -3.42
C PRO A 43 -7.77 11.96 -4.47
N GLU A 44 -7.91 12.53 -5.67
CA GLU A 44 -8.65 11.93 -6.79
C GLU A 44 -7.96 10.66 -7.33
N GLN A 45 -6.63 10.65 -7.45
CA GLN A 45 -5.89 9.43 -7.81
C GLN A 45 -5.95 8.38 -6.68
N LEU A 46 -5.98 8.80 -5.40
CA LEU A 46 -6.14 7.91 -4.25
C LEU A 46 -7.53 7.24 -4.27
N GLU A 47 -8.59 7.99 -4.62
CA GLU A 47 -9.98 7.51 -4.74
C GLU A 47 -10.12 6.29 -5.68
N LYS A 48 -9.46 6.34 -6.84
CA LYS A 48 -9.53 5.29 -7.87
C LYS A 48 -8.74 4.05 -7.48
N LEU A 49 -7.59 4.21 -6.81
CA LEU A 49 -6.79 3.10 -6.31
C LEU A 49 -7.48 2.40 -5.13
N SER A 50 -8.10 3.17 -4.25
CA SER A 50 -8.91 2.69 -3.12
C SER A 50 -10.11 1.87 -3.61
N ARG A 51 -10.77 2.34 -4.68
CA ARG A 51 -11.80 1.59 -5.43
C ARG A 51 -11.24 0.31 -6.05
N GLN A 52 -10.04 0.33 -6.64
CA GLN A 52 -9.43 -0.84 -7.31
C GLN A 52 -9.11 -1.96 -6.30
N VAL A 53 -8.50 -1.65 -5.16
CA VAL A 53 -8.20 -2.64 -4.10
C VAL A 53 -9.46 -3.19 -3.42
N LYS A 54 -10.58 -2.45 -3.44
CA LYS A 54 -11.89 -2.94 -2.98
C LYS A 54 -12.48 -4.03 -3.90
N GLU A 55 -12.15 -4.05 -5.19
CA GLU A 55 -12.57 -5.13 -6.12
C GLU A 55 -12.01 -6.50 -5.73
N LEU A 56 -10.87 -6.53 -5.02
CA LEU A 56 -10.22 -7.74 -4.50
C LEU A 56 -10.74 -8.17 -3.11
N GLY A 57 -11.63 -7.39 -2.49
CA GLY A 57 -12.25 -7.73 -1.20
C GLY A 57 -11.30 -7.73 -0.01
N ALA A 58 -10.29 -6.86 -0.02
CA ALA A 58 -9.29 -6.71 1.04
C ALA A 58 -9.90 -6.56 2.45
N ASP A 59 -9.28 -7.19 3.46
CA ASP A 59 -9.85 -7.31 4.81
C ASP A 59 -9.72 -6.03 5.65
N ARG A 60 -8.65 -5.26 5.45
CA ARG A 60 -8.41 -3.93 6.04
C ARG A 60 -7.81 -2.98 4.99
N LEU A 61 -8.32 -1.75 4.94
CA LEU A 61 -7.89 -0.70 4.01
C LEU A 61 -7.77 0.64 4.75
N LEU A 62 -6.70 1.39 4.44
CA LEU A 62 -6.55 2.77 4.88
C LEU A 62 -5.87 3.67 3.84
N GLU A 63 -6.28 4.94 3.86
CA GLU A 63 -6.02 5.96 2.85
C GLU A 63 -5.26 7.17 3.43
N PHE A 64 -4.23 7.65 2.71
CA PHE A 64 -3.51 8.90 2.99
C PHE A 64 -3.24 9.69 1.70
N ASN A 65 -3.07 11.01 1.86
CA ASN A 65 -2.84 11.94 0.75
C ASN A 65 -1.69 12.91 1.07
N VAL A 66 -0.68 12.99 0.20
CA VAL A 66 0.59 13.74 0.45
C VAL A 66 0.34 15.24 0.61
N ASP A 67 -0.62 15.79 -0.14
CA ASP A 67 -0.91 17.24 -0.16
C ASP A 67 -1.43 17.77 1.18
N GLU A 68 -2.22 16.96 1.89
CA GLU A 68 -2.86 17.30 3.16
C GLU A 68 -2.15 16.67 4.38
N ASN A 69 -1.66 15.43 4.25
CA ASN A 69 -0.97 14.66 5.29
C ASN A 69 0.45 14.26 4.86
N PRO A 70 1.39 15.21 4.69
CA PRO A 70 2.77 14.93 4.27
C PRO A 70 3.52 14.07 5.28
N GLU A 71 3.27 14.24 6.58
CA GLU A 71 3.89 13.42 7.64
C GLU A 71 3.46 11.94 7.55
N GLN A 72 2.18 11.65 7.33
CA GLN A 72 1.70 10.27 7.16
C GLN A 72 2.38 9.59 5.97
N ALA A 73 2.44 10.29 4.83
CA ALA A 73 3.07 9.80 3.61
C ALA A 73 4.59 9.58 3.80
N SER A 74 5.28 10.54 4.44
CA SER A 74 6.70 10.47 4.73
C SER A 74 7.04 9.28 5.64
N LYS A 75 6.36 9.14 6.79
CA LYS A 75 6.54 8.04 7.75
C LYS A 75 6.40 6.66 7.10
N LEU A 76 5.39 6.48 6.26
CA LEU A 76 5.10 5.21 5.60
C LEU A 76 6.07 4.92 4.44
N ALA A 77 6.43 5.93 3.64
CA ALA A 77 7.46 5.81 2.62
C ALA A 77 8.84 5.48 3.23
N LYS A 78 9.24 6.17 4.31
CA LYS A 78 10.49 5.92 5.04
C LYS A 78 10.58 4.49 5.56
N THR A 79 9.49 4.00 6.17
CA THR A 79 9.39 2.61 6.66
C THR A 79 9.47 1.59 5.52
N ALA A 80 8.94 1.91 4.34
CA ALA A 80 9.03 1.08 3.13
C ALA A 80 10.38 1.22 2.36
N GLY A 81 11.33 2.01 2.86
CA GLY A 81 12.64 2.24 2.24
C GLY A 81 12.61 3.21 1.04
N ILE A 82 11.56 4.01 0.91
CA ILE A 82 11.30 4.95 -0.20
C ILE A 82 11.78 6.36 0.18
N SER A 83 12.61 6.97 -0.67
CA SER A 83 13.11 8.35 -0.49
C SER A 83 12.07 9.43 -0.87
N GLU A 84 12.23 10.66 -0.40
CA GLU A 84 11.28 11.76 -0.64
C GLU A 84 11.09 12.09 -2.14
N LYS A 85 12.16 12.02 -2.94
CA LYS A 85 12.07 12.10 -4.41
C LYS A 85 11.27 10.95 -5.00
N GLN A 86 11.59 9.73 -4.57
CA GLN A 86 11.02 8.49 -5.10
C GLN A 86 9.50 8.42 -4.82
N LEU A 87 9.06 8.98 -3.68
CA LEU A 87 7.66 9.13 -3.29
C LEU A 87 6.91 10.01 -4.29
N ARG A 88 7.44 11.22 -4.50
CA ARG A 88 6.85 12.28 -5.33
C ARG A 88 6.83 11.94 -6.83
N GLU A 89 7.92 11.39 -7.36
CA GLU A 89 8.02 11.04 -8.78
C GLU A 89 7.18 9.83 -9.18
N ALA A 90 6.84 8.97 -8.20
CA ALA A 90 5.91 7.85 -8.39
C ALA A 90 4.44 8.27 -8.46
N ASP A 91 4.09 9.49 -8.00
CA ASP A 91 2.72 10.05 -7.87
C ASP A 91 1.79 9.31 -6.88
N TYR A 92 1.90 8.00 -6.73
CA TYR A 92 1.25 7.20 -5.67
C TYR A 92 2.06 5.98 -5.25
N ILE A 93 1.84 5.55 -4.02
CA ILE A 93 2.48 4.43 -3.32
C ILE A 93 1.40 3.46 -2.83
N ILE A 94 1.64 2.17 -3.03
CA ILE A 94 0.82 1.07 -2.52
C ILE A 94 1.71 0.17 -1.65
N LEU A 95 1.36 0.02 -0.36
CA LEU A 95 2.09 -0.87 0.55
C LEU A 95 1.17 -2.05 0.93
N ILE A 96 1.53 -3.25 0.48
CA ILE A 96 0.77 -4.48 0.69
C ILE A 96 1.39 -5.30 1.82
N LEU A 97 0.55 -5.74 2.76
CA LEU A 97 0.90 -6.53 3.94
C LEU A 97 0.13 -7.86 3.86
N VAL A 98 0.85 -8.97 3.78
CA VAL A 98 0.28 -10.31 3.49
C VAL A 98 0.77 -11.38 4.45
N ARG A 99 -0.03 -12.43 4.67
CA ARG A 99 0.38 -13.55 5.53
C ARG A 99 1.50 -14.39 4.91
N ASP A 100 1.57 -14.46 3.58
CA ASP A 100 2.66 -15.07 2.79
C ASP A 100 2.74 -14.46 1.38
N GLU A 101 3.93 -14.45 0.76
CA GLU A 101 4.19 -13.88 -0.56
C GLU A 101 3.34 -14.48 -1.70
N LYS A 102 2.77 -15.69 -1.55
CA LYS A 102 1.82 -16.27 -2.52
C LYS A 102 0.56 -15.40 -2.72
N LYS A 103 0.13 -14.68 -1.68
CA LYS A 103 -0.95 -13.67 -1.74
C LYS A 103 -0.55 -12.46 -2.58
N ALA A 104 0.71 -12.02 -2.47
CA ALA A 104 1.18 -10.76 -3.03
C ALA A 104 1.09 -10.73 -4.57
N LYS A 105 1.50 -11.81 -5.26
CA LYS A 105 1.32 -11.92 -6.72
C LYS A 105 -0.15 -12.03 -7.12
N LYS A 106 -0.95 -12.79 -6.37
CA LYS A 106 -2.40 -12.97 -6.60
C LYS A 106 -3.13 -11.62 -6.55
N PHE A 107 -2.73 -10.76 -5.62
CA PHE A 107 -3.26 -9.41 -5.43
C PHE A 107 -2.74 -8.43 -6.50
N ALA A 108 -1.43 -8.42 -6.73
CA ALA A 108 -0.77 -7.56 -7.72
C ALA A 108 -1.29 -7.76 -9.15
N ASP A 109 -1.76 -8.98 -9.49
CA ASP A 109 -2.24 -9.29 -10.84
C ASP A 109 -3.40 -8.38 -11.31
N SER A 110 -4.27 -7.94 -10.39
CA SER A 110 -5.35 -6.99 -10.70
C SER A 110 -4.85 -5.55 -10.84
N LEU A 111 -3.97 -5.12 -9.92
CA LEU A 111 -3.31 -3.80 -10.00
C LEU A 111 -2.52 -3.61 -11.30
N ARG A 112 -1.84 -4.68 -11.78
CA ARG A 112 -1.06 -4.68 -13.03
C ARG A 112 -1.90 -4.70 -14.30
N LYS A 113 -3.10 -5.30 -14.29
CA LYS A 113 -3.97 -5.47 -15.47
C LYS A 113 -4.34 -4.14 -16.14
N LYS A 114 -4.71 -3.13 -15.35
CA LYS A 114 -5.04 -1.78 -15.83
C LYS A 114 -3.84 -1.00 -16.42
N GLY A 115 -2.62 -1.43 -16.11
CA GLY A 115 -1.38 -0.95 -16.74
C GLY A 115 -1.11 -1.52 -18.15
N SER A 116 -1.88 -2.53 -18.58
CA SER A 116 -1.76 -3.19 -19.89
C SER A 116 -3.01 -3.06 -20.76
N LEU A 117 -4.20 -3.22 -20.18
CA LEU A 117 -5.49 -3.13 -20.85
C LEU A 117 -6.14 -1.75 -20.67
N GLU A 118 -6.80 -1.25 -21.71
CA GLU A 118 -7.62 -0.04 -21.68
C GLU A 118 -9.04 -0.35 -21.16
N HIS A 119 -9.63 0.60 -20.41
CA HIS A 119 -10.98 0.51 -19.84
C HIS A 119 -11.76 1.82 -20.07
N HIS A 120 -13.07 1.70 -20.27
CA HIS A 120 -13.98 2.82 -20.60
C HIS A 120 -15.26 2.77 -19.75
N HIS A 121 -15.78 3.94 -19.36
CA HIS A 121 -16.90 4.09 -18.42
C HIS A 121 -17.88 5.19 -18.87
N HIS A 122 -19.15 5.07 -18.46
CA HIS A 122 -20.24 5.99 -18.80
C HIS A 122 -21.30 6.08 -17.68
N HIS A 123 -22.13 7.13 -17.72
CA HIS A 123 -23.28 7.36 -16.82
C HIS A 123 -22.94 7.38 -15.31
N HIS A 124 -21.74 7.86 -14.95
CA HIS A 124 -21.34 8.16 -13.56
C HIS A 124 -21.87 9.53 -13.09
N GLY A 1 2.76 5.22 -10.56
CA GLY A 1 2.64 4.67 -9.19
C GLY A 1 3.61 3.52 -8.96
N GLN A 2 3.83 3.17 -7.69
CA GLN A 2 4.58 1.96 -7.30
C GLN A 2 3.81 1.13 -6.25
N ILE A 3 4.13 -0.17 -6.20
CA ILE A 3 3.60 -1.12 -5.22
C ILE A 3 4.77 -1.73 -4.43
N GLN A 4 4.61 -1.82 -3.11
CA GLN A 4 5.51 -2.52 -2.19
C GLN A 4 4.76 -3.62 -1.44
N TYR A 5 5.49 -4.63 -0.99
CA TYR A 5 4.94 -5.83 -0.35
C TYR A 5 5.75 -6.22 0.90
N PHE A 6 5.05 -6.52 2.00
CA PHE A 6 5.66 -7.00 3.25
C PHE A 6 4.87 -8.17 3.83
N ASN A 7 5.56 -9.24 4.23
CA ASN A 7 4.95 -10.42 4.83
C ASN A 7 4.90 -10.31 6.36
N VAL A 8 3.72 -10.40 6.98
CA VAL A 8 3.52 -10.15 8.43
C VAL A 8 4.29 -11.17 9.30
N ASP A 9 4.29 -12.43 8.90
CA ASP A 9 4.87 -13.54 9.66
C ASP A 9 6.41 -13.65 9.51
N GLU A 10 6.99 -12.92 8.55
CA GLU A 10 8.43 -12.86 8.28
C GLU A 10 9.07 -11.51 8.66
N ASN A 11 8.30 -10.42 8.60
CA ASN A 11 8.75 -9.06 8.93
C ASN A 11 7.82 -8.40 9.99
N PRO A 12 7.67 -8.98 11.20
CA PRO A 12 6.70 -8.51 12.18
C PRO A 12 6.92 -7.03 12.57
N GLU A 13 8.16 -6.62 12.80
CA GLU A 13 8.46 -5.24 13.22
C GLU A 13 8.25 -4.22 12.10
N GLN A 14 8.49 -4.60 10.84
CA GLN A 14 8.22 -3.77 9.65
C GLN A 14 6.71 -3.50 9.49
N VAL A 15 5.90 -4.56 9.54
CA VAL A 15 4.44 -4.44 9.46
C VAL A 15 3.90 -3.68 10.66
N ARG A 16 4.36 -3.95 11.89
CA ARG A 16 3.97 -3.18 13.09
C ARG A 16 4.28 -1.68 12.94
N LYS A 17 5.45 -1.31 12.40
CA LYS A 17 5.80 0.10 12.12
C LYS A 17 4.85 0.74 11.11
N LEU A 18 4.49 0.03 10.04
CA LEU A 18 3.53 0.52 9.03
C LEU A 18 2.11 0.67 9.60
N ILE A 19 1.61 -0.33 10.32
CA ILE A 19 0.29 -0.30 10.99
C ILE A 19 0.20 0.86 12.01
N GLU A 20 1.21 1.02 12.86
CA GLU A 20 1.25 2.08 13.87
C GLU A 20 1.40 3.48 13.27
N GLN A 21 2.24 3.67 12.25
CA GLN A 21 2.37 4.97 11.56
C GLN A 21 1.14 5.31 10.69
N ALA A 22 0.38 4.29 10.27
CA ALA A 22 -0.93 4.44 9.63
C ALA A 22 -2.07 4.72 10.65
N GLY A 23 -1.79 4.72 11.96
CA GLY A 23 -2.76 5.00 13.03
C GLY A 23 -3.64 3.81 13.44
N LEU A 24 -3.26 2.58 13.08
CA LEU A 24 -3.95 1.34 13.46
C LEU A 24 -3.18 0.60 14.58
N ASP A 25 -3.85 -0.31 15.29
CA ASP A 25 -3.27 -1.12 16.36
C ASP A 25 -3.04 -2.58 15.89
N PRO A 26 -1.80 -3.11 15.88
CA PRO A 26 -1.51 -4.47 15.40
C PRO A 26 -2.12 -5.56 16.28
N ASP A 27 -2.26 -5.32 17.58
CA ASP A 27 -2.91 -6.24 18.54
C ASP A 27 -4.45 -6.30 18.39
N GLU A 28 -5.06 -5.35 17.65
CA GLU A 28 -6.47 -5.42 17.25
C GLU A 28 -6.64 -6.26 15.97
N LEU A 29 -5.66 -6.19 15.05
CA LEU A 29 -5.65 -6.83 13.74
C LEU A 29 -5.14 -8.30 13.76
N ARG A 30 -5.45 -9.07 14.82
CA ARG A 30 -5.01 -10.47 14.99
C ARG A 30 -5.54 -11.42 13.90
N GLU A 31 -6.77 -11.19 13.44
CA GLU A 31 -7.46 -12.05 12.46
C GLU A 31 -7.18 -11.66 10.99
N ALA A 32 -6.60 -10.48 10.76
CA ALA A 32 -6.37 -9.93 9.41
C ALA A 32 -5.21 -10.63 8.67
N GLU A 33 -5.36 -10.81 7.36
CA GLU A 33 -4.33 -11.43 6.49
C GLU A 33 -4.07 -10.70 5.15
N VAL A 34 -4.87 -9.67 4.81
CA VAL A 34 -4.66 -8.77 3.66
C VAL A 34 -5.03 -7.34 4.08
N ILE A 35 -4.05 -6.44 4.14
CA ILE A 35 -4.23 -5.02 4.50
C ILE A 35 -3.45 -4.15 3.50
N ILE A 36 -4.09 -3.11 2.95
CA ILE A 36 -3.46 -2.17 2.02
C ILE A 36 -3.50 -0.72 2.53
N ILE A 37 -2.37 -0.04 2.35
CA ILE A 37 -2.18 1.40 2.54
C ILE A 37 -2.17 2.06 1.16
N ILE A 38 -3.07 3.03 0.92
CA ILE A 38 -3.12 3.85 -0.31
C ILE A 38 -2.70 5.28 0.00
N ILE A 39 -1.72 5.79 -0.76
CA ILE A 39 -1.18 7.15 -0.64
C ILE A 39 -1.06 7.77 -2.04
N SER A 40 -1.87 8.79 -2.38
CA SER A 40 -1.77 9.49 -3.67
C SER A 40 -1.44 10.98 -3.54
N ARG A 41 -0.95 11.61 -4.60
CA ARG A 41 -0.56 13.04 -4.65
C ARG A 41 -1.75 13.99 -4.82
N THR A 42 -2.93 13.47 -5.16
CA THR A 42 -4.22 14.18 -5.15
C THR A 42 -5.33 13.29 -4.57
N PRO A 43 -6.36 13.84 -3.91
CA PRO A 43 -7.48 13.05 -3.43
C PRO A 43 -8.31 12.44 -4.58
N GLU A 44 -8.42 13.12 -5.72
CA GLU A 44 -9.15 12.63 -6.89
C GLU A 44 -8.51 11.35 -7.48
N GLN A 45 -7.18 11.21 -7.39
CA GLN A 45 -6.48 9.98 -7.79
C GLN A 45 -6.50 8.90 -6.69
N LEU A 46 -6.46 9.28 -5.40
CA LEU A 46 -6.58 8.35 -4.28
C LEU A 46 -7.99 7.68 -4.29
N GLU A 47 -9.04 8.43 -4.61
CA GLU A 47 -10.44 7.96 -4.73
C GLU A 47 -10.63 6.81 -5.75
N LYS A 48 -9.80 6.77 -6.82
CA LYS A 48 -9.79 5.66 -7.79
C LYS A 48 -9.13 4.43 -7.20
N LEU A 49 -7.94 4.62 -6.62
CA LEU A 49 -7.06 3.55 -6.11
C LEU A 49 -7.67 2.80 -4.91
N SER A 50 -8.41 3.50 -4.04
CA SER A 50 -9.10 2.89 -2.90
C SER A 50 -10.17 1.88 -3.33
N ARG A 51 -11.01 2.23 -4.32
CA ARG A 51 -11.96 1.31 -4.95
C ARG A 51 -11.26 0.18 -5.71
N GLN A 52 -10.13 0.48 -6.36
CA GLN A 52 -9.34 -0.51 -7.11
C GLN A 52 -8.75 -1.62 -6.24
N VAL A 53 -8.45 -1.35 -4.94
CA VAL A 53 -8.06 -2.40 -3.98
C VAL A 53 -9.23 -3.03 -3.23
N LYS A 54 -10.35 -2.30 -3.04
CA LYS A 54 -11.57 -2.84 -2.40
C LYS A 54 -12.16 -4.01 -3.19
N GLU A 55 -12.10 -3.97 -4.52
CA GLU A 55 -12.66 -5.03 -5.40
C GLU A 55 -11.89 -6.37 -5.35
N LEU A 56 -10.66 -6.39 -4.80
CA LEU A 56 -9.89 -7.60 -4.52
C LEU A 56 -10.34 -8.29 -3.21
N GLY A 57 -11.13 -7.59 -2.38
CA GLY A 57 -11.65 -8.11 -1.11
C GLY A 57 -10.68 -8.01 0.06
N ALA A 58 -9.85 -6.96 0.12
CA ALA A 58 -8.96 -6.69 1.25
C ALA A 58 -9.69 -6.65 2.60
N ASP A 59 -9.08 -7.18 3.66
CA ASP A 59 -9.70 -7.26 4.99
C ASP A 59 -9.70 -5.89 5.70
N ARG A 60 -8.65 -5.09 5.48
CA ARG A 60 -8.55 -3.68 5.88
C ARG A 60 -7.96 -2.79 4.78
N LEU A 61 -8.41 -1.54 4.79
CA LEU A 61 -7.94 -0.46 3.93
C LEU A 61 -7.81 0.85 4.74
N LEU A 62 -6.76 1.60 4.45
CA LEU A 62 -6.56 2.97 4.93
C LEU A 62 -6.02 3.88 3.80
N GLU A 63 -6.51 5.12 3.78
CA GLU A 63 -6.36 6.09 2.69
C GLU A 63 -5.73 7.40 3.18
N PHE A 64 -4.69 7.87 2.50
CA PHE A 64 -4.04 9.17 2.71
C PHE A 64 -3.71 9.86 1.37
N ASN A 65 -3.55 11.18 1.38
CA ASN A 65 -3.03 11.93 0.25
C ASN A 65 -1.97 12.96 0.65
N VAL A 66 -0.91 13.07 -0.18
CA VAL A 66 0.33 13.82 0.10
C VAL A 66 0.07 15.33 0.19
N ASP A 67 -0.89 15.85 -0.58
CA ASP A 67 -1.24 17.27 -0.60
C ASP A 67 -2.01 17.74 0.65
N GLU A 68 -2.72 16.84 1.34
CA GLU A 68 -3.41 17.11 2.60
C GLU A 68 -2.57 16.74 3.83
N ASN A 69 -1.95 15.55 3.83
CA ASN A 69 -1.22 14.97 4.97
C ASN A 69 0.23 14.59 4.58
N PRO A 70 1.11 15.57 4.26
CA PRO A 70 2.47 15.29 3.80
C PRO A 70 3.31 14.58 4.87
N GLU A 71 3.13 14.89 6.15
CA GLU A 71 3.82 14.22 7.26
C GLU A 71 3.42 12.75 7.38
N GLN A 72 2.12 12.45 7.32
CA GLN A 72 1.60 11.07 7.44
C GLN A 72 2.01 10.21 6.24
N ALA A 73 1.97 10.80 5.03
CA ALA A 73 2.43 10.16 3.80
C ALA A 73 3.96 9.91 3.83
N SER A 74 4.74 10.89 4.28
CA SER A 74 6.21 10.81 4.33
C SER A 74 6.68 9.75 5.33
N LYS A 75 6.11 9.68 6.54
CA LYS A 75 6.46 8.65 7.55
C LYS A 75 6.26 7.22 7.04
N LEU A 76 5.17 6.97 6.31
CA LEU A 76 4.86 5.66 5.74
C LEU A 76 5.73 5.34 4.50
N ALA A 77 5.99 6.34 3.64
CA ALA A 77 6.95 6.22 2.54
C ALA A 77 8.37 5.90 3.04
N LYS A 78 8.86 6.61 4.07
CA LYS A 78 10.15 6.38 4.74
C LYS A 78 10.28 4.96 5.28
N THR A 79 9.22 4.43 5.91
CA THR A 79 9.18 3.04 6.41
C THR A 79 9.24 2.01 5.28
N ALA A 80 8.73 2.34 4.08
CA ALA A 80 8.86 1.53 2.87
C ALA A 80 10.18 1.75 2.10
N GLY A 81 11.11 2.57 2.62
CA GLY A 81 12.40 2.90 1.98
C GLY A 81 12.30 3.95 0.85
N ILE A 82 11.19 4.66 0.74
CA ILE A 82 10.87 5.63 -0.32
C ILE A 82 11.30 7.03 0.15
N SER A 83 12.08 7.73 -0.68
CA SER A 83 12.54 9.11 -0.41
C SER A 83 11.41 10.14 -0.61
N GLU A 84 11.57 11.32 -0.01
CA GLU A 84 10.62 12.44 -0.13
C GLU A 84 10.40 12.90 -1.59
N LYS A 85 11.44 12.84 -2.42
CA LYS A 85 11.36 13.10 -3.85
C LYS A 85 10.67 11.96 -4.61
N GLN A 86 10.97 10.71 -4.26
CA GLN A 86 10.37 9.52 -4.88
C GLN A 86 8.87 9.44 -4.62
N LEU A 87 8.40 9.86 -3.43
CA LEU A 87 6.98 9.98 -3.09
C LEU A 87 6.23 10.92 -4.05
N ARG A 88 6.88 12.01 -4.48
CA ARG A 88 6.33 12.98 -5.46
C ARG A 88 6.41 12.48 -6.90
N GLU A 89 7.54 11.90 -7.31
CA GLU A 89 7.75 11.40 -8.68
C GLU A 89 6.88 10.20 -9.05
N ALA A 90 6.56 9.37 -8.05
CA ALA A 90 5.77 8.15 -8.22
C ALA A 90 4.26 8.42 -8.43
N ASP A 91 3.75 9.61 -8.10
CA ASP A 91 2.34 10.03 -8.11
C ASP A 91 1.40 9.28 -7.14
N TYR A 92 1.57 7.97 -6.96
CA TYR A 92 0.92 7.19 -5.89
C TYR A 92 1.75 6.00 -5.43
N ILE A 93 1.56 5.64 -4.15
CA ILE A 93 2.17 4.51 -3.46
C ILE A 93 1.08 3.56 -2.97
N ILE A 94 1.32 2.26 -3.14
CA ILE A 94 0.52 1.19 -2.55
C ILE A 94 1.45 0.33 -1.68
N LEU A 95 1.18 0.23 -0.37
CA LEU A 95 1.91 -0.66 0.53
C LEU A 95 1.00 -1.82 0.95
N ILE A 96 1.36 -3.03 0.56
CA ILE A 96 0.56 -4.26 0.72
C ILE A 96 1.14 -5.15 1.82
N LEU A 97 0.29 -5.53 2.76
CA LEU A 97 0.62 -6.32 3.95
C LEU A 97 -0.15 -7.64 3.88
N VAL A 98 0.57 -8.76 3.72
CA VAL A 98 0.00 -10.10 3.48
C VAL A 98 0.74 -11.19 4.27
N ARG A 99 0.25 -12.43 4.28
CA ARG A 99 0.87 -13.55 5.01
C ARG A 99 1.58 -14.60 4.13
N ASP A 100 1.59 -14.42 2.80
CA ASP A 100 2.33 -15.27 1.85
C ASP A 100 2.71 -14.50 0.56
N GLU A 101 3.82 -14.87 -0.08
CA GLU A 101 4.20 -14.36 -1.41
C GLU A 101 3.19 -14.74 -2.51
N LYS A 102 2.51 -15.89 -2.40
CA LYS A 102 1.45 -16.26 -3.35
C LYS A 102 0.21 -15.38 -3.22
N LYS A 103 -0.12 -14.94 -1.99
CA LYS A 103 -1.15 -13.91 -1.73
C LYS A 103 -0.74 -12.56 -2.32
N ALA A 104 0.54 -12.19 -2.22
CA ALA A 104 1.05 -10.98 -2.86
C ALA A 104 0.89 -11.01 -4.39
N LYS A 105 1.34 -12.08 -5.06
CA LYS A 105 1.23 -12.19 -6.53
C LYS A 105 -0.22 -12.31 -7.01
N LYS A 106 -1.10 -13.00 -6.26
CA LYS A 106 -2.52 -13.18 -6.61
C LYS A 106 -3.29 -11.86 -6.55
N PHE A 107 -2.92 -10.99 -5.61
CA PHE A 107 -3.46 -9.63 -5.51
C PHE A 107 -2.85 -8.71 -6.58
N ALA A 108 -1.52 -8.75 -6.72
CA ALA A 108 -0.75 -7.92 -7.63
C ALA A 108 -1.17 -8.08 -9.09
N ASP A 109 -1.56 -9.28 -9.52
CA ASP A 109 -1.83 -9.54 -10.94
C ASP A 109 -2.94 -8.65 -11.53
N SER A 110 -3.96 -8.33 -10.71
CA SER A 110 -5.05 -7.41 -11.07
C SER A 110 -4.59 -5.95 -11.11
N LEU A 111 -3.74 -5.54 -10.16
CA LEU A 111 -3.13 -4.20 -10.14
C LEU A 111 -2.13 -4.01 -11.30
N ARG A 112 -1.44 -5.07 -11.73
CA ARG A 112 -0.58 -5.08 -12.92
C ARG A 112 -1.39 -5.02 -14.22
N LYS A 113 -2.56 -5.68 -14.29
CA LYS A 113 -3.52 -5.51 -15.39
C LYS A 113 -3.96 -4.04 -15.55
N LYS A 114 -4.10 -3.32 -14.43
CA LYS A 114 -4.48 -1.90 -14.36
C LYS A 114 -3.34 -0.94 -14.73
N GLY A 115 -2.15 -1.11 -14.12
CA GLY A 115 -1.05 -0.12 -14.19
C GLY A 115 0.29 -0.56 -14.80
N SER A 116 0.45 -1.83 -15.20
CA SER A 116 1.73 -2.40 -15.68
C SER A 116 1.69 -2.87 -17.15
N LEU A 117 0.51 -2.92 -17.76
CA LEU A 117 0.27 -3.56 -19.06
C LEU A 117 0.98 -2.81 -20.22
N GLU A 118 1.83 -3.52 -20.96
CA GLU A 118 2.68 -2.95 -22.01
C GLU A 118 1.95 -2.76 -23.35
N HIS A 119 2.35 -1.74 -24.10
CA HIS A 119 1.81 -1.38 -25.42
C HIS A 119 2.87 -0.64 -26.27
N HIS A 120 2.79 -0.78 -27.60
CA HIS A 120 3.81 -0.26 -28.54
C HIS A 120 3.23 0.63 -29.67
N HIS A 121 2.00 0.36 -30.10
CA HIS A 121 1.25 1.16 -31.08
C HIS A 121 -0.27 1.03 -30.88
N HIS A 122 -0.78 -0.21 -30.89
CA HIS A 122 -2.15 -0.58 -30.54
C HIS A 122 -2.19 -2.00 -29.96
N HIS A 123 -3.20 -2.31 -29.13
CA HIS A 123 -3.41 -3.63 -28.54
C HIS A 123 -4.91 -3.93 -28.33
N HIS A 124 -5.29 -5.21 -28.50
CA HIS A 124 -6.66 -5.74 -28.37
C HIS A 124 -7.72 -4.92 -29.14
N GLY A 1 3.20 5.54 -10.13
CA GLY A 1 3.03 4.90 -8.80
C GLY A 1 3.99 3.74 -8.61
N GLN A 2 4.23 3.36 -7.35
CA GLN A 2 5.02 2.18 -6.97
C GLN A 2 4.34 1.34 -5.88
N ILE A 3 4.63 0.05 -5.84
CA ILE A 3 4.06 -0.92 -4.89
C ILE A 3 5.18 -1.63 -4.13
N GLN A 4 4.98 -1.83 -2.83
CA GLN A 4 5.82 -2.63 -1.94
C GLN A 4 5.01 -3.69 -1.21
N TYR A 5 5.69 -4.77 -0.81
CA TYR A 5 5.09 -5.96 -0.21
C TYR A 5 5.90 -6.43 1.01
N PHE A 6 5.22 -6.76 2.11
CA PHE A 6 5.86 -7.25 3.33
C PHE A 6 5.15 -8.51 3.87
N ASN A 7 5.93 -9.50 4.30
CA ASN A 7 5.44 -10.76 4.82
C ASN A 7 5.34 -10.71 6.35
N VAL A 8 4.13 -10.83 6.93
CA VAL A 8 3.89 -10.66 8.38
C VAL A 8 4.59 -11.74 9.20
N ASP A 9 4.62 -12.97 8.68
CA ASP A 9 5.18 -14.14 9.35
C ASP A 9 6.72 -14.24 9.24
N GLU A 10 7.35 -13.42 8.38
CA GLU A 10 8.80 -13.39 8.17
C GLU A 10 9.46 -12.11 8.73
N ASN A 11 8.81 -10.96 8.58
CA ASN A 11 9.25 -9.66 9.12
C ASN A 11 8.14 -9.02 9.99
N PRO A 12 7.82 -9.58 11.16
CA PRO A 12 6.69 -9.12 11.99
C PRO A 12 6.84 -7.67 12.43
N GLU A 13 8.03 -7.25 12.85
CA GLU A 13 8.26 -5.88 13.35
C GLU A 13 8.21 -4.81 12.24
N GLN A 14 8.56 -5.16 11.00
CA GLN A 14 8.39 -4.27 9.83
C GLN A 14 6.91 -3.96 9.59
N VAL A 15 6.07 -4.99 9.62
CA VAL A 15 4.61 -4.85 9.48
C VAL A 15 4.03 -4.10 10.67
N ARG A 16 4.39 -4.48 11.90
CA ARG A 16 3.92 -3.81 13.13
C ARG A 16 4.30 -2.33 13.16
N LYS A 17 5.50 -1.96 12.69
CA LYS A 17 5.95 -0.56 12.58
C LYS A 17 5.08 0.26 11.62
N LEU A 18 4.61 -0.32 10.51
CA LEU A 18 3.65 0.36 9.63
C LEU A 18 2.30 0.61 10.32
N ILE A 19 1.81 -0.33 11.14
CA ILE A 19 0.59 -0.15 11.96
C ILE A 19 0.79 0.96 13.01
N GLU A 20 1.89 0.92 13.75
CA GLU A 20 2.25 1.94 14.75
C GLU A 20 2.42 3.34 14.13
N GLN A 21 3.11 3.45 12.98
CA GLN A 21 3.33 4.72 12.29
C GLN A 21 2.06 5.27 11.63
N ALA A 22 1.10 4.40 11.28
CA ALA A 22 -0.24 4.81 10.85
C ALA A 22 -1.11 5.33 12.01
N GLY A 23 -0.66 5.16 13.27
CA GLY A 23 -1.39 5.52 14.49
C GLY A 23 -2.39 4.45 14.95
N LEU A 24 -2.23 3.19 14.51
CA LEU A 24 -3.11 2.06 14.86
C LEU A 24 -2.48 1.14 15.91
N ASP A 25 -3.32 0.29 16.51
CA ASP A 25 -2.91 -0.81 17.38
C ASP A 25 -2.96 -2.16 16.62
N PRO A 26 -1.92 -2.99 16.67
CA PRO A 26 -1.87 -4.26 15.92
C PRO A 26 -2.72 -5.37 16.56
N ASP A 27 -2.91 -5.32 17.88
CA ASP A 27 -3.60 -6.37 18.67
C ASP A 27 -5.08 -6.57 18.27
N GLU A 28 -5.75 -5.55 17.75
CA GLU A 28 -7.13 -5.64 17.24
C GLU A 28 -7.23 -6.08 15.76
N LEU A 29 -6.11 -6.14 15.03
CA LEU A 29 -6.07 -6.47 13.59
C LEU A 29 -5.92 -7.98 13.31
N ARG A 30 -6.03 -8.84 14.34
CA ARG A 30 -6.04 -10.31 14.21
C ARG A 30 -7.25 -10.85 13.43
N GLU A 31 -8.31 -10.04 13.29
CA GLU A 31 -9.47 -10.35 12.45
C GLU A 31 -9.22 -10.14 10.94
N ALA A 32 -8.13 -9.47 10.56
CA ALA A 32 -7.73 -9.21 9.17
C ALA A 32 -6.64 -10.19 8.69
N GLU A 33 -6.71 -10.62 7.43
CA GLU A 33 -5.76 -11.53 6.77
C GLU A 33 -4.96 -10.82 5.66
N VAL A 34 -5.58 -9.83 4.99
CA VAL A 34 -4.91 -8.92 4.04
C VAL A 34 -5.14 -7.47 4.49
N ILE A 35 -4.05 -6.74 4.74
CA ILE A 35 -4.03 -5.34 5.16
C ILE A 35 -3.31 -4.52 4.09
N ILE A 36 -3.86 -3.36 3.73
CA ILE A 36 -3.36 -2.52 2.63
C ILE A 36 -3.28 -1.05 3.04
N ILE A 37 -2.25 -0.36 2.54
CA ILE A 37 -1.94 1.04 2.80
C ILE A 37 -1.87 1.79 1.46
N ILE A 38 -2.61 2.90 1.33
CA ILE A 38 -2.61 3.76 0.13
C ILE A 38 -2.16 5.19 0.50
N ILE A 39 -1.18 5.71 -0.23
CA ILE A 39 -0.62 7.06 -0.03
C ILE A 39 -0.49 7.74 -1.40
N SER A 40 -1.15 8.88 -1.63
CA SER A 40 -0.95 9.70 -2.85
C SER A 40 -0.93 11.18 -2.52
N ARG A 41 -0.33 12.02 -3.37
CA ARG A 41 -0.25 13.47 -3.13
C ARG A 41 -1.57 14.20 -3.36
N THR A 42 -2.42 13.71 -4.25
CA THR A 42 -3.78 14.23 -4.48
C THR A 42 -4.87 13.28 -3.93
N PRO A 43 -5.89 13.81 -3.23
CA PRO A 43 -7.00 12.98 -2.75
C PRO A 43 -7.86 12.41 -3.89
N GLU A 44 -7.98 13.14 -5.00
CA GLU A 44 -8.74 12.72 -6.19
C GLU A 44 -8.11 11.51 -6.91
N GLN A 45 -6.78 11.33 -6.81
CA GLN A 45 -6.10 10.11 -7.27
C GLN A 45 -6.15 8.97 -6.23
N LEU A 46 -5.96 9.27 -4.94
CA LEU A 46 -5.99 8.28 -3.87
C LEU A 46 -7.39 7.64 -3.72
N GLU A 47 -8.46 8.40 -3.97
CA GLU A 47 -9.84 7.89 -4.05
C GLU A 47 -10.02 6.77 -5.09
N LYS A 48 -9.36 6.87 -6.26
CA LYS A 48 -9.41 5.83 -7.30
C LYS A 48 -8.68 4.57 -6.85
N LEU A 49 -7.49 4.72 -6.27
CA LEU A 49 -6.65 3.64 -5.76
C LEU A 49 -7.30 2.91 -4.58
N SER A 50 -8.01 3.64 -3.72
CA SER A 50 -8.83 3.08 -2.64
C SER A 50 -9.89 2.12 -3.20
N ARG A 51 -10.57 2.49 -4.30
CA ARG A 51 -11.53 1.60 -4.97
C ARG A 51 -10.84 0.40 -5.62
N GLN A 52 -9.66 0.60 -6.21
CA GLN A 52 -8.88 -0.47 -6.87
C GLN A 52 -8.46 -1.58 -5.90
N VAL A 53 -8.20 -1.26 -4.63
CA VAL A 53 -7.88 -2.26 -3.59
C VAL A 53 -9.10 -2.78 -2.81
N LYS A 54 -10.17 -1.99 -2.67
CA LYS A 54 -11.43 -2.42 -2.05
C LYS A 54 -12.17 -3.46 -2.90
N GLU A 55 -12.14 -3.33 -4.23
CA GLU A 55 -12.76 -4.33 -5.14
C GLU A 55 -12.04 -5.69 -5.13
N LEU A 56 -10.80 -5.75 -4.64
CA LEU A 56 -10.05 -6.98 -4.37
C LEU A 56 -10.34 -7.63 -3.00
N GLY A 57 -11.23 -7.02 -2.19
CA GLY A 57 -11.73 -7.62 -0.95
C GLY A 57 -10.76 -7.61 0.24
N ALA A 58 -9.85 -6.63 0.30
CA ALA A 58 -8.96 -6.41 1.45
C ALA A 58 -9.74 -6.23 2.77
N ASP A 59 -9.18 -6.72 3.89
CA ASP A 59 -9.87 -6.74 5.19
C ASP A 59 -9.74 -5.43 5.97
N ARG A 60 -8.59 -4.75 5.84
CA ARG A 60 -8.28 -3.47 6.48
C ARG A 60 -7.55 -2.55 5.49
N LEU A 61 -8.03 -1.31 5.39
CA LEU A 61 -7.43 -0.24 4.60
C LEU A 61 -7.23 1.02 5.45
N LEU A 62 -6.09 1.66 5.25
CA LEU A 62 -5.77 3.00 5.75
C LEU A 62 -5.16 3.85 4.62
N GLU A 63 -5.55 5.12 4.60
CA GLU A 63 -5.22 6.09 3.54
C GLU A 63 -4.71 7.43 4.10
N PHE A 64 -3.67 7.97 3.45
CA PHE A 64 -3.06 9.27 3.77
C PHE A 64 -2.79 10.07 2.49
N ASN A 65 -2.84 11.41 2.59
CA ASN A 65 -2.59 12.30 1.46
C ASN A 65 -1.42 13.27 1.70
N VAL A 66 -0.44 13.32 0.79
CA VAL A 66 0.82 14.05 1.01
C VAL A 66 0.62 15.57 1.08
N ASP A 67 -0.38 16.12 0.37
CA ASP A 67 -0.64 17.57 0.36
C ASP A 67 -1.18 18.11 1.69
N GLU A 68 -2.02 17.34 2.41
CA GLU A 68 -2.58 17.76 3.71
C GLU A 68 -1.91 17.10 4.93
N ASN A 69 -1.44 15.86 4.80
CA ASN A 69 -0.77 15.08 5.86
C ASN A 69 0.63 14.58 5.40
N PRO A 70 1.58 15.48 5.09
CA PRO A 70 2.91 15.08 4.63
C PRO A 70 3.69 14.25 5.66
N GLU A 71 3.53 14.53 6.95
CA GLU A 71 4.17 13.73 8.02
C GLU A 71 3.63 12.28 8.06
N GLN A 72 2.31 12.09 7.97
CA GLN A 72 1.71 10.75 7.98
C GLN A 72 2.15 9.91 6.78
N ALA A 73 2.22 10.53 5.60
CA ALA A 73 2.72 9.90 4.39
C ALA A 73 4.22 9.58 4.48
N SER A 74 5.01 10.51 5.02
CA SER A 74 6.46 10.41 5.14
C SER A 74 6.89 9.30 6.10
N LYS A 75 6.31 9.21 7.32
CA LYS A 75 6.68 8.17 8.31
C LYS A 75 6.50 6.74 7.77
N LEU A 76 5.42 6.49 7.02
CA LEU A 76 5.18 5.20 6.39
C LEU A 76 6.07 4.96 5.16
N ALA A 77 6.32 5.97 4.33
CA ALA A 77 7.29 5.88 3.23
C ALA A 77 8.71 5.57 3.75
N LYS A 78 9.17 6.26 4.80
CA LYS A 78 10.45 6.02 5.49
C LYS A 78 10.55 4.59 6.03
N THR A 79 9.47 4.07 6.64
CA THR A 79 9.38 2.66 7.08
C THR A 79 9.50 1.68 5.91
N ALA A 80 8.97 2.02 4.73
CA ALA A 80 9.11 1.23 3.50
C ALA A 80 10.44 1.44 2.75
N GLY A 81 11.38 2.22 3.30
CA GLY A 81 12.68 2.53 2.69
C GLY A 81 12.64 3.61 1.58
N ILE A 82 11.55 4.38 1.51
CA ILE A 82 11.25 5.39 0.49
C ILE A 82 11.60 6.79 1.03
N SER A 83 12.40 7.55 0.30
CA SER A 83 12.76 8.94 0.63
C SER A 83 11.61 9.92 0.34
N GLU A 84 11.63 11.12 0.92
CA GLU A 84 10.59 12.13 0.69
C GLU A 84 10.48 12.55 -0.78
N LYS A 85 11.61 12.61 -1.51
CA LYS A 85 11.60 12.92 -2.95
C LYS A 85 10.92 11.81 -3.75
N GLN A 86 11.20 10.56 -3.37
CA GLN A 86 10.63 9.37 -4.02
C GLN A 86 9.12 9.27 -3.77
N LEU A 87 8.66 9.61 -2.57
CA LEU A 87 7.23 9.73 -2.21
C LEU A 87 6.51 10.81 -3.06
N ARG A 88 7.18 11.95 -3.29
CA ARG A 88 6.63 13.11 -4.01
C ARG A 88 6.58 12.90 -5.53
N GLU A 89 7.64 12.33 -6.12
CA GLU A 89 7.75 12.16 -7.58
C GLU A 89 6.97 10.97 -8.14
N ALA A 90 6.67 9.96 -7.32
CA ALA A 90 6.05 8.71 -7.76
C ALA A 90 4.51 8.76 -7.97
N ASP A 91 3.86 9.91 -7.77
CA ASP A 91 2.39 10.12 -7.71
C ASP A 91 1.69 9.40 -6.54
N TYR A 92 1.95 8.10 -6.35
CA TYR A 92 1.39 7.28 -5.27
C TYR A 92 2.25 6.08 -4.88
N ILE A 93 2.08 5.65 -3.63
CA ILE A 93 2.68 4.48 -2.99
C ILE A 93 1.56 3.53 -2.52
N ILE A 94 1.76 2.23 -2.73
CA ILE A 94 0.93 1.16 -2.17
C ILE A 94 1.81 0.25 -1.32
N LEU A 95 1.42 -0.05 -0.07
CA LEU A 95 2.08 -1.06 0.77
C LEU A 95 1.09 -2.18 1.09
N ILE A 96 1.44 -3.43 0.76
CA ILE A 96 0.59 -4.62 0.91
C ILE A 96 1.19 -5.60 1.94
N LEU A 97 0.36 -6.04 2.88
CA LEU A 97 0.73 -6.98 3.95
C LEU A 97 0.12 -8.37 3.70
N VAL A 98 0.96 -9.40 3.63
CA VAL A 98 0.60 -10.79 3.25
C VAL A 98 1.31 -11.85 4.10
N ARG A 99 0.89 -13.12 3.98
CA ARG A 99 1.61 -14.28 4.54
C ARG A 99 2.76 -14.75 3.66
N ASP A 100 2.60 -14.64 2.34
CA ASP A 100 3.50 -15.22 1.33
C ASP A 100 3.58 -14.35 0.06
N GLU A 101 4.75 -14.31 -0.58
CA GLU A 101 5.00 -13.52 -1.80
C GLU A 101 4.11 -13.91 -2.99
N LYS A 102 3.61 -15.16 -3.05
CA LYS A 102 2.69 -15.61 -4.11
C LYS A 102 1.30 -14.96 -3.98
N LYS A 103 0.82 -14.70 -2.74
CA LYS A 103 -0.43 -13.97 -2.49
C LYS A 103 -0.29 -12.49 -2.87
N ALA A 104 0.85 -11.89 -2.54
CA ALA A 104 1.21 -10.55 -3.02
C ALA A 104 1.26 -10.46 -4.56
N LYS A 105 1.88 -11.43 -5.24
CA LYS A 105 1.89 -11.47 -6.71
C LYS A 105 0.50 -11.72 -7.31
N LYS A 106 -0.40 -12.50 -6.70
CA LYS A 106 -1.78 -12.66 -7.20
C LYS A 106 -2.57 -11.34 -7.10
N PHE A 107 -2.41 -10.62 -5.99
CA PHE A 107 -2.99 -9.28 -5.84
C PHE A 107 -2.44 -8.31 -6.91
N ALA A 108 -1.11 -8.29 -7.09
CA ALA A 108 -0.44 -7.50 -8.12
C ALA A 108 -0.82 -7.92 -9.55
N ASP A 109 -1.10 -9.21 -9.78
CA ASP A 109 -1.49 -9.74 -11.09
C ASP A 109 -2.90 -9.28 -11.50
N SER A 110 -3.79 -9.09 -10.53
CA SER A 110 -5.09 -8.43 -10.77
C SER A 110 -4.93 -6.93 -10.98
N LEU A 111 -4.10 -6.25 -10.17
CA LEU A 111 -3.86 -4.80 -10.27
C LEU A 111 -3.19 -4.41 -11.60
N ARG A 112 -2.18 -5.18 -12.06
CA ARG A 112 -1.47 -4.96 -13.34
C ARG A 112 -2.37 -5.21 -14.56
N LYS A 113 -3.35 -6.12 -14.44
CA LYS A 113 -4.38 -6.41 -15.46
C LYS A 113 -5.46 -5.33 -15.52
N LYS A 114 -5.83 -4.75 -14.37
CA LYS A 114 -6.75 -3.59 -14.28
C LYS A 114 -6.10 -2.30 -14.80
N GLY A 115 -4.81 -2.11 -14.50
CA GLY A 115 -3.93 -1.08 -15.07
C GLY A 115 -3.39 -1.44 -16.46
N SER A 116 -2.15 -1.03 -16.75
CA SER A 116 -1.44 -1.31 -18.01
C SER A 116 0.08 -1.46 -17.82
N LEU A 117 0.73 -2.11 -18.79
CA LEU A 117 2.19 -2.31 -18.86
C LEU A 117 2.84 -1.34 -19.86
N GLU A 118 4.14 -1.05 -19.70
CA GLU A 118 4.89 -0.13 -20.56
C GLU A 118 5.20 -0.72 -21.94
N HIS A 119 5.15 0.13 -22.98
CA HIS A 119 5.43 -0.22 -24.38
C HIS A 119 5.90 1.04 -25.17
N HIS A 120 6.18 0.88 -26.47
CA HIS A 120 6.57 1.95 -27.42
C HIS A 120 7.80 2.78 -26.98
N HIS A 121 9.00 2.20 -27.18
CA HIS A 121 10.30 2.84 -26.92
C HIS A 121 10.47 3.33 -25.45
N HIS A 122 10.08 2.49 -24.49
CA HIS A 122 10.25 2.74 -23.06
C HIS A 122 11.72 2.69 -22.61
N HIS A 123 12.02 3.25 -21.43
CA HIS A 123 13.35 3.21 -20.81
C HIS A 123 13.64 1.83 -20.16
N HIS A 124 14.89 1.64 -19.70
CA HIS A 124 15.43 0.40 -19.11
C HIS A 124 15.32 -0.83 -20.06
N GLY A 1 3.26 6.63 -9.55
CA GLY A 1 2.86 5.74 -8.45
C GLY A 1 3.77 4.53 -8.34
N GLN A 2 3.89 3.96 -7.14
CA GLN A 2 4.64 2.72 -6.88
C GLN A 2 3.95 1.81 -5.85
N ILE A 3 4.26 0.51 -5.91
CA ILE A 3 3.71 -0.53 -5.04
C ILE A 3 4.85 -1.25 -4.29
N GLN A 4 4.63 -1.59 -3.02
CA GLN A 4 5.51 -2.44 -2.21
C GLN A 4 4.73 -3.51 -1.44
N TYR A 5 5.40 -4.62 -1.17
CA TYR A 5 4.86 -5.79 -0.47
C TYR A 5 5.72 -6.17 0.74
N PHE A 6 5.08 -6.55 1.85
CA PHE A 6 5.75 -7.06 3.06
C PHE A 6 5.04 -8.31 3.61
N ASN A 7 5.82 -9.27 4.10
CA ASN A 7 5.33 -10.52 4.67
C ASN A 7 5.15 -10.41 6.19
N VAL A 8 3.95 -10.67 6.72
CA VAL A 8 3.62 -10.55 8.15
C VAL A 8 4.34 -11.60 9.02
N ASP A 9 4.42 -12.85 8.55
CA ASP A 9 4.96 -13.96 9.35
C ASP A 9 6.50 -13.95 9.43
N GLU A 10 7.14 -13.41 8.39
CA GLU A 10 8.58 -13.24 8.24
C GLU A 10 9.08 -11.93 8.89
N ASN A 11 8.31 -10.85 8.76
CA ASN A 11 8.67 -9.50 9.24
C ASN A 11 7.60 -8.94 10.21
N PRO A 12 7.36 -9.58 11.38
CA PRO A 12 6.30 -9.18 12.31
C PRO A 12 6.50 -7.74 12.83
N GLU A 13 7.73 -7.36 13.14
CA GLU A 13 8.06 -6.02 13.65
C GLU A 13 7.92 -4.93 12.59
N GLN A 14 8.22 -5.23 11.32
CA GLN A 14 8.03 -4.30 10.19
C GLN A 14 6.54 -4.00 9.98
N VAL A 15 5.70 -5.05 9.92
CA VAL A 15 4.24 -4.89 9.82
C VAL A 15 3.70 -4.19 11.07
N ARG A 16 4.10 -4.58 12.28
CA ARG A 16 3.68 -3.89 13.53
C ARG A 16 4.02 -2.40 13.52
N LYS A 17 5.23 -2.02 13.09
CA LYS A 17 5.62 -0.61 12.94
C LYS A 17 4.75 0.13 11.94
N LEU A 18 4.41 -0.47 10.79
CA LEU A 18 3.49 0.15 9.81
C LEU A 18 2.07 0.37 10.39
N ILE A 19 1.53 -0.60 11.14
CA ILE A 19 0.23 -0.48 11.82
C ILE A 19 0.25 0.62 12.90
N GLU A 20 1.27 0.63 13.76
CA GLU A 20 1.40 1.62 14.84
C GLU A 20 1.72 3.04 14.32
N GLN A 21 2.51 3.18 13.25
CA GLN A 21 2.78 4.47 12.58
C GLN A 21 1.53 5.02 11.87
N ALA A 22 0.60 4.15 11.45
CA ALA A 22 -0.72 4.54 10.96
C ALA A 22 -1.70 4.93 12.10
N GLY A 23 -1.32 4.73 13.36
CA GLY A 23 -2.17 4.95 14.53
C GLY A 23 -3.20 3.83 14.79
N LEU A 24 -2.98 2.63 14.21
CA LEU A 24 -3.83 1.45 14.40
C LEU A 24 -3.26 0.51 15.47
N ASP A 25 -4.08 -0.46 15.89
CA ASP A 25 -3.71 -1.47 16.89
C ASP A 25 -3.44 -2.85 16.24
N PRO A 26 -2.28 -3.48 16.46
CA PRO A 26 -1.89 -4.73 15.80
C PRO A 26 -2.62 -5.97 16.34
N ASP A 27 -2.96 -5.98 17.63
CA ASP A 27 -3.75 -7.06 18.25
C ASP A 27 -5.23 -7.02 17.82
N GLU A 28 -5.77 -5.83 17.56
CA GLU A 28 -7.11 -5.68 16.94
C GLU A 28 -7.14 -6.18 15.48
N LEU A 29 -6.03 -6.03 14.74
CA LEU A 29 -5.86 -6.49 13.36
C LEU A 29 -5.34 -7.95 13.24
N ARG A 30 -5.24 -8.69 14.35
CA ARG A 30 -4.71 -10.07 14.40
C ARG A 30 -5.44 -11.05 13.46
N GLU A 31 -6.75 -10.87 13.28
CA GLU A 31 -7.59 -11.75 12.44
C GLU A 31 -7.60 -11.38 10.94
N ALA A 32 -6.97 -10.26 10.54
CA ALA A 32 -6.82 -9.88 9.13
C ALA A 32 -5.63 -10.63 8.47
N GLU A 33 -5.81 -11.06 7.21
CA GLU A 33 -4.83 -11.83 6.44
C GLU A 33 -4.18 -10.98 5.32
N VAL A 34 -4.94 -10.01 4.77
CA VAL A 34 -4.49 -9.02 3.79
C VAL A 34 -4.83 -7.61 4.30
N ILE A 35 -3.81 -6.82 4.63
CA ILE A 35 -3.93 -5.44 5.13
C ILE A 35 -3.29 -4.49 4.11
N ILE A 36 -4.00 -3.42 3.74
CA ILE A 36 -3.58 -2.49 2.68
C ILE A 36 -3.47 -1.05 3.19
N ILE A 37 -2.46 -0.36 2.68
CA ILE A 37 -2.10 1.03 2.96
C ILE A 37 -2.12 1.80 1.64
N ILE A 38 -2.92 2.86 1.55
CA ILE A 38 -2.97 3.78 0.39
C ILE A 38 -2.56 5.18 0.82
N ILE A 39 -1.59 5.75 0.12
CA ILE A 39 -1.11 7.12 0.33
C ILE A 39 -1.02 7.81 -1.04
N SER A 40 -1.86 8.81 -1.32
CA SER A 40 -1.79 9.61 -2.56
C SER A 40 -1.49 11.08 -2.27
N ARG A 41 -1.02 11.83 -3.27
CA ARG A 41 -0.77 13.27 -3.13
C ARG A 41 -2.08 14.05 -2.96
N THR A 42 -3.08 13.72 -3.79
CA THR A 42 -4.42 14.31 -3.77
C THR A 42 -5.46 13.35 -3.18
N PRO A 43 -6.48 13.84 -2.45
CA PRO A 43 -7.55 12.99 -1.94
C PRO A 43 -8.41 12.37 -3.06
N GLU A 44 -8.56 13.05 -4.19
CA GLU A 44 -9.33 12.56 -5.35
C GLU A 44 -8.69 11.31 -5.98
N GLN A 45 -7.36 11.27 -6.09
CA GLN A 45 -6.65 10.06 -6.53
C GLN A 45 -6.59 8.99 -5.42
N LEU A 46 -6.52 9.36 -4.13
CA LEU A 46 -6.56 8.42 -3.02
C LEU A 46 -7.93 7.70 -3.01
N GLU A 47 -9.04 8.39 -3.27
CA GLU A 47 -10.38 7.79 -3.42
C GLU A 47 -10.45 6.78 -4.58
N LYS A 48 -9.81 7.09 -5.72
CA LYS A 48 -9.73 6.20 -6.89
C LYS A 48 -8.94 4.92 -6.56
N LEU A 49 -7.79 5.06 -5.90
CA LEU A 49 -6.94 3.93 -5.47
C LEU A 49 -7.60 3.10 -4.35
N SER A 50 -8.31 3.75 -3.43
CA SER A 50 -9.11 3.12 -2.38
C SER A 50 -10.22 2.24 -2.97
N ARG A 51 -10.97 2.75 -3.96
CA ARG A 51 -11.96 1.96 -4.71
C ARG A 51 -11.31 0.79 -5.46
N GLN A 52 -10.13 0.99 -6.05
CA GLN A 52 -9.39 -0.06 -6.77
C GLN A 52 -9.03 -1.24 -5.86
N VAL A 53 -8.51 -0.99 -4.65
CA VAL A 53 -8.19 -2.07 -3.68
C VAL A 53 -9.42 -2.65 -2.97
N LYS A 54 -10.49 -1.85 -2.79
CA LYS A 54 -11.79 -2.32 -2.28
C LYS A 54 -12.41 -3.41 -3.17
N GLU A 55 -12.29 -3.29 -4.49
CA GLU A 55 -12.79 -4.30 -5.45
C GLU A 55 -12.05 -5.65 -5.38
N LEU A 56 -10.81 -5.69 -4.87
CA LEU A 56 -10.07 -6.92 -4.59
C LEU A 56 -10.46 -7.60 -3.25
N GLY A 57 -11.17 -6.89 -2.37
CA GLY A 57 -11.77 -7.45 -1.15
C GLY A 57 -10.81 -7.60 0.06
N ALA A 58 -9.87 -6.66 0.23
CA ALA A 58 -8.94 -6.61 1.36
C ALA A 58 -9.65 -6.62 2.73
N ASP A 59 -9.00 -7.17 3.76
CA ASP A 59 -9.60 -7.34 5.10
C ASP A 59 -9.64 -6.01 5.90
N ARG A 60 -8.56 -5.22 5.80
CA ARG A 60 -8.43 -3.90 6.42
C ARG A 60 -7.69 -2.93 5.50
N LEU A 61 -8.16 -1.70 5.43
CA LEU A 61 -7.57 -0.58 4.69
C LEU A 61 -7.34 0.62 5.62
N LEU A 62 -6.25 1.35 5.37
CA LEU A 62 -5.94 2.66 5.94
C LEU A 62 -5.46 3.62 4.83
N GLU A 63 -5.91 4.88 4.93
CA GLU A 63 -5.80 5.90 3.88
C GLU A 63 -5.20 7.22 4.39
N PHE A 64 -4.23 7.79 3.66
CA PHE A 64 -3.65 9.12 3.93
C PHE A 64 -3.42 9.95 2.65
N ASN A 65 -3.41 11.28 2.80
CA ASN A 65 -3.25 12.24 1.70
C ASN A 65 -2.09 13.23 1.95
N VAL A 66 -1.10 13.30 1.05
CA VAL A 66 0.15 14.06 1.27
C VAL A 66 -0.06 15.58 1.22
N ASP A 67 -1.01 16.11 0.43
CA ASP A 67 -1.25 17.56 0.35
C ASP A 67 -1.78 18.15 1.67
N GLU A 68 -2.55 17.37 2.45
CA GLU A 68 -3.19 17.79 3.69
C GLU A 68 -2.46 17.28 4.94
N ASN A 69 -1.98 16.03 4.92
CA ASN A 69 -1.29 15.35 6.02
C ASN A 69 0.09 14.79 5.58
N PRO A 70 1.04 15.65 5.16
CA PRO A 70 2.35 15.21 4.68
C PRO A 70 3.16 14.48 5.77
N GLU A 71 3.07 14.95 7.02
CA GLU A 71 3.80 14.36 8.15
C GLU A 71 3.20 12.99 8.56
N GLN A 72 1.89 12.80 8.48
CA GLN A 72 1.25 11.51 8.78
C GLN A 72 1.55 10.47 7.70
N ALA A 73 1.55 10.87 6.42
CA ALA A 73 2.04 10.05 5.32
C ALA A 73 3.54 9.71 5.46
N SER A 74 4.34 10.67 5.95
CA SER A 74 5.78 10.52 6.13
C SER A 74 6.13 9.47 7.19
N LYS A 75 5.38 9.37 8.30
CA LYS A 75 5.58 8.32 9.34
C LYS A 75 5.64 6.91 8.75
N LEU A 76 4.73 6.62 7.81
CA LEU A 76 4.68 5.36 7.08
C LEU A 76 5.76 5.24 6.00
N ALA A 77 6.00 6.32 5.24
CA ALA A 77 7.04 6.37 4.22
C ALA A 77 8.43 6.09 4.81
N LYS A 78 8.75 6.67 5.99
CA LYS A 78 9.98 6.40 6.77
C LYS A 78 10.16 4.91 7.09
N THR A 79 9.07 4.23 7.45
CA THR A 79 9.05 2.79 7.77
C THR A 79 9.19 1.91 6.52
N ALA A 80 8.73 2.40 5.36
CA ALA A 80 8.91 1.75 4.05
C ALA A 80 10.29 2.02 3.40
N GLY A 81 11.18 2.81 4.05
CA GLY A 81 12.48 3.21 3.52
C GLY A 81 12.44 4.34 2.47
N ILE A 82 11.33 5.09 2.44
CA ILE A 82 11.02 6.15 1.46
C ILE A 82 11.34 7.52 2.07
N SER A 83 12.17 8.31 1.39
CA SER A 83 12.50 9.70 1.76
C SER A 83 11.32 10.66 1.53
N GLU A 84 11.34 11.84 2.16
CA GLU A 84 10.28 12.84 2.02
C GLU A 84 10.14 13.35 0.57
N LYS A 85 11.25 13.47 -0.16
CA LYS A 85 11.26 13.77 -1.61
C LYS A 85 10.76 12.61 -2.47
N GLN A 86 11.12 11.38 -2.11
CA GLN A 86 10.67 10.16 -2.81
C GLN A 86 9.15 9.96 -2.68
N LEU A 87 8.58 10.24 -1.50
CA LEU A 87 7.13 10.21 -1.25
C LEU A 87 6.38 11.19 -2.18
N ARG A 88 6.93 12.39 -2.40
CA ARG A 88 6.31 13.44 -3.23
C ARG A 88 6.44 13.16 -4.73
N GLU A 89 7.62 12.74 -5.20
CA GLU A 89 7.86 12.50 -6.63
C GLU A 89 7.25 11.20 -7.16
N ALA A 90 7.01 10.22 -6.29
CA ALA A 90 6.33 8.97 -6.62
C ALA A 90 4.79 9.12 -6.79
N ASP A 91 4.23 10.27 -6.40
CA ASP A 91 2.82 10.72 -6.47
C ASP A 91 1.77 9.87 -5.71
N TYR A 92 1.86 8.54 -5.72
CA TYR A 92 1.11 7.66 -4.80
C TYR A 92 1.91 6.39 -4.46
N ILE A 93 1.67 5.89 -3.24
CA ILE A 93 2.26 4.68 -2.67
C ILE A 93 1.15 3.70 -2.32
N ILE A 94 1.34 2.44 -2.71
CA ILE A 94 0.53 1.30 -2.27
C ILE A 94 1.42 0.37 -1.45
N LEU A 95 1.06 0.07 -0.21
CA LEU A 95 1.72 -0.93 0.64
C LEU A 95 0.74 -2.07 0.94
N ILE A 96 1.10 -3.30 0.58
CA ILE A 96 0.27 -4.50 0.76
C ILE A 96 0.98 -5.46 1.72
N LEU A 97 0.34 -5.76 2.85
CA LEU A 97 0.88 -6.58 3.94
C LEU A 97 0.11 -7.91 3.98
N VAL A 98 0.81 -9.03 3.77
CA VAL A 98 0.21 -10.37 3.57
C VAL A 98 0.95 -11.44 4.35
N ARG A 99 0.27 -12.52 4.78
CA ARG A 99 0.91 -13.58 5.58
C ARG A 99 1.62 -14.66 4.76
N ASP A 100 1.46 -14.67 3.44
CA ASP A 100 2.21 -15.56 2.52
C ASP A 100 2.50 -14.86 1.17
N GLU A 101 3.61 -15.21 0.52
CA GLU A 101 4.13 -14.51 -0.66
C GLU A 101 3.26 -14.66 -1.92
N LYS A 102 2.45 -15.74 -2.01
CA LYS A 102 1.54 -15.94 -3.16
C LYS A 102 0.42 -14.91 -3.22
N LYS A 103 -0.08 -14.43 -2.06
CA LYS A 103 -1.10 -13.38 -1.98
C LYS A 103 -0.62 -12.05 -2.56
N ALA A 104 0.67 -11.71 -2.38
CA ALA A 104 1.27 -10.53 -2.97
C ALA A 104 1.23 -10.58 -4.51
N LYS A 105 1.70 -11.68 -5.12
CA LYS A 105 1.66 -11.85 -6.59
C LYS A 105 0.24 -12.00 -7.15
N LYS A 106 -0.69 -12.60 -6.41
CA LYS A 106 -2.12 -12.71 -6.80
C LYS A 106 -2.77 -11.32 -6.84
N PHE A 107 -2.51 -10.48 -5.84
CA PHE A 107 -3.00 -9.09 -5.81
C PHE A 107 -2.36 -8.26 -6.93
N ALA A 108 -1.04 -8.38 -7.12
CA ALA A 108 -0.30 -7.74 -8.21
C ALA A 108 -0.86 -8.09 -9.59
N ASP A 109 -1.37 -9.32 -9.79
CA ASP A 109 -1.91 -9.77 -11.08
C ASP A 109 -3.06 -8.87 -11.58
N SER A 110 -3.92 -8.40 -10.68
CA SER A 110 -5.01 -7.48 -11.00
C SER A 110 -4.49 -6.08 -11.38
N LEU A 111 -3.53 -5.57 -10.63
CA LEU A 111 -2.88 -4.28 -10.87
C LEU A 111 -2.11 -4.26 -12.21
N ARG A 112 -1.40 -5.36 -12.56
CA ARG A 112 -0.72 -5.53 -13.85
C ARG A 112 -1.70 -5.65 -15.02
N LYS A 113 -2.85 -6.31 -14.83
CA LYS A 113 -3.92 -6.42 -15.84
C LYS A 113 -4.66 -5.09 -16.06
N LYS A 114 -4.84 -4.28 -15.00
CA LYS A 114 -5.43 -2.94 -15.05
C LYS A 114 -4.49 -1.91 -15.71
N GLY A 115 -3.17 -2.04 -15.51
CA GLY A 115 -2.15 -1.21 -16.15
C GLY A 115 -2.13 -1.33 -17.69
N SER A 116 -1.74 -0.25 -18.38
CA SER A 116 -1.76 -0.16 -19.85
C SER A 116 -0.48 -0.66 -20.54
N LEU A 117 0.56 -0.99 -19.77
CA LEU A 117 1.87 -1.48 -20.24
C LEU A 117 2.39 -2.62 -19.36
N GLU A 118 3.03 -3.62 -19.99
CA GLU A 118 3.71 -4.74 -19.34
C GLU A 118 5.16 -4.87 -19.85
N HIS A 119 6.07 -5.37 -18.99
CA HIS A 119 7.50 -5.54 -19.27
C HIS A 119 7.77 -6.70 -20.27
N HIS A 120 6.89 -7.70 -20.27
CA HIS A 120 6.88 -8.85 -21.20
C HIS A 120 5.43 -9.17 -21.62
N HIS A 121 4.97 -10.43 -21.49
CA HIS A 121 3.65 -10.89 -21.94
C HIS A 121 2.85 -11.54 -20.77
N HIS A 122 2.78 -10.83 -19.64
CA HIS A 122 2.25 -11.33 -18.35
C HIS A 122 2.84 -12.71 -17.95
N HIS A 123 4.16 -12.86 -18.14
CA HIS A 123 4.89 -14.11 -17.94
C HIS A 123 5.14 -14.35 -16.44
N HIS A 124 4.33 -15.23 -15.83
CA HIS A 124 4.25 -15.46 -14.38
C HIS A 124 4.23 -16.96 -14.04
N GLY A 1 3.55 5.79 -10.08
CA GLY A 1 3.51 5.28 -8.69
C GLY A 1 4.34 4.02 -8.51
N GLN A 2 4.46 3.56 -7.27
CA GLN A 2 5.17 2.32 -6.90
C GLN A 2 4.36 1.42 -5.96
N ILE A 3 4.70 0.12 -5.95
CA ILE A 3 4.13 -0.88 -5.03
C ILE A 3 5.26 -1.47 -4.17
N GLN A 4 5.02 -1.60 -2.88
CA GLN A 4 5.87 -2.28 -1.90
C GLN A 4 5.13 -3.42 -1.21
N TYR A 5 5.88 -4.42 -0.78
CA TYR A 5 5.36 -5.66 -0.18
C TYR A 5 6.13 -6.05 1.09
N PHE A 6 5.41 -6.40 2.16
CA PHE A 6 5.99 -6.89 3.42
C PHE A 6 5.18 -8.08 3.96
N ASN A 7 5.85 -9.09 4.50
CA ASN A 7 5.20 -10.33 4.96
C ASN A 7 5.06 -10.32 6.50
N VAL A 8 3.84 -10.46 7.03
CA VAL A 8 3.58 -10.25 8.48
C VAL A 8 4.28 -11.27 9.37
N ASP A 9 4.36 -12.53 8.93
CA ASP A 9 5.01 -13.62 9.68
C ASP A 9 6.55 -13.64 9.56
N GLU A 10 7.14 -12.89 8.62
CA GLU A 10 8.59 -12.85 8.36
C GLU A 10 9.24 -11.50 8.71
N ASN A 11 8.50 -10.40 8.58
CA ASN A 11 8.90 -9.03 8.92
C ASN A 11 7.98 -8.40 9.98
N PRO A 12 7.75 -9.03 11.16
CA PRO A 12 6.72 -8.61 12.12
C PRO A 12 6.90 -7.17 12.61
N GLU A 13 8.13 -6.77 12.92
CA GLU A 13 8.43 -5.43 13.44
C GLU A 13 8.26 -4.33 12.39
N GLN A 14 8.53 -4.63 11.11
CA GLN A 14 8.27 -3.73 9.98
C GLN A 14 6.77 -3.51 9.79
N VAL A 15 5.96 -4.58 9.81
CA VAL A 15 4.51 -4.47 9.69
C VAL A 15 3.91 -3.76 10.91
N ARG A 16 4.38 -4.06 12.13
CA ARG A 16 3.99 -3.30 13.33
C ARG A 16 4.28 -1.81 13.19
N LYS A 17 5.49 -1.42 12.75
CA LYS A 17 5.83 -0.01 12.49
C LYS A 17 4.89 0.62 11.47
N LEU A 18 4.55 -0.06 10.37
CA LEU A 18 3.62 0.46 9.37
C LEU A 18 2.19 0.65 9.91
N ILE A 19 1.61 -0.36 10.55
CA ILE A 19 0.24 -0.28 11.10
C ILE A 19 0.15 0.79 12.21
N GLU A 20 1.14 0.84 13.10
CA GLU A 20 1.20 1.83 14.18
C GLU A 20 1.47 3.26 13.66
N GLN A 21 2.30 3.45 12.62
CA GLN A 21 2.50 4.76 11.99
C GLN A 21 1.30 5.23 11.17
N ALA A 22 0.48 4.31 10.68
CA ALA A 22 -0.83 4.62 10.07
C ALA A 22 -1.91 4.95 11.13
N GLY A 23 -1.59 4.83 12.43
CA GLY A 23 -2.50 5.12 13.55
C GLY A 23 -3.44 3.96 13.94
N LEU A 24 -3.15 2.73 13.51
CA LEU A 24 -3.93 1.52 13.81
C LEU A 24 -3.21 0.64 14.85
N ASP A 25 -3.95 -0.24 15.52
CA ASP A 25 -3.42 -1.23 16.46
C ASP A 25 -3.22 -2.59 15.77
N PRO A 26 -1.98 -3.10 15.59
CA PRO A 26 -1.73 -4.40 14.94
C PRO A 26 -2.29 -5.58 15.76
N ASP A 27 -2.35 -5.43 17.08
CA ASP A 27 -3.01 -6.37 17.99
C ASP A 27 -4.54 -6.46 17.80
N GLU A 28 -5.18 -5.41 17.26
CA GLU A 28 -6.62 -5.39 16.96
C GLU A 28 -6.94 -6.03 15.59
N LEU A 29 -5.99 -5.99 14.63
CA LEU A 29 -6.10 -6.63 13.31
C LEU A 29 -5.81 -8.16 13.37
N ARG A 30 -6.32 -8.82 14.42
CA ARG A 30 -6.01 -10.22 14.80
C ARG A 30 -6.48 -11.27 13.78
N GLU A 31 -7.58 -10.99 13.08
CA GLU A 31 -8.21 -11.91 12.11
C GLU A 31 -7.92 -11.57 10.63
N ALA A 32 -7.14 -10.52 10.35
CA ALA A 32 -6.77 -10.08 9.01
C ALA A 32 -5.59 -10.88 8.42
N GLU A 33 -5.54 -10.99 7.09
CA GLU A 33 -4.46 -11.65 6.34
C GLU A 33 -3.97 -10.85 5.11
N VAL A 34 -4.76 -9.88 4.61
CA VAL A 34 -4.36 -8.93 3.55
C VAL A 34 -4.78 -7.50 3.94
N ILE A 35 -3.81 -6.58 4.03
CA ILE A 35 -4.02 -5.16 4.40
C ILE A 35 -3.25 -4.27 3.42
N ILE A 36 -3.88 -3.21 2.89
CA ILE A 36 -3.22 -2.24 2.01
C ILE A 36 -3.31 -0.80 2.55
N ILE A 37 -2.19 -0.11 2.46
CA ILE A 37 -2.00 1.33 2.72
C ILE A 37 -1.92 2.03 1.36
N ILE A 38 -2.85 2.95 1.07
CA ILE A 38 -2.86 3.78 -0.15
C ILE A 38 -2.52 5.23 0.18
N ILE A 39 -1.50 5.78 -0.51
CA ILE A 39 -1.02 7.15 -0.31
C ILE A 39 -0.85 7.83 -1.66
N SER A 40 -1.57 8.91 -1.95
CA SER A 40 -1.36 9.74 -3.16
C SER A 40 -1.07 11.21 -2.85
N ARG A 41 -0.64 11.98 -3.86
CA ARG A 41 -0.52 13.43 -3.85
C ARG A 41 -1.81 14.15 -4.29
N THR A 42 -2.78 13.43 -4.86
CA THR A 42 -4.14 13.95 -5.17
C THR A 42 -5.23 13.00 -4.64
N PRO A 43 -6.38 13.52 -4.17
CA PRO A 43 -7.46 12.65 -3.67
C PRO A 43 -8.14 11.88 -4.81
N GLU A 44 -8.17 12.45 -6.02
CA GLU A 44 -8.77 11.81 -7.21
C GLU A 44 -7.97 10.58 -7.66
N GLN A 45 -6.64 10.56 -7.51
CA GLN A 45 -5.83 9.37 -7.81
C GLN A 45 -5.84 8.35 -6.66
N LEU A 46 -5.89 8.79 -5.40
CA LEU A 46 -6.02 7.90 -4.24
C LEU A 46 -7.38 7.15 -4.30
N GLU A 47 -8.47 7.82 -4.71
CA GLU A 47 -9.79 7.20 -4.90
C GLU A 47 -9.78 6.02 -5.89
N LYS A 48 -9.14 6.18 -7.05
CA LYS A 48 -9.05 5.10 -8.08
C LYS A 48 -8.34 3.86 -7.55
N LEU A 49 -7.26 4.06 -6.79
CA LEU A 49 -6.45 2.97 -6.24
C LEU A 49 -7.14 2.30 -5.05
N SER A 50 -7.74 3.08 -4.17
CA SER A 50 -8.58 2.65 -3.04
C SER A 50 -9.71 1.72 -3.50
N ARG A 51 -10.44 2.13 -4.54
CA ARG A 51 -11.53 1.33 -5.13
C ARG A 51 -11.01 0.09 -5.87
N GLN A 52 -9.80 0.14 -6.43
CA GLN A 52 -9.12 -1.02 -7.03
C GLN A 52 -8.72 -2.07 -5.99
N VAL A 53 -8.15 -1.68 -4.85
CA VAL A 53 -7.74 -2.63 -3.80
C VAL A 53 -8.93 -3.21 -3.02
N LYS A 54 -10.03 -2.48 -2.92
CA LYS A 54 -11.30 -2.95 -2.34
C LYS A 54 -11.97 -4.04 -3.21
N GLU A 55 -11.78 -4.02 -4.53
CA GLU A 55 -12.19 -5.05 -5.47
C GLU A 55 -11.58 -6.45 -5.18
N LEU A 56 -10.37 -6.50 -4.60
CA LEU A 56 -9.69 -7.74 -4.20
C LEU A 56 -10.19 -8.30 -2.85
N GLY A 57 -10.95 -7.50 -2.10
CA GLY A 57 -11.56 -7.90 -0.81
C GLY A 57 -10.60 -7.82 0.38
N ALA A 58 -9.69 -6.84 0.40
CA ALA A 58 -8.76 -6.59 1.50
C ALA A 58 -9.47 -6.46 2.87
N ASP A 59 -8.88 -7.02 3.93
CA ASP A 59 -9.50 -7.12 5.27
C ASP A 59 -9.55 -5.77 6.00
N ARG A 60 -8.51 -4.96 5.81
CA ARG A 60 -8.34 -3.60 6.35
C ARG A 60 -7.78 -2.71 5.24
N LEU A 61 -8.34 -1.51 5.13
CA LEU A 61 -7.90 -0.46 4.21
C LEU A 61 -7.76 0.87 4.96
N LEU A 62 -6.70 1.61 4.64
CA LEU A 62 -6.48 2.97 5.11
C LEU A 62 -5.87 3.84 4.00
N GLU A 63 -6.35 5.08 3.94
CA GLU A 63 -6.15 6.02 2.84
C GLU A 63 -5.62 7.38 3.34
N PHE A 64 -4.51 7.85 2.75
CA PHE A 64 -3.90 9.16 3.06
C PHE A 64 -3.61 9.95 1.78
N ASN A 65 -3.72 11.28 1.87
CA ASN A 65 -3.28 12.19 0.82
C ASN A 65 -2.24 13.18 1.36
N VAL A 66 -1.11 13.31 0.67
CA VAL A 66 -0.02 14.24 0.98
C VAL A 66 -0.50 15.70 0.99
N ASP A 67 -1.52 16.05 0.20
CA ASP A 67 -2.07 17.41 0.16
C ASP A 67 -2.96 17.76 1.37
N GLU A 68 -3.56 16.78 2.06
CA GLU A 68 -4.24 16.99 3.35
C GLU A 68 -3.30 16.81 4.56
N ASN A 69 -2.54 15.71 4.61
CA ASN A 69 -1.70 15.34 5.75
C ASN A 69 -0.32 14.83 5.30
N PRO A 70 0.63 15.72 4.91
CA PRO A 70 1.97 15.31 4.48
C PRO A 70 2.78 14.69 5.61
N GLU A 71 2.58 15.18 6.84
CA GLU A 71 3.25 14.68 8.05
C GLU A 71 2.80 13.27 8.46
N GLN A 72 1.58 12.85 8.13
CA GLN A 72 1.15 11.44 8.29
C GLN A 72 1.62 10.59 7.11
N ALA A 73 1.34 11.01 5.88
CA ALA A 73 1.66 10.28 4.65
C ALA A 73 3.16 9.95 4.51
N SER A 74 4.04 10.89 4.86
CA SER A 74 5.49 10.69 4.73
C SER A 74 6.08 9.71 5.75
N LYS A 75 5.49 9.55 6.95
CA LYS A 75 5.97 8.57 7.96
C LYS A 75 5.88 7.12 7.44
N LEU A 76 4.81 6.78 6.71
CA LEU A 76 4.65 5.49 6.07
C LEU A 76 5.65 5.29 4.91
N ALA A 77 5.91 6.33 4.12
CA ALA A 77 6.95 6.32 3.09
C ALA A 77 8.36 6.12 3.72
N LYS A 78 8.68 6.85 4.79
CA LYS A 78 9.95 6.73 5.55
C LYS A 78 10.16 5.32 6.08
N THR A 79 9.10 4.68 6.61
CA THR A 79 9.14 3.30 7.12
C THR A 79 9.40 2.27 6.01
N ALA A 80 9.00 2.55 4.76
CA ALA A 80 9.34 1.75 3.58
C ALA A 80 10.69 2.13 2.92
N GLY A 81 11.46 3.05 3.52
CA GLY A 81 12.73 3.54 2.98
C GLY A 81 12.59 4.55 1.83
N ILE A 82 11.39 5.07 1.59
CA ILE A 82 11.06 6.03 0.52
C ILE A 82 11.34 7.45 1.05
N SER A 83 12.19 8.20 0.34
CA SER A 83 12.49 9.61 0.64
C SER A 83 11.29 10.52 0.35
N GLU A 84 11.22 11.69 0.99
CA GLU A 84 10.26 12.75 0.66
C GLU A 84 10.32 13.13 -0.83
N LYS A 85 11.53 13.08 -1.40
CA LYS A 85 11.80 13.33 -2.83
C LYS A 85 11.12 12.29 -3.72
N GLN A 86 11.32 11.01 -3.40
CA GLN A 86 10.71 9.87 -4.12
C GLN A 86 9.18 9.81 -3.93
N LEU A 87 8.67 10.16 -2.75
CA LEU A 87 7.23 10.26 -2.47
C LEU A 87 6.54 11.30 -3.38
N ARG A 88 7.22 12.41 -3.68
CA ARG A 88 6.73 13.47 -4.58
C ARG A 88 6.82 13.03 -6.05
N GLU A 89 7.95 12.45 -6.45
CA GLU A 89 8.24 11.99 -7.82
C GLU A 89 7.31 10.88 -8.29
N ALA A 90 6.98 9.96 -7.38
CA ALA A 90 6.17 8.77 -7.65
C ALA A 90 4.66 9.06 -7.82
N ASP A 91 4.16 10.21 -7.35
CA ASP A 91 2.75 10.63 -7.31
C ASP A 91 1.79 9.76 -6.46
N TYR A 92 1.98 8.43 -6.40
CA TYR A 92 1.32 7.53 -5.46
C TYR A 92 2.18 6.34 -5.03
N ILE A 93 1.91 5.85 -3.82
CA ILE A 93 2.52 4.69 -3.17
C ILE A 93 1.43 3.69 -2.75
N ILE A 94 1.68 2.41 -3.02
CA ILE A 94 0.87 1.29 -2.54
C ILE A 94 1.74 0.42 -1.62
N LEU A 95 1.31 0.20 -0.37
CA LEU A 95 2.03 -0.64 0.60
C LEU A 95 1.15 -1.84 0.99
N ILE A 96 1.55 -3.04 0.59
CA ILE A 96 0.78 -4.27 0.70
C ILE A 96 1.37 -5.19 1.79
N LEU A 97 0.54 -5.57 2.76
CA LEU A 97 0.84 -6.54 3.81
C LEU A 97 0.12 -7.86 3.51
N VAL A 98 0.85 -8.97 3.55
CA VAL A 98 0.32 -10.35 3.34
C VAL A 98 0.95 -11.36 4.30
N ARG A 99 0.33 -12.54 4.47
CA ARG A 99 0.91 -13.66 5.25
C ARG A 99 1.56 -14.77 4.41
N ASP A 100 1.48 -14.69 3.07
CA ASP A 100 2.20 -15.58 2.13
C ASP A 100 2.49 -14.86 0.80
N GLU A 101 3.63 -15.14 0.17
CA GLU A 101 4.06 -14.54 -1.10
C GLU A 101 3.08 -14.81 -2.27
N LYS A 102 2.33 -15.92 -2.26
CA LYS A 102 1.34 -16.22 -3.32
C LYS A 102 0.20 -15.19 -3.34
N LYS A 103 -0.18 -14.67 -2.16
CA LYS A 103 -1.22 -13.64 -2.01
C LYS A 103 -0.77 -12.33 -2.67
N ALA A 104 0.50 -11.95 -2.47
CA ALA A 104 1.05 -10.72 -3.03
C ALA A 104 1.06 -10.70 -4.56
N LYS A 105 1.53 -11.76 -5.22
CA LYS A 105 1.51 -11.80 -6.70
C LYS A 105 0.09 -12.00 -7.24
N LYS A 106 -0.79 -12.76 -6.57
CA LYS A 106 -2.19 -12.92 -7.03
C LYS A 106 -2.97 -11.60 -6.96
N PHE A 107 -2.69 -10.79 -5.94
CA PHE A 107 -3.21 -9.44 -5.77
C PHE A 107 -2.64 -8.49 -6.82
N ALA A 108 -1.31 -8.46 -6.96
CA ALA A 108 -0.61 -7.60 -7.92
C ALA A 108 -0.95 -7.93 -9.38
N ASP A 109 -1.25 -9.19 -9.71
CA ASP A 109 -1.63 -9.58 -11.08
C ASP A 109 -2.99 -9.01 -11.50
N SER A 110 -3.90 -8.79 -10.53
CA SER A 110 -5.13 -8.03 -10.78
C SER A 110 -4.83 -6.54 -10.95
N LEU A 111 -4.07 -5.93 -10.03
CA LEU A 111 -3.81 -4.48 -10.01
C LEU A 111 -2.97 -4.02 -11.21
N ARG A 112 -1.99 -4.82 -11.67
CA ARG A 112 -1.16 -4.55 -12.86
C ARG A 112 -1.97 -4.61 -14.16
N LYS A 113 -3.01 -5.45 -14.22
CA LYS A 113 -3.87 -5.70 -15.39
C LYS A 113 -4.85 -4.55 -15.66
N LYS A 114 -5.20 -3.75 -14.63
CA LYS A 114 -5.96 -2.49 -14.77
C LYS A 114 -5.17 -1.37 -15.49
N GLY A 115 -3.83 -1.42 -15.50
CA GLY A 115 -2.97 -0.39 -16.09
C GLY A 115 -3.10 -0.24 -17.61
N SER A 116 -2.94 0.98 -18.12
CA SER A 116 -3.22 1.37 -19.52
C SER A 116 -2.00 1.83 -20.34
N LEU A 117 -0.85 2.08 -19.70
CA LEU A 117 0.37 2.60 -20.33
C LEU A 117 1.46 1.51 -20.46
N GLU A 118 2.32 1.66 -21.47
CA GLU A 118 3.47 0.79 -21.75
C GLU A 118 4.71 1.62 -22.13
N HIS A 119 5.86 1.36 -21.47
CA HIS A 119 7.12 2.08 -21.68
C HIS A 119 8.35 1.15 -21.85
N HIS A 120 8.34 -0.01 -21.20
CA HIS A 120 9.40 -1.04 -21.23
C HIS A 120 8.92 -2.40 -21.79
N HIS A 121 7.85 -2.36 -22.59
CA HIS A 121 7.06 -3.50 -23.09
C HIS A 121 6.38 -4.34 -21.98
N HIS A 122 5.48 -5.26 -22.37
CA HIS A 122 4.70 -6.08 -21.43
C HIS A 122 5.50 -7.25 -20.84
N HIS A 123 4.98 -7.84 -19.77
CA HIS A 123 5.54 -9.02 -19.09
C HIS A 123 4.44 -10.06 -18.76
N HIS A 124 4.71 -11.33 -19.04
CA HIS A 124 3.79 -12.47 -18.86
C HIS A 124 4.54 -13.76 -18.50
#